data_1J8K
#
_entry.id   1J8K
#
_entity_poly.entity_id   1
_entity_poly.type   'polypeptide(L)'
_entity_poly.pdbx_seq_one_letter_code
;NIDRPKGLAFTDVDVDSIKIAWESPQGQVSRYRVTYSSPEDGIHELFPAPDGEEDTAELQGLRPGSEYTVSVVALHDDME
SQPLIGTQSTAIPA
;
_entity_poly.pdbx_strand_id   A
#
# COMPACT_ATOMS: atom_id res chain seq x y z
N ASN A 1 7.05 17.07 11.93
CA ASN A 1 6.01 17.12 10.85
C ASN A 1 6.29 16.06 9.79
N ILE A 2 5.29 15.65 9.05
CA ILE A 2 5.50 14.61 8.00
C ILE A 2 6.31 15.21 6.83
N ASP A 3 6.61 14.43 5.83
CA ASP A 3 7.40 14.97 4.68
C ASP A 3 6.83 14.47 3.34
N ARG A 4 5.74 13.74 3.37
CA ARG A 4 5.15 13.25 2.10
C ARG A 4 6.14 12.31 1.38
N PRO A 5 5.61 11.21 0.92
CA PRO A 5 6.43 10.21 0.20
C PRO A 5 6.66 10.65 -1.25
N LYS A 6 7.18 9.79 -2.08
CA LYS A 6 7.41 10.17 -3.51
C LYS A 6 6.89 9.09 -4.45
N GLY A 7 7.59 7.99 -4.55
CA GLY A 7 7.13 6.90 -5.45
C GLY A 7 7.32 5.55 -4.78
N LEU A 8 6.39 4.65 -4.93
CA LEU A 8 6.52 3.31 -4.28
C LEU A 8 7.04 2.27 -5.30
N ALA A 9 7.47 1.14 -4.84
CA ALA A 9 7.98 0.09 -5.76
C ALA A 9 7.27 -1.24 -5.51
N PHE A 10 7.57 -2.24 -6.28
CA PHE A 10 6.91 -3.57 -6.08
C PHE A 10 7.96 -4.68 -6.06
N THR A 11 7.79 -5.64 -5.19
CA THR A 11 8.78 -6.76 -5.12
C THR A 11 8.23 -7.99 -5.86
N ASP A 12 7.26 -8.65 -5.29
CA ASP A 12 6.69 -9.85 -5.98
C ASP A 12 5.17 -9.70 -6.08
N VAL A 13 4.67 -9.53 -7.28
CA VAL A 13 3.18 -9.37 -7.44
C VAL A 13 2.57 -10.63 -8.04
N ASP A 14 1.47 -11.08 -7.51
CA ASP A 14 0.83 -12.30 -8.06
C ASP A 14 -0.69 -12.21 -7.94
N VAL A 15 -1.41 -12.84 -8.82
CA VAL A 15 -2.89 -12.78 -8.77
C VAL A 15 -3.39 -13.02 -7.33
N ASP A 16 -2.64 -13.72 -6.54
CA ASP A 16 -3.08 -13.98 -5.14
C ASP A 16 -1.92 -13.74 -4.16
N SER A 17 -1.19 -12.67 -4.34
CA SER A 17 -0.04 -12.37 -3.43
C SER A 17 0.81 -11.26 -4.02
N ILE A 18 0.93 -10.16 -3.35
CA ILE A 18 1.74 -9.03 -3.91
C ILE A 18 2.55 -8.34 -2.80
N LYS A 19 3.79 -8.05 -3.08
CA LYS A 19 4.63 -7.35 -2.06
C LYS A 19 4.97 -5.94 -2.57
N ILE A 20 4.68 -4.94 -1.81
CA ILE A 20 4.99 -3.55 -2.26
C ILE A 20 5.87 -2.81 -1.25
N ALA A 21 6.62 -1.85 -1.72
CA ALA A 21 7.51 -1.08 -0.80
C ALA A 21 7.48 0.40 -1.17
N TRP A 22 7.02 1.24 -0.28
CA TRP A 22 6.96 2.70 -0.60
C TRP A 22 8.16 3.42 0.02
N GLU A 23 8.35 4.67 -0.33
CA GLU A 23 9.50 5.44 0.25
C GLU A 23 9.09 6.12 1.55
N SER A 24 9.90 6.00 2.57
CA SER A 24 9.55 6.66 3.86
C SER A 24 9.49 8.18 3.65
N PRO A 25 8.61 8.81 4.38
CA PRO A 25 8.46 10.28 4.26
C PRO A 25 9.51 11.01 5.09
N GLN A 26 10.71 10.50 5.12
CA GLN A 26 11.81 11.18 5.89
C GLN A 26 11.29 11.81 7.19
N GLY A 27 10.24 11.29 7.75
CA GLY A 27 9.70 11.88 9.01
C GLY A 27 9.26 10.77 9.97
N GLN A 28 9.76 9.58 9.77
CA GLN A 28 9.38 8.46 10.69
C GLN A 28 7.87 8.52 10.99
N VAL A 29 7.07 7.84 10.21
CA VAL A 29 5.59 7.87 10.46
C VAL A 29 5.21 6.95 11.62
N SER A 30 4.08 7.20 12.23
CA SER A 30 3.64 6.33 13.36
C SER A 30 2.55 5.36 12.87
N ARG A 31 1.94 5.66 11.77
CA ARG A 31 0.88 4.76 11.23
C ARG A 31 0.76 4.92 9.71
N TYR A 32 0.32 3.90 9.03
CA TYR A 32 0.20 4.00 7.55
C TYR A 32 -1.18 3.52 7.09
N ARG A 33 -1.91 4.37 6.41
CA ARG A 33 -3.27 3.96 5.93
C ARG A 33 -3.16 3.45 4.50
N VAL A 34 -3.08 2.15 4.32
CA VAL A 34 -2.98 1.60 2.94
C VAL A 34 -4.31 1.05 2.48
N THR A 35 -4.93 1.66 1.51
CA THR A 35 -6.24 1.18 1.01
C THR A 35 -6.12 0.69 -0.43
N TYR A 36 -6.83 -0.35 -0.78
CA TYR A 36 -6.76 -0.86 -2.19
C TYR A 36 -8.16 -1.08 -2.73
N SER A 37 -8.45 -0.53 -3.88
CA SER A 37 -9.81 -0.68 -4.47
C SER A 37 -9.76 -1.47 -5.78
N SER A 38 -10.87 -2.02 -6.19
CA SER A 38 -10.90 -2.80 -7.46
C SER A 38 -12.31 -2.69 -8.10
N PRO A 39 -12.32 -2.63 -9.40
CA PRO A 39 -13.60 -2.54 -10.13
C PRO A 39 -14.37 -3.86 -10.06
N GLU A 40 -14.73 -4.28 -8.89
CA GLU A 40 -15.49 -5.56 -8.75
C GLU A 40 -15.64 -5.95 -7.27
N ASP A 41 -14.55 -6.28 -6.62
CA ASP A 41 -14.63 -6.67 -5.18
C ASP A 41 -14.90 -5.44 -4.31
N GLY A 42 -14.29 -4.33 -4.64
CA GLY A 42 -14.51 -3.09 -3.84
C GLY A 42 -13.16 -2.63 -3.26
N ILE A 43 -13.19 -1.92 -2.17
CA ILE A 43 -11.92 -1.43 -1.56
C ILE A 43 -11.81 -1.89 -0.10
N HIS A 44 -10.62 -1.86 0.45
CA HIS A 44 -10.44 -2.28 1.87
C HIS A 44 -9.44 -1.35 2.56
N GLU A 45 -9.47 -1.30 3.87
CA GLU A 45 -8.52 -0.41 4.60
C GLU A 45 -7.47 -1.23 5.35
N LEU A 46 -6.21 -0.92 5.16
CA LEU A 46 -5.14 -1.68 5.87
C LEU A 46 -4.52 -0.81 6.96
N PHE A 47 -4.26 -1.37 8.11
CA PHE A 47 -3.66 -0.56 9.23
C PHE A 47 -2.44 -1.27 9.83
N PRO A 48 -1.40 -1.37 9.04
CA PRO A 48 -0.17 -2.02 9.50
C PRO A 48 0.78 -1.01 10.15
N ALA A 49 0.43 -0.50 11.28
CA ALA A 49 1.31 0.48 11.97
C ALA A 49 2.78 0.05 11.88
N PRO A 50 3.49 0.68 10.99
CA PRO A 50 4.93 0.36 10.79
C PRO A 50 5.77 0.95 11.93
N ASP A 51 7.05 0.80 11.88
CA ASP A 51 7.93 1.35 12.96
C ASP A 51 9.06 2.17 12.36
N GLY A 52 9.58 1.76 11.23
CA GLY A 52 10.69 2.52 10.59
C GLY A 52 11.56 1.56 9.78
N GLU A 53 11.61 0.31 10.17
CA GLU A 53 12.43 -0.68 9.42
C GLU A 53 11.57 -1.38 8.37
N GLU A 54 10.28 -1.41 8.57
CA GLU A 54 9.39 -2.09 7.59
C GLU A 54 8.69 -1.05 6.71
N ASP A 55 9.26 -0.71 5.60
CA ASP A 55 8.62 0.30 4.70
C ASP A 55 7.91 -0.39 3.54
N THR A 56 7.39 -1.58 3.76
CA THR A 56 6.68 -2.31 2.67
C THR A 56 5.42 -2.98 3.21
N ALA A 57 4.67 -3.63 2.35
CA ALA A 57 3.42 -4.31 2.83
C ALA A 57 3.28 -5.69 2.18
N GLU A 58 2.46 -6.54 2.74
CA GLU A 58 2.28 -7.91 2.16
C GLU A 58 0.80 -8.17 1.87
N LEU A 59 0.36 -7.87 0.68
CA LEU A 59 -1.07 -8.12 0.32
C LEU A 59 -1.25 -9.59 -0.02
N GLN A 60 -1.21 -10.43 0.97
CA GLN A 60 -1.37 -11.89 0.71
C GLN A 60 -2.80 -12.32 0.97
N GLY A 61 -3.49 -12.78 -0.04
CA GLY A 61 -4.90 -13.23 0.15
C GLY A 61 -5.82 -12.44 -0.78
N LEU A 62 -5.53 -12.45 -2.05
CA LEU A 62 -6.39 -11.70 -3.02
C LEU A 62 -7.26 -12.67 -3.83
N ARG A 63 -7.23 -12.60 -5.13
CA ARG A 63 -8.07 -13.52 -5.95
C ARG A 63 -8.03 -13.14 -7.44
N PRO A 64 -8.37 -11.92 -7.72
CA PRO A 64 -8.38 -11.43 -9.12
C PRO A 64 -6.97 -11.29 -9.67
N GLY A 65 -6.84 -11.12 -10.97
CA GLY A 65 -5.50 -10.97 -11.59
C GLY A 65 -5.51 -9.73 -12.49
N SER A 66 -5.89 -8.61 -11.95
CA SER A 66 -5.95 -7.38 -12.79
C SER A 66 -5.25 -6.20 -12.10
N GLU A 67 -5.38 -5.02 -12.65
CA GLU A 67 -4.72 -3.82 -12.04
C GLU A 67 -5.43 -3.42 -10.75
N TYR A 68 -4.78 -3.58 -9.63
CA TYR A 68 -5.41 -3.20 -8.34
C TYR A 68 -5.02 -1.75 -7.98
N THR A 69 -5.99 -0.90 -7.80
CA THR A 69 -5.66 0.51 -7.44
C THR A 69 -5.40 0.64 -5.94
N VAL A 70 -4.15 0.61 -5.54
CA VAL A 70 -3.85 0.72 -4.09
C VAL A 70 -3.41 2.14 -3.75
N SER A 71 -3.68 2.57 -2.55
CA SER A 71 -3.29 3.96 -2.15
C SER A 71 -2.53 3.94 -0.83
N VAL A 72 -1.25 4.21 -0.85
CA VAL A 72 -0.47 4.21 0.42
C VAL A 72 -0.43 5.62 1.00
N VAL A 73 -0.89 5.79 2.20
CA VAL A 73 -0.90 7.14 2.82
C VAL A 73 -0.21 7.11 4.18
N ALA A 74 0.80 7.92 4.35
CA ALA A 74 1.51 7.95 5.66
C ALA A 74 0.63 8.66 6.69
N LEU A 75 0.93 8.55 7.95
CA LEU A 75 0.07 9.24 8.96
C LEU A 75 0.92 9.91 10.05
N HIS A 76 0.29 10.58 10.96
CA HIS A 76 1.03 11.28 12.04
C HIS A 76 0.03 11.92 13.01
N ASP A 77 -0.39 11.20 14.03
CA ASP A 77 -1.38 11.76 15.01
C ASP A 77 -2.73 12.03 14.31
N ASP A 78 -2.73 12.85 13.30
CA ASP A 78 -4.00 13.14 12.58
C ASP A 78 -3.72 14.01 11.34
N MET A 79 -3.01 13.47 10.38
CA MET A 79 -2.69 14.27 9.15
C MET A 79 -3.09 13.49 7.90
N GLU A 80 -3.05 14.15 6.76
CA GLU A 80 -3.40 13.46 5.49
C GLU A 80 -2.34 13.77 4.42
N SER A 81 -1.15 13.28 4.59
CA SER A 81 -0.08 13.56 3.60
C SER A 81 -0.52 13.13 2.20
N GLN A 82 0.12 13.66 1.18
CA GLN A 82 -0.27 13.28 -0.22
C GLN A 82 -0.47 11.77 -0.30
N PRO A 83 -1.62 11.40 -0.78
CA PRO A 83 -1.95 9.96 -0.93
C PRO A 83 -1.11 9.34 -2.06
N LEU A 84 -0.26 8.41 -1.73
CA LEU A 84 0.59 7.76 -2.78
C LEU A 84 -0.20 6.63 -3.46
N ILE A 85 -0.43 6.75 -4.74
CA ILE A 85 -1.19 5.69 -5.46
C ILE A 85 -0.26 4.57 -5.91
N GLY A 86 -0.77 3.38 -6.04
CA GLY A 86 0.08 2.24 -6.48
C GLY A 86 -0.74 1.32 -7.39
N THR A 87 -0.84 1.67 -8.65
CA THR A 87 -1.63 0.81 -9.58
C THR A 87 -0.75 -0.33 -10.12
N GLN A 88 -0.93 -1.51 -9.61
CA GLN A 88 -0.12 -2.67 -10.08
C GLN A 88 -1.03 -3.73 -10.69
N SER A 89 -0.52 -4.52 -11.58
CA SER A 89 -1.36 -5.58 -12.21
C SER A 89 -1.18 -6.91 -11.47
N THR A 90 -2.21 -7.36 -10.80
CA THR A 90 -2.10 -8.65 -10.07
C THR A 90 -1.77 -9.79 -11.05
N ALA A 91 -0.55 -10.24 -11.04
CA ALA A 91 -0.12 -11.32 -11.98
C ALA A 91 -1.15 -12.44 -12.07
N ILE A 92 -1.92 -12.46 -13.12
CA ILE A 92 -2.92 -13.53 -13.30
C ILE A 92 -2.24 -14.91 -13.24
N PRO A 93 -3.04 -15.93 -13.13
CA PRO A 93 -2.49 -17.31 -13.06
C PRO A 93 -1.98 -17.75 -14.44
N ALA A 94 -0.78 -17.39 -14.78
CA ALA A 94 -0.23 -17.79 -16.12
C ALA A 94 0.51 -19.13 -16.01
N ASN A 1 9.04 15.08 10.88
CA ASN A 1 7.59 14.92 10.58
C ASN A 1 7.41 14.15 9.26
N ILE A 2 6.21 13.72 8.98
CA ILE A 2 5.96 12.97 7.70
C ILE A 2 6.29 13.86 6.49
N ASP A 3 6.52 13.26 5.36
CA ASP A 3 6.82 14.07 4.16
C ASP A 3 6.34 13.38 2.90
N ARG A 4 5.05 13.39 2.72
CA ARG A 4 4.39 12.75 1.50
C ARG A 4 5.40 12.07 0.56
N PRO A 5 5.55 10.79 0.75
CA PRO A 5 6.48 10.00 -0.08
C PRO A 5 5.89 9.79 -1.48
N LYS A 6 6.61 9.12 -2.35
CA LYS A 6 6.07 8.88 -3.73
C LYS A 6 7.05 7.99 -4.52
N GLY A 7 6.55 7.27 -5.49
CA GLY A 7 7.44 6.39 -6.29
C GLY A 7 7.53 5.02 -5.62
N LEU A 8 6.43 4.48 -5.19
CA LEU A 8 6.45 3.15 -4.52
C LEU A 8 7.18 2.12 -5.41
N ALA A 9 7.73 1.10 -4.82
CA ALA A 9 8.44 0.07 -5.62
C ALA A 9 7.68 -1.26 -5.58
N PHE A 10 8.00 -2.18 -6.45
CA PHE A 10 7.29 -3.49 -6.47
C PHE A 10 8.29 -4.64 -6.29
N THR A 11 8.00 -5.56 -5.41
CA THR A 11 8.92 -6.70 -5.18
C THR A 11 8.38 -7.95 -5.87
N ASP A 12 7.16 -8.31 -5.60
CA ASP A 12 6.57 -9.53 -6.24
C ASP A 12 5.04 -9.41 -6.26
N VAL A 13 4.47 -9.25 -7.44
CA VAL A 13 3.00 -9.13 -7.52
C VAL A 13 2.37 -10.47 -7.92
N ASP A 14 1.65 -11.09 -7.02
CA ASP A 14 1.00 -12.38 -7.34
C ASP A 14 -0.51 -12.20 -7.45
N VAL A 15 -1.16 -12.98 -8.26
CA VAL A 15 -2.63 -12.86 -8.41
C VAL A 15 -3.29 -12.64 -7.04
N ASP A 16 -2.75 -13.24 -6.02
CA ASP A 16 -3.33 -13.06 -4.66
C ASP A 16 -2.21 -12.80 -3.65
N SER A 17 -1.31 -11.92 -3.97
CA SER A 17 -0.19 -11.62 -3.04
C SER A 17 0.77 -10.62 -3.68
N ILE A 18 0.78 -9.41 -3.20
CA ILE A 18 1.69 -8.38 -3.80
C ILE A 18 2.56 -7.71 -2.72
N LYS A 19 3.84 -7.70 -2.92
CA LYS A 19 4.74 -7.04 -1.92
C LYS A 19 5.17 -5.67 -2.46
N ILE A 20 4.97 -4.62 -1.72
CA ILE A 20 5.37 -3.27 -2.23
C ILE A 20 6.05 -2.44 -1.14
N ALA A 21 6.90 -1.54 -1.53
CA ALA A 21 7.61 -0.69 -0.53
C ALA A 21 7.49 0.79 -0.95
N TRP A 22 7.15 1.65 -0.04
CA TRP A 22 7.01 3.10 -0.40
C TRP A 22 8.21 3.89 0.12
N GLU A 23 8.56 4.94 -0.56
CA GLU A 23 9.73 5.76 -0.10
C GLU A 23 9.60 6.03 1.40
N SER A 24 10.70 6.06 2.10
CA SER A 24 10.64 6.31 3.57
C SER A 24 10.65 7.81 3.85
N PRO A 25 9.80 8.22 4.75
CA PRO A 25 9.70 9.65 5.12
C PRO A 25 10.91 10.06 5.97
N GLN A 26 10.81 11.18 6.64
CA GLN A 26 11.94 11.64 7.49
C GLN A 26 11.52 11.72 8.97
N GLY A 27 10.39 11.17 9.30
CA GLY A 27 9.94 11.21 10.72
C GLY A 27 9.55 9.81 11.19
N GLN A 28 9.87 8.80 10.43
CA GLN A 28 9.51 7.42 10.84
C GLN A 28 8.00 7.33 11.10
N VAL A 29 7.28 6.74 10.20
CA VAL A 29 5.80 6.62 10.38
C VAL A 29 5.46 5.58 11.44
N SER A 30 4.77 5.98 12.48
CA SER A 30 4.39 5.02 13.55
C SER A 30 3.08 4.32 13.16
N ARG A 31 2.48 4.73 12.08
CA ARG A 31 1.20 4.10 11.64
C ARG A 31 0.85 4.59 10.23
N TYR A 32 0.14 3.79 9.48
CA TYR A 32 -0.23 4.20 8.11
C TYR A 32 -1.45 3.42 7.62
N ARG A 33 -2.17 3.95 6.68
CA ARG A 33 -3.37 3.23 6.17
C ARG A 33 -3.15 2.84 4.71
N VAL A 34 -2.98 1.57 4.45
CA VAL A 34 -2.77 1.13 3.05
C VAL A 34 -4.11 0.74 2.42
N THR A 35 -4.74 1.64 1.75
CA THR A 35 -6.06 1.31 1.12
C THR A 35 -5.85 0.77 -0.30
N TYR A 36 -6.60 -0.22 -0.68
CA TYR A 36 -6.46 -0.79 -2.05
C TYR A 36 -7.83 -1.13 -2.62
N SER A 37 -7.99 -1.13 -3.90
CA SER A 37 -9.32 -1.44 -4.48
C SER A 37 -9.20 -2.30 -5.74
N SER A 38 -10.31 -2.79 -6.22
CA SER A 38 -10.30 -3.65 -7.43
C SER A 38 -11.55 -3.37 -8.28
N PRO A 39 -11.53 -3.90 -9.48
CA PRO A 39 -12.68 -3.71 -10.39
C PRO A 39 -13.75 -4.77 -10.12
N GLU A 40 -13.95 -5.15 -8.89
CA GLU A 40 -14.97 -6.19 -8.58
C GLU A 40 -15.51 -5.97 -7.15
N ASP A 41 -14.73 -6.28 -6.16
CA ASP A 41 -15.21 -6.07 -4.76
C ASP A 41 -15.27 -4.57 -4.46
N GLY A 42 -14.25 -3.85 -4.83
CA GLY A 42 -14.24 -2.39 -4.58
C GLY A 42 -12.96 -1.98 -3.86
N ILE A 43 -13.07 -1.19 -2.82
CA ILE A 43 -11.84 -0.75 -2.08
C ILE A 43 -11.81 -1.30 -0.66
N HIS A 44 -10.63 -1.37 -0.09
CA HIS A 44 -10.50 -1.88 1.31
C HIS A 44 -9.50 -1.00 2.08
N GLU A 45 -9.31 -1.25 3.34
CA GLU A 45 -8.35 -0.41 4.12
C GLU A 45 -7.62 -1.24 5.19
N LEU A 46 -6.31 -1.31 5.11
CA LEU A 46 -5.55 -2.10 6.12
C LEU A 46 -4.89 -1.14 7.11
N PHE A 47 -5.01 -1.41 8.39
CA PHE A 47 -4.40 -0.49 9.40
C PHE A 47 -3.59 -1.30 10.44
N PRO A 48 -2.63 -2.03 9.96
CA PRO A 48 -1.78 -2.84 10.84
C PRO A 48 -0.64 -1.98 11.40
N ALA A 49 -0.86 -1.34 12.51
CA ALA A 49 0.21 -0.48 13.10
C ALA A 49 1.56 -1.20 13.01
N PRO A 50 2.49 -0.54 12.36
CA PRO A 50 3.85 -1.11 12.19
C PRO A 50 4.62 -1.03 13.50
N ASP A 51 5.91 -1.20 13.43
CA ASP A 51 6.75 -1.15 14.65
C ASP A 51 7.72 0.04 14.59
N GLY A 52 7.96 0.56 13.43
CA GLY A 52 8.90 1.72 13.30
C GLY A 52 10.17 1.27 12.58
N GLU A 53 10.07 0.27 11.75
CA GLU A 53 11.29 -0.20 11.02
C GLU A 53 10.91 -0.70 9.61
N GLU A 54 9.75 -1.25 9.45
CA GLU A 54 9.34 -1.76 8.10
C GLU A 54 8.70 -0.64 7.29
N ASP A 55 9.20 -0.40 6.11
CA ASP A 55 8.63 0.67 5.25
C ASP A 55 7.87 0.05 4.07
N THR A 56 7.58 -1.22 4.15
CA THR A 56 6.85 -1.89 3.05
C THR A 56 5.58 -2.56 3.59
N ALA A 57 4.73 -3.04 2.71
CA ALA A 57 3.47 -3.70 3.19
C ALA A 57 3.23 -5.01 2.43
N GLU A 58 2.59 -5.96 3.06
CA GLU A 58 2.31 -7.27 2.40
C GLU A 58 0.83 -7.37 2.05
N LEU A 59 0.44 -6.91 0.89
CA LEU A 59 -0.99 -6.98 0.49
C LEU A 59 -1.28 -8.38 -0.04
N GLN A 60 -1.58 -9.29 0.84
CA GLN A 60 -1.86 -10.68 0.39
C GLN A 60 -3.34 -11.01 0.55
N GLY A 61 -3.95 -11.55 -0.48
CA GLY A 61 -5.40 -11.90 -0.40
C GLY A 61 -6.22 -10.89 -1.22
N LEU A 62 -6.04 -10.89 -2.51
CA LEU A 62 -6.80 -9.92 -3.36
C LEU A 62 -7.56 -10.65 -4.47
N ARG A 63 -8.11 -9.92 -5.40
CA ARG A 63 -8.85 -10.57 -6.52
C ARG A 63 -7.87 -10.99 -7.61
N PRO A 64 -8.07 -12.19 -8.08
CA PRO A 64 -7.18 -12.76 -9.12
C PRO A 64 -7.53 -12.21 -10.52
N GLY A 65 -6.53 -11.75 -11.24
CA GLY A 65 -6.79 -11.22 -12.62
C GLY A 65 -7.50 -9.88 -12.53
N SER A 66 -6.82 -8.86 -12.09
CA SER A 66 -7.48 -7.53 -12.00
C SER A 66 -6.45 -6.43 -11.68
N GLU A 67 -6.53 -5.32 -12.36
CA GLU A 67 -5.57 -4.21 -12.10
C GLU A 67 -5.83 -3.63 -10.69
N TYR A 68 -5.04 -4.02 -9.73
CA TYR A 68 -5.28 -3.52 -8.34
C TYR A 68 -4.69 -2.11 -8.15
N THR A 69 -5.50 -1.21 -7.64
CA THR A 69 -5.00 0.18 -7.40
C THR A 69 -4.84 0.40 -5.90
N VAL A 70 -3.63 0.33 -5.41
CA VAL A 70 -3.41 0.53 -3.94
C VAL A 70 -3.04 1.96 -3.61
N SER A 71 -3.53 2.46 -2.51
CA SER A 71 -3.21 3.87 -2.10
C SER A 71 -2.44 3.85 -0.78
N VAL A 72 -1.14 3.92 -0.84
CA VAL A 72 -0.32 3.90 0.41
C VAL A 72 -0.39 5.25 1.14
N VAL A 73 -0.88 5.25 2.36
CA VAL A 73 -0.96 6.53 3.12
C VAL A 73 -0.27 6.39 4.48
N ALA A 74 0.68 7.23 4.76
CA ALA A 74 1.39 7.16 6.08
C ALA A 74 0.66 8.03 7.10
N LEU A 75 0.86 7.79 8.36
CA LEU A 75 0.18 8.62 9.39
C LEU A 75 1.17 9.12 10.44
N HIS A 76 0.68 9.84 11.41
CA HIS A 76 1.55 10.36 12.49
C HIS A 76 0.71 10.52 13.76
N ASP A 77 1.10 11.39 14.65
CA ASP A 77 0.30 11.56 15.88
C ASP A 77 -1.19 11.69 15.52
N ASP A 78 -1.46 12.27 14.37
CA ASP A 78 -2.88 12.43 13.92
C ASP A 78 -2.90 13.21 12.60
N MET A 79 -2.33 12.67 11.56
CA MET A 79 -2.31 13.39 10.25
C MET A 79 -2.89 12.54 9.12
N GLU A 80 -2.74 12.99 7.90
CA GLU A 80 -3.26 12.21 6.73
C GLU A 80 -2.42 12.52 5.49
N SER A 81 -1.15 12.21 5.53
CA SER A 81 -0.25 12.49 4.37
C SER A 81 -0.93 12.07 3.05
N GLN A 82 -0.72 12.82 2.00
CA GLN A 82 -1.34 12.48 0.70
C GLN A 82 -1.19 10.98 0.41
N PRO A 83 -2.23 10.42 -0.12
CA PRO A 83 -2.23 8.97 -0.44
C PRO A 83 -1.37 8.68 -1.67
N LEU A 84 -0.58 7.64 -1.62
CA LEU A 84 0.27 7.29 -2.80
C LEU A 84 -0.39 6.16 -3.59
N ILE A 85 -0.77 6.42 -4.81
CA ILE A 85 -1.43 5.36 -5.63
C ILE A 85 -0.38 4.45 -6.29
N GLY A 86 -0.76 3.23 -6.57
CA GLY A 86 0.18 2.28 -7.22
C GLY A 86 -0.62 1.18 -7.90
N THR A 87 -0.98 1.36 -9.14
CA THR A 87 -1.77 0.32 -9.86
C THR A 87 -0.85 -0.78 -10.39
N GLN A 88 -1.41 -1.89 -10.76
CA GLN A 88 -0.58 -3.00 -11.29
C GLN A 88 -1.47 -4.20 -11.64
N SER A 89 -1.20 -4.86 -12.73
CA SER A 89 -2.05 -6.03 -13.12
C SER A 89 -1.68 -7.25 -12.27
N THR A 90 -2.62 -7.78 -11.54
CA THR A 90 -2.32 -8.97 -10.68
C THR A 90 -2.31 -10.24 -11.53
N ALA A 91 -1.24 -11.01 -11.44
CA ALA A 91 -1.18 -12.27 -12.25
C ALA A 91 -2.43 -13.11 -11.98
N ILE A 92 -2.55 -14.25 -12.60
CA ILE A 92 -3.75 -15.09 -12.37
C ILE A 92 -3.42 -16.57 -12.03
N PRO A 93 -2.18 -16.86 -11.62
CA PRO A 93 -1.84 -18.27 -11.27
C PRO A 93 -2.54 -18.67 -9.97
N ALA A 94 -3.83 -18.59 -9.95
CA ALA A 94 -4.58 -18.97 -8.71
C ALA A 94 -5.15 -20.39 -8.85
N ASN A 1 5.72 16.22 11.35
CA ASN A 1 4.33 16.00 10.84
C ASN A 1 4.37 15.18 9.55
N ILE A 2 3.26 15.08 8.87
CA ILE A 2 3.23 14.30 7.60
C ILE A 2 4.16 14.93 6.56
N ASP A 3 4.88 14.13 5.83
CA ASP A 3 5.80 14.68 4.80
C ASP A 3 5.42 14.16 3.41
N ARG A 4 4.51 13.24 3.34
CA ARG A 4 4.10 12.68 2.01
C ARG A 4 5.28 11.97 1.35
N PRO A 5 5.10 10.70 1.09
CA PRO A 5 6.17 9.89 0.46
C PRO A 5 6.30 10.26 -1.03
N LYS A 6 6.87 9.40 -1.82
CA LYS A 6 7.02 9.72 -3.27
C LYS A 6 7.68 8.53 -4.02
N GLY A 7 7.28 8.31 -5.23
CA GLY A 7 7.87 7.19 -6.02
C GLY A 7 7.65 5.85 -5.31
N LEU A 8 6.53 5.23 -5.53
CA LEU A 8 6.25 3.92 -4.88
C LEU A 8 7.08 2.82 -5.59
N ALA A 9 7.23 1.68 -4.96
CA ALA A 9 8.03 0.59 -5.61
C ALA A 9 7.37 -0.76 -5.36
N PHE A 10 7.59 -1.71 -6.22
CA PHE A 10 6.99 -3.06 -6.05
C PHE A 10 8.10 -4.12 -6.02
N THR A 11 8.02 -5.04 -5.10
CA THR A 11 9.06 -6.10 -5.02
C THR A 11 8.60 -7.36 -5.74
N ASP A 12 7.74 -8.13 -5.13
CA ASP A 12 7.25 -9.37 -5.79
C ASP A 12 5.72 -9.33 -5.93
N VAL A 13 5.22 -9.67 -7.09
CA VAL A 13 3.75 -9.65 -7.29
C VAL A 13 3.22 -11.07 -7.49
N ASP A 14 1.95 -11.29 -7.28
CA ASP A 14 1.38 -12.65 -7.47
C ASP A 14 -0.13 -12.56 -7.66
N VAL A 15 -0.68 -13.40 -8.48
CA VAL A 15 -2.15 -13.37 -8.71
C VAL A 15 -2.89 -13.27 -7.38
N ASP A 16 -2.31 -13.79 -6.33
CA ASP A 16 -2.99 -13.73 -5.00
C ASP A 16 -1.97 -13.32 -3.92
N SER A 17 -1.02 -12.51 -4.28
CA SER A 17 0.00 -12.08 -3.29
C SER A 17 0.90 -10.99 -3.89
N ILE A 18 0.86 -9.81 -3.35
CA ILE A 18 1.70 -8.71 -3.90
C ILE A 18 2.45 -7.98 -2.78
N LYS A 19 3.74 -8.13 -2.72
CA LYS A 19 4.52 -7.43 -1.66
C LYS A 19 5.00 -6.09 -2.21
N ILE A 20 4.34 -5.03 -1.83
CA ILE A 20 4.72 -3.69 -2.36
C ILE A 20 5.53 -2.90 -1.32
N ALA A 21 6.23 -1.88 -1.76
CA ALA A 21 7.02 -1.06 -0.80
C ALA A 21 6.92 0.42 -1.17
N TRP A 22 6.60 1.25 -0.22
CA TRP A 22 6.49 2.72 -0.52
C TRP A 22 7.72 3.46 -0.01
N GLU A 23 8.15 4.46 -0.71
CA GLU A 23 9.36 5.24 -0.27
C GLU A 23 9.28 5.48 1.24
N SER A 24 10.28 5.04 1.95
CA SER A 24 10.28 5.25 3.43
C SER A 24 9.79 6.66 3.76
N PRO A 25 9.39 6.84 4.98
CA PRO A 25 8.89 8.15 5.44
C PRO A 25 10.06 9.13 5.61
N GLN A 26 9.79 10.33 6.04
CA GLN A 26 10.89 11.32 6.23
C GLN A 26 11.09 11.63 7.71
N GLY A 27 10.05 12.03 8.37
CA GLY A 27 10.17 12.35 9.83
C GLY A 27 9.73 11.14 10.65
N GLN A 28 8.61 11.22 11.30
CA GLN A 28 8.13 10.07 12.12
C GLN A 28 6.64 9.82 11.86
N VAL A 29 6.31 8.71 11.25
CA VAL A 29 4.88 8.40 10.97
C VAL A 29 4.28 7.59 12.13
N SER A 30 3.17 8.01 12.65
CA SER A 30 2.54 7.26 13.78
C SER A 30 1.89 5.97 13.26
N ARG A 31 1.53 5.94 12.01
CA ARG A 31 0.90 4.70 11.45
C ARG A 31 0.85 4.78 9.92
N TYR A 32 0.91 3.65 9.26
CA TYR A 32 0.86 3.66 7.77
C TYR A 32 -0.37 2.90 7.28
N ARG A 33 -1.40 3.61 6.92
CA ARG A 33 -2.64 2.93 6.45
C ARG A 33 -2.44 2.38 5.03
N VAL A 34 -2.79 1.15 4.82
CA VAL A 34 -2.63 0.54 3.46
C VAL A 34 -4.00 0.38 2.80
N THR A 35 -4.42 1.35 2.02
CA THR A 35 -5.74 1.25 1.36
C THR A 35 -5.59 0.84 -0.11
N TYR A 36 -6.48 0.01 -0.60
CA TYR A 36 -6.38 -0.44 -2.03
C TYR A 36 -7.77 -0.42 -2.67
N SER A 37 -7.87 0.08 -3.87
CA SER A 37 -9.20 0.14 -4.54
C SER A 37 -9.23 -0.80 -5.76
N SER A 38 -10.41 -1.10 -6.25
CA SER A 38 -10.51 -2.01 -7.43
C SER A 38 -11.90 -1.92 -8.05
N PRO A 39 -11.93 -2.00 -9.35
CA PRO A 39 -13.22 -1.93 -10.08
C PRO A 39 -13.98 -3.26 -9.96
N GLU A 40 -14.17 -3.73 -8.76
CA GLU A 40 -14.90 -5.02 -8.57
C GLU A 40 -15.34 -5.17 -7.11
N ASP A 41 -14.42 -5.19 -6.20
CA ASP A 41 -14.78 -5.33 -4.77
C ASP A 41 -14.85 -3.95 -4.10
N GLY A 42 -14.26 -2.97 -4.71
CA GLY A 42 -14.30 -1.60 -4.11
C GLY A 42 -12.96 -1.27 -3.49
N ILE A 43 -12.94 -0.54 -2.40
CA ILE A 43 -11.65 -0.20 -1.75
C ILE A 43 -11.62 -0.71 -0.31
N HIS A 44 -10.45 -0.96 0.20
CA HIS A 44 -10.35 -1.46 1.60
C HIS A 44 -9.23 -0.71 2.33
N GLU A 45 -8.98 -1.06 3.57
CA GLU A 45 -7.90 -0.35 4.32
C GLU A 45 -7.25 -1.31 5.34
N LEU A 46 -5.95 -1.40 5.32
CA LEU A 46 -5.26 -2.29 6.29
C LEU A 46 -4.79 -1.48 7.50
N PHE A 47 -5.07 -1.97 8.67
CA PHE A 47 -4.66 -1.23 9.90
C PHE A 47 -3.30 -1.71 10.47
N PRO A 48 -2.89 -2.94 10.17
CA PRO A 48 -1.60 -3.43 10.70
C PRO A 48 -0.44 -2.74 9.99
N ALA A 49 0.15 -1.77 10.62
CA ALA A 49 1.28 -1.05 10.00
C ALA A 49 2.61 -1.56 10.55
N PRO A 50 3.67 -1.10 9.94
CA PRO A 50 5.03 -1.50 10.37
C PRO A 50 5.41 -0.82 11.68
N ASP A 51 6.67 -0.85 12.02
CA ASP A 51 7.11 -0.22 13.30
C ASP A 51 8.15 0.87 13.02
N GLY A 52 9.13 0.57 12.21
CA GLY A 52 10.17 1.59 11.90
C GLY A 52 11.13 1.04 10.85
N GLU A 53 11.43 -0.23 10.92
CA GLU A 53 12.36 -0.83 9.93
C GLU A 53 11.57 -1.51 8.80
N GLU A 54 10.28 -1.28 8.75
CA GLU A 54 9.46 -1.91 7.68
C GLU A 54 8.72 -0.83 6.89
N ASP A 55 8.97 -0.74 5.61
CA ASP A 55 8.29 0.29 4.79
C ASP A 55 7.52 -0.40 3.65
N THR A 56 7.27 -1.67 3.78
CA THR A 56 6.52 -2.39 2.71
C THR A 56 5.31 -3.12 3.31
N ALA A 57 4.48 -3.70 2.48
CA ALA A 57 3.29 -4.43 3.00
C ALA A 57 3.01 -5.70 2.18
N GLU A 58 2.36 -6.67 2.78
CA GLU A 58 2.05 -7.94 2.05
C GLU A 58 0.55 -8.05 1.80
N LEU A 59 0.09 -7.60 0.67
CA LEU A 59 -1.35 -7.70 0.36
C LEU A 59 -1.63 -9.06 -0.29
N GLN A 60 -1.75 -10.06 0.51
CA GLN A 60 -1.99 -11.42 -0.03
C GLN A 60 -3.47 -11.80 0.08
N GLY A 61 -4.04 -12.35 -0.96
CA GLY A 61 -5.48 -12.73 -0.93
C GLY A 61 -6.28 -11.72 -1.75
N LEU A 62 -5.92 -11.53 -3.00
CA LEU A 62 -6.66 -10.55 -3.84
C LEU A 62 -7.39 -11.27 -4.99
N ARG A 63 -7.79 -10.53 -6.00
CA ARG A 63 -8.51 -11.15 -7.15
C ARG A 63 -7.52 -11.85 -8.08
N PRO A 64 -8.02 -12.82 -8.82
CA PRO A 64 -7.19 -13.58 -9.75
C PRO A 64 -7.02 -12.85 -11.09
N GLY A 65 -5.95 -12.11 -11.24
CA GLY A 65 -5.71 -11.39 -12.53
C GLY A 65 -6.59 -10.14 -12.59
N SER A 66 -6.22 -9.12 -11.85
CA SER A 66 -7.03 -7.86 -11.88
C SER A 66 -6.14 -6.65 -11.58
N GLU A 67 -6.20 -5.64 -12.41
CA GLU A 67 -5.37 -4.42 -12.16
C GLU A 67 -5.70 -3.86 -10.78
N TYR A 68 -5.06 -4.36 -9.75
CA TYR A 68 -5.35 -3.88 -8.37
C TYR A 68 -4.81 -2.47 -8.17
N THR A 69 -5.69 -1.54 -7.85
CA THR A 69 -5.23 -0.14 -7.61
C THR A 69 -4.99 0.06 -6.12
N VAL A 70 -3.77 0.31 -5.71
CA VAL A 70 -3.50 0.48 -4.26
C VAL A 70 -3.21 1.94 -3.92
N SER A 71 -3.63 2.36 -2.75
CA SER A 71 -3.39 3.76 -2.32
C SER A 71 -2.64 3.76 -0.99
N VAL A 72 -1.42 4.17 -0.97
CA VAL A 72 -0.64 4.18 0.32
C VAL A 72 -0.79 5.54 1.01
N VAL A 73 -0.91 5.55 2.31
CA VAL A 73 -1.05 6.85 3.03
C VAL A 73 -0.41 6.78 4.41
N ALA A 74 0.46 7.69 4.72
CA ALA A 74 1.11 7.69 6.06
C ALA A 74 0.16 8.32 7.08
N LEU A 75 0.52 8.32 8.34
CA LEU A 75 -0.39 8.93 9.36
C LEU A 75 0.39 9.65 10.45
N HIS A 76 -0.31 10.26 11.36
CA HIS A 76 0.34 11.01 12.48
C HIS A 76 -0.73 11.56 13.41
N ASP A 77 -0.95 10.91 14.53
CA ASP A 77 -2.01 11.40 15.48
C ASP A 77 -3.38 11.35 14.80
N ASP A 78 -3.64 12.27 13.89
CA ASP A 78 -4.95 12.28 13.19
C ASP A 78 -4.85 13.05 11.87
N MET A 79 -3.97 12.62 10.99
CA MET A 79 -3.81 13.35 9.69
C MET A 79 -4.06 12.39 8.51
N GLU A 80 -4.42 12.95 7.38
CA GLU A 80 -4.66 12.11 6.16
C GLU A 80 -4.11 12.84 4.94
N SER A 81 -2.82 12.76 4.72
CA SER A 81 -2.21 13.46 3.55
C SER A 81 -2.60 12.79 2.23
N GLN A 82 -2.30 13.44 1.13
CA GLN A 82 -2.64 12.85 -0.19
C GLN A 82 -2.10 11.41 -0.30
N PRO A 83 -2.99 10.51 -0.63
CA PRO A 83 -2.61 9.08 -0.76
C PRO A 83 -1.83 8.84 -2.06
N LEU A 84 -0.76 8.11 -1.99
CA LEU A 84 0.03 7.81 -3.22
C LEU A 84 -0.57 6.58 -3.92
N ILE A 85 -1.12 6.76 -5.09
CA ILE A 85 -1.74 5.60 -5.82
C ILE A 85 -0.67 4.70 -6.45
N GLY A 86 -1.01 3.47 -6.70
CA GLY A 86 -0.05 2.52 -7.32
C GLY A 86 -0.83 1.31 -7.87
N THR A 87 -1.29 1.39 -9.09
CA THR A 87 -2.07 0.26 -9.68
C THR A 87 -1.14 -0.79 -10.29
N GLN A 88 -1.35 -2.04 -9.96
CA GLN A 88 -0.50 -3.12 -10.51
C GLN A 88 -1.38 -4.27 -11.03
N SER A 89 -0.98 -4.92 -12.07
CA SER A 89 -1.80 -6.05 -12.62
C SER A 89 -1.47 -7.34 -11.89
N THR A 90 -2.43 -7.91 -11.20
CA THR A 90 -2.15 -9.19 -10.46
C THR A 90 -1.69 -10.27 -11.44
N ALA A 91 -0.72 -11.04 -11.07
CA ALA A 91 -0.24 -12.12 -11.98
C ALA A 91 -1.36 -13.11 -12.26
N ILE A 92 -1.02 -14.27 -12.71
CA ILE A 92 -2.06 -15.28 -13.02
C ILE A 92 -1.49 -16.70 -12.81
N PRO A 93 -2.34 -17.69 -12.98
CA PRO A 93 -1.91 -19.08 -12.79
C PRO A 93 -1.28 -19.63 -14.07
N ALA A 94 0.01 -19.80 -14.08
CA ALA A 94 0.69 -20.33 -15.30
C ALA A 94 0.91 -21.85 -15.15
N ASN A 1 3.81 18.21 5.26
CA ASN A 1 4.29 17.78 6.61
C ASN A 1 4.58 16.28 6.60
N ILE A 2 4.62 15.68 7.76
CA ILE A 2 4.91 14.20 7.86
C ILE A 2 6.09 13.83 6.94
N ASP A 3 6.43 12.56 6.89
CA ASP A 3 7.58 12.14 6.03
C ASP A 3 7.28 12.39 4.55
N ARG A 4 6.06 12.20 4.14
CA ARG A 4 5.72 12.43 2.70
C ARG A 4 6.54 11.49 1.82
N PRO A 5 5.86 10.56 1.20
CA PRO A 5 6.54 9.57 0.33
C PRO A 5 6.94 10.21 -1.01
N LYS A 6 7.53 9.42 -1.89
CA LYS A 6 7.96 9.97 -3.21
C LYS A 6 7.43 9.08 -4.34
N GLY A 7 7.82 7.83 -4.34
CA GLY A 7 7.34 6.89 -5.41
C GLY A 7 7.57 5.45 -4.95
N LEU A 8 6.58 4.84 -4.36
CA LEU A 8 6.74 3.44 -3.89
C LEU A 8 7.35 2.57 -5.01
N ALA A 9 7.60 1.32 -4.73
CA ALA A 9 8.18 0.42 -5.76
C ALA A 9 7.61 -0.99 -5.64
N PHE A 10 7.45 -1.67 -6.74
CA PHE A 10 6.89 -3.06 -6.68
C PHE A 10 8.03 -4.08 -6.64
N THR A 11 7.98 -5.03 -5.74
CA THR A 11 9.06 -6.05 -5.66
C THR A 11 8.60 -7.34 -6.34
N ASP A 12 7.44 -7.83 -6.00
CA ASP A 12 6.95 -9.09 -6.63
C ASP A 12 5.43 -9.11 -6.66
N VAL A 13 4.84 -9.15 -7.82
CA VAL A 13 3.35 -9.16 -7.91
C VAL A 13 2.83 -10.60 -8.02
N ASP A 14 1.99 -10.99 -7.11
CA ASP A 14 1.44 -12.37 -7.15
C ASP A 14 -0.08 -12.32 -7.35
N VAL A 15 -0.59 -13.09 -8.28
CA VAL A 15 -2.06 -13.09 -8.54
C VAL A 15 -2.81 -13.13 -7.20
N ASP A 16 -2.26 -13.78 -6.22
CA ASP A 16 -2.96 -13.86 -4.90
C ASP A 16 -2.18 -13.10 -3.84
N SER A 17 -1.31 -12.22 -4.25
CA SER A 17 -0.52 -11.44 -3.26
C SER A 17 0.35 -10.40 -3.96
N ILE A 18 0.63 -9.31 -3.31
CA ILE A 18 1.47 -8.26 -3.93
C ILE A 18 2.48 -7.71 -2.92
N LYS A 19 3.75 -7.89 -3.19
CA LYS A 19 4.78 -7.37 -2.25
C LYS A 19 5.14 -5.92 -2.64
N ILE A 20 4.73 -4.97 -1.87
CA ILE A 20 5.03 -3.55 -2.22
C ILE A 20 5.97 -2.92 -1.19
N ALA A 21 6.74 -1.95 -1.61
CA ALA A 21 7.68 -1.28 -0.66
C ALA A 21 7.66 0.24 -0.90
N TRP A 22 7.32 1.01 0.09
CA TRP A 22 7.30 2.49 -0.11
C TRP A 22 8.44 3.14 0.67
N GLU A 23 8.44 4.44 0.75
CA GLU A 23 9.54 5.14 1.48
C GLU A 23 9.30 5.05 2.99
N SER A 24 10.14 4.34 3.70
CA SER A 24 9.96 4.21 5.18
C SER A 24 9.64 5.59 5.79
N PRO A 25 9.19 5.56 7.02
CA PRO A 25 8.82 6.82 7.72
C PRO A 25 10.09 7.61 8.05
N GLN A 26 9.95 8.88 8.33
CA GLN A 26 11.14 9.71 8.65
C GLN A 26 10.81 10.71 9.76
N GLY A 27 9.94 11.64 9.48
CA GLY A 27 9.57 12.66 10.51
C GLY A 27 8.99 11.96 11.74
N GLN A 28 7.72 11.66 11.72
CA GLN A 28 7.08 10.99 12.89
C GLN A 28 5.72 10.41 12.49
N VAL A 29 5.72 9.26 11.87
CA VAL A 29 4.43 8.64 11.46
C VAL A 29 3.81 7.87 12.64
N SER A 30 2.66 8.31 13.10
CA SER A 30 2.01 7.60 14.25
C SER A 30 1.12 6.46 13.72
N ARG A 31 1.00 6.35 12.43
CA ARG A 31 0.16 5.25 11.85
C ARG A 31 0.33 5.21 10.33
N TYR A 32 0.04 4.10 9.73
CA TYR A 32 0.18 3.99 8.25
C TYR A 32 -1.11 3.44 7.65
N ARG A 33 -1.83 4.27 6.93
CA ARG A 33 -3.11 3.79 6.32
C ARG A 33 -2.90 3.45 4.85
N VAL A 34 -3.20 2.24 4.46
CA VAL A 34 -3.05 1.84 3.04
C VAL A 34 -4.38 1.32 2.49
N THR A 35 -4.94 1.99 1.53
CA THR A 35 -6.24 1.52 0.97
C THR A 35 -6.06 0.99 -0.46
N TYR A 36 -6.82 -0.01 -0.80
CA TYR A 36 -6.72 -0.61 -2.17
C TYR A 36 -8.10 -1.07 -2.62
N SER A 37 -8.42 -0.94 -3.87
CA SER A 37 -9.78 -1.36 -4.33
C SER A 37 -9.77 -1.81 -5.78
N SER A 38 -10.94 -1.89 -6.35
CA SER A 38 -11.07 -2.32 -7.77
C SER A 38 -12.21 -1.53 -8.42
N PRO A 39 -12.13 -1.38 -9.71
CA PRO A 39 -13.18 -0.63 -10.44
C PRO A 39 -14.46 -1.45 -10.55
N GLU A 40 -14.97 -1.96 -9.44
CA GLU A 40 -16.23 -2.77 -9.48
C GLU A 40 -16.37 -3.56 -8.18
N ASP A 41 -15.46 -4.46 -7.92
CA ASP A 41 -15.55 -5.26 -6.66
C ASP A 41 -15.71 -4.33 -5.46
N GLY A 42 -14.91 -3.31 -5.39
CA GLY A 42 -15.02 -2.35 -4.26
C GLY A 42 -13.63 -2.05 -3.69
N ILE A 43 -13.57 -1.58 -2.47
CA ILE A 43 -12.24 -1.25 -1.87
C ILE A 43 -12.05 -1.91 -0.51
N HIS A 44 -10.84 -1.92 -0.03
CA HIS A 44 -10.54 -2.52 1.30
C HIS A 44 -9.53 -1.62 2.03
N GLU A 45 -9.58 -1.57 3.33
CA GLU A 45 -8.63 -0.68 4.06
C GLU A 45 -7.64 -1.50 4.92
N LEU A 46 -6.40 -1.09 4.94
CA LEU A 46 -5.37 -1.79 5.77
C LEU A 46 -4.52 -0.74 6.48
N PHE A 47 -4.64 -0.64 7.77
CA PHE A 47 -3.85 0.41 8.50
C PHE A 47 -3.21 -0.14 9.78
N PRO A 48 -2.46 -1.20 9.63
CA PRO A 48 -1.79 -1.80 10.79
C PRO A 48 -0.63 -0.88 11.22
N ALA A 49 -0.81 -0.12 12.26
CA ALA A 49 0.26 0.81 12.73
C ALA A 49 1.65 0.19 12.51
N PRO A 50 2.53 0.99 11.96
CA PRO A 50 3.92 0.53 11.68
C PRO A 50 4.71 0.37 12.97
N ASP A 51 5.75 -0.43 12.93
CA ASP A 51 6.58 -0.64 14.15
C ASP A 51 7.80 0.29 14.12
N GLY A 52 8.46 0.38 13.00
CA GLY A 52 9.65 1.27 12.91
C GLY A 52 10.55 0.80 11.76
N GLU A 53 10.84 -0.47 11.71
CA GLU A 53 11.70 -0.99 10.62
C GLU A 53 10.84 -1.49 9.44
N GLU A 54 9.56 -1.33 9.54
CA GLU A 54 8.67 -1.79 8.43
C GLU A 54 8.67 -0.77 7.28
N ASP A 55 9.03 -1.19 6.10
CA ASP A 55 9.04 -0.25 4.94
C ASP A 55 8.30 -0.88 3.75
N THR A 56 7.78 -2.06 3.93
CA THR A 56 7.03 -2.73 2.81
C THR A 56 5.76 -3.40 3.35
N ALA A 57 4.94 -3.94 2.49
CA ALA A 57 3.69 -4.60 2.98
C ALA A 57 3.47 -5.94 2.25
N GLU A 58 2.94 -6.91 2.94
CA GLU A 58 2.68 -8.24 2.31
C GLU A 58 1.20 -8.39 1.98
N LEU A 59 0.77 -7.84 0.88
CA LEU A 59 -0.67 -7.97 0.49
C LEU A 59 -0.87 -9.36 -0.09
N GLN A 60 -1.56 -10.20 0.61
CA GLN A 60 -1.74 -11.58 0.10
C GLN A 60 -3.21 -12.02 0.20
N GLY A 61 -3.79 -12.43 -0.91
CA GLY A 61 -5.22 -12.87 -0.90
C GLY A 61 -6.07 -11.87 -1.67
N LEU A 62 -5.96 -11.85 -2.99
CA LEU A 62 -6.77 -10.88 -3.79
C LEU A 62 -7.50 -11.61 -4.92
N ARG A 63 -7.83 -10.89 -5.97
CA ARG A 63 -8.53 -11.53 -7.13
C ARG A 63 -7.59 -11.62 -8.34
N PRO A 64 -7.67 -12.73 -9.02
CA PRO A 64 -6.81 -12.94 -10.20
C PRO A 64 -7.36 -12.19 -11.42
N GLY A 65 -6.49 -11.74 -12.29
CA GLY A 65 -6.95 -11.01 -13.52
C GLY A 65 -7.66 -9.72 -13.10
N SER A 66 -6.96 -8.81 -12.49
CA SER A 66 -7.60 -7.53 -12.08
C SER A 66 -6.54 -6.53 -11.61
N GLU A 67 -6.60 -5.32 -12.09
CA GLU A 67 -5.60 -4.29 -11.67
C GLU A 67 -6.05 -3.66 -10.36
N TYR A 68 -5.46 -4.06 -9.27
CA TYR A 68 -5.88 -3.48 -7.97
C TYR A 68 -5.24 -2.10 -7.76
N THR A 69 -6.04 -1.08 -7.62
CA THR A 69 -5.49 0.29 -7.42
C THR A 69 -5.21 0.51 -5.93
N VAL A 70 -3.99 0.32 -5.52
CA VAL A 70 -3.66 0.50 -4.08
C VAL A 70 -2.99 1.86 -3.84
N SER A 71 -3.39 2.54 -2.81
CA SER A 71 -2.77 3.87 -2.50
C SER A 71 -2.11 3.82 -1.12
N VAL A 72 -0.88 4.23 -1.03
CA VAL A 72 -0.18 4.19 0.30
C VAL A 72 -0.18 5.59 0.92
N VAL A 73 -0.50 5.70 2.19
CA VAL A 73 -0.53 7.04 2.84
C VAL A 73 0.04 6.96 4.26
N ALA A 74 0.81 7.94 4.64
CA ALA A 74 1.40 7.95 6.02
C ALA A 74 0.51 8.77 6.95
N LEU A 75 0.72 8.69 8.24
CA LEU A 75 -0.15 9.48 9.17
C LEU A 75 0.67 10.13 10.29
N HIS A 76 0.17 11.22 10.80
CA HIS A 76 0.86 11.93 11.90
C HIS A 76 -0.17 12.19 13.01
N ASP A 77 0.00 13.22 13.78
CA ASP A 77 -1.00 13.50 14.82
C ASP A 77 -2.40 13.42 14.20
N ASP A 78 -2.48 13.65 12.90
CA ASP A 78 -3.78 13.60 12.19
C ASP A 78 -3.64 14.25 10.81
N MET A 79 -2.78 13.72 9.96
CA MET A 79 -2.58 14.34 8.62
C MET A 79 -2.97 13.38 7.50
N GLU A 80 -3.29 13.90 6.35
CA GLU A 80 -3.65 13.05 5.19
C GLU A 80 -2.70 13.37 4.03
N SER A 81 -1.43 13.23 4.26
CA SER A 81 -0.42 13.54 3.21
C SER A 81 -0.86 12.97 1.86
N GLN A 82 -0.35 13.53 0.79
CA GLN A 82 -0.72 13.02 -0.56
C GLN A 82 -0.76 11.49 -0.54
N PRO A 83 -1.88 10.96 -0.93
CA PRO A 83 -2.05 9.49 -0.98
C PRO A 83 -1.20 8.88 -2.09
N LEU A 84 -0.18 8.19 -1.74
CA LEU A 84 0.71 7.58 -2.77
C LEU A 84 -0.11 6.65 -3.68
N ILE A 85 0.38 6.38 -4.86
CA ILE A 85 -0.37 5.50 -5.80
C ILE A 85 0.42 4.21 -6.05
N GLY A 86 -0.23 3.10 -5.99
CA GLY A 86 0.47 1.80 -6.23
C GLY A 86 -0.47 0.84 -6.94
N THR A 87 -0.63 1.00 -8.22
CA THR A 87 -1.53 0.09 -8.98
C THR A 87 -0.74 -1.03 -9.63
N GLN A 88 -1.36 -2.18 -9.82
CA GLN A 88 -0.64 -3.32 -10.45
C GLN A 88 -1.64 -4.37 -10.92
N SER A 89 -1.35 -5.05 -12.00
CA SER A 89 -2.29 -6.09 -12.50
C SER A 89 -1.87 -7.47 -12.01
N THR A 90 -2.66 -8.09 -11.17
CA THR A 90 -2.30 -9.45 -10.67
C THR A 90 -1.72 -10.30 -11.79
N ALA A 91 -0.80 -11.17 -11.48
CA ALA A 91 -0.20 -12.03 -12.55
C ALA A 91 -0.93 -13.36 -12.64
N ILE A 92 -2.21 -13.33 -12.40
CA ILE A 92 -3.08 -14.57 -12.48
C ILE A 92 -2.39 -15.84 -11.92
N PRO A 93 -3.14 -16.92 -11.88
CA PRO A 93 -2.60 -18.18 -11.36
C PRO A 93 -1.96 -18.99 -12.49
N ALA A 94 -0.66 -19.01 -12.56
CA ALA A 94 0.03 -19.78 -13.63
C ALA A 94 0.37 -21.18 -13.12
N ASN A 1 7.25 17.17 11.53
CA ASN A 1 6.55 16.97 10.22
C ASN A 1 6.79 15.55 9.71
N ILE A 2 5.81 14.95 9.09
CA ILE A 2 5.99 13.57 8.56
C ILE A 2 6.93 13.59 7.36
N ASP A 3 7.22 12.44 6.79
CA ASP A 3 8.15 12.40 5.62
C ASP A 3 7.40 12.60 4.30
N ARG A 4 6.18 12.15 4.23
CA ARG A 4 5.42 12.30 2.95
C ARG A 4 6.21 11.66 1.79
N PRO A 5 6.04 10.37 1.66
CA PRO A 5 6.76 9.61 0.62
C PRO A 5 6.21 9.93 -0.79
N LYS A 6 6.81 9.36 -1.79
CA LYS A 6 6.35 9.61 -3.19
C LYS A 6 7.16 8.75 -4.17
N GLY A 7 6.51 8.09 -5.08
CA GLY A 7 7.26 7.24 -6.04
C GLY A 7 7.48 5.85 -5.44
N LEU A 8 6.45 5.28 -4.88
CA LEU A 8 6.59 3.93 -4.25
C LEU A 8 7.34 2.97 -5.19
N ALA A 9 7.56 1.75 -4.75
CA ALA A 9 8.27 0.77 -5.62
C ALA A 9 7.57 -0.59 -5.54
N PHE A 10 7.83 -1.45 -6.49
CA PHE A 10 7.17 -2.79 -6.48
C PHE A 10 8.23 -3.90 -6.37
N THR A 11 7.97 -4.90 -5.55
CA THR A 11 8.94 -6.00 -5.39
C THR A 11 8.41 -7.28 -6.04
N ASP A 12 7.18 -7.64 -5.76
CA ASP A 12 6.62 -8.88 -6.36
C ASP A 12 5.09 -8.76 -6.48
N VAL A 13 4.53 -9.14 -7.59
CA VAL A 13 3.05 -9.04 -7.75
C VAL A 13 2.45 -10.42 -8.07
N ASP A 14 1.37 -10.77 -7.41
CA ASP A 14 0.72 -12.10 -7.67
C ASP A 14 -0.79 -11.99 -7.49
N VAL A 15 -1.55 -12.70 -8.28
CA VAL A 15 -3.03 -12.62 -8.15
C VAL A 15 -3.44 -12.77 -6.68
N ASP A 16 -2.70 -13.53 -5.92
CA ASP A 16 -3.04 -13.71 -4.48
C ASP A 16 -1.87 -13.28 -3.58
N SER A 17 -1.20 -12.22 -3.95
CA SER A 17 -0.05 -11.75 -3.13
C SER A 17 0.67 -10.58 -3.81
N ILE A 18 0.57 -9.40 -3.27
CA ILE A 18 1.26 -8.23 -3.89
C ILE A 18 2.19 -7.58 -2.85
N LYS A 19 3.47 -7.82 -2.94
CA LYS A 19 4.41 -7.22 -1.96
C LYS A 19 4.99 -5.92 -2.52
N ILE A 20 4.64 -4.80 -1.93
CA ILE A 20 5.18 -3.50 -2.43
C ILE A 20 5.94 -2.76 -1.33
N ALA A 21 6.85 -1.88 -1.69
CA ALA A 21 7.62 -1.13 -0.67
C ALA A 21 7.54 0.38 -0.94
N TRP A 22 7.34 1.17 0.08
CA TRP A 22 7.24 2.65 -0.14
C TRP A 22 8.42 3.37 0.52
N GLU A 23 8.74 4.54 0.04
CA GLU A 23 9.89 5.31 0.62
C GLU A 23 9.90 5.18 2.15
N SER A 24 10.87 4.47 2.68
CA SER A 24 10.94 4.31 4.17
C SER A 24 10.64 5.64 4.86
N PRO A 25 10.36 5.55 6.13
CA PRO A 25 10.05 6.76 6.93
C PRO A 25 11.33 7.55 7.21
N GLN A 26 11.22 8.84 7.41
CA GLN A 26 12.44 9.65 7.68
C GLN A 26 12.28 10.41 9.01
N GLY A 27 11.07 10.64 9.43
CA GLY A 27 10.86 11.36 10.72
C GLY A 27 10.18 10.43 11.72
N GLN A 28 10.41 9.16 11.60
CA GLN A 28 9.77 8.19 12.55
C GLN A 28 8.25 8.41 12.59
N VAL A 29 7.55 7.97 11.59
CA VAL A 29 6.08 8.16 11.57
C VAL A 29 5.42 7.37 12.73
N SER A 30 4.24 7.74 13.11
CA SER A 30 3.56 7.02 14.23
C SER A 30 2.67 5.89 13.68
N ARG A 31 1.97 6.15 12.60
CA ARG A 31 1.10 5.09 12.02
C ARG A 31 1.13 5.12 10.49
N TYR A 32 0.35 4.30 9.87
CA TYR A 32 0.31 4.28 8.38
C TYR A 32 -0.95 3.56 7.90
N ARG A 33 -1.76 4.22 7.12
CA ARG A 33 -3.01 3.56 6.64
C ARG A 33 -2.82 3.04 5.20
N VAL A 34 -3.05 1.77 4.99
CA VAL A 34 -2.89 1.21 3.62
C VAL A 34 -4.27 0.94 3.03
N THR A 35 -4.48 1.28 1.78
CA THR A 35 -5.81 1.04 1.17
C THR A 35 -5.69 0.44 -0.23
N TYR A 36 -6.58 -0.45 -0.56
CA TYR A 36 -6.55 -1.09 -1.91
C TYR A 36 -7.98 -1.32 -2.38
N SER A 37 -8.23 -1.29 -3.66
CA SER A 37 -9.63 -1.50 -4.12
C SER A 37 -9.68 -2.20 -5.47
N SER A 38 -10.87 -2.57 -5.88
CA SER A 38 -11.06 -3.26 -7.17
C SER A 38 -12.18 -2.58 -7.96
N PRO A 39 -12.12 -2.71 -9.25
CA PRO A 39 -13.15 -2.12 -10.12
C PRO A 39 -14.43 -2.96 -10.09
N GLU A 40 -14.89 -3.35 -8.92
CA GLU A 40 -16.14 -4.17 -8.84
C GLU A 40 -16.48 -4.46 -7.36
N ASP A 41 -15.51 -4.87 -6.59
CA ASP A 41 -15.78 -5.16 -5.15
C ASP A 41 -15.75 -3.87 -4.36
N GLY A 42 -14.83 -3.01 -4.67
CA GLY A 42 -14.77 -1.71 -3.96
C GLY A 42 -13.36 -1.50 -3.39
N ILE A 43 -13.26 -0.84 -2.26
CA ILE A 43 -11.91 -0.59 -1.68
C ILE A 43 -11.79 -1.16 -0.27
N HIS A 44 -10.59 -1.29 0.22
CA HIS A 44 -10.36 -1.82 1.58
C HIS A 44 -9.38 -0.91 2.32
N GLU A 45 -9.22 -1.09 3.60
CA GLU A 45 -8.26 -0.21 4.34
C GLU A 45 -7.51 -1.00 5.41
N LEU A 46 -6.20 -1.01 5.34
CA LEU A 46 -5.42 -1.74 6.37
C LEU A 46 -5.20 -0.84 7.58
N PHE A 47 -5.73 -1.22 8.72
CA PHE A 47 -5.57 -0.40 9.94
C PHE A 47 -4.29 -0.77 10.72
N PRO A 48 -3.86 -2.03 10.65
CA PRO A 48 -2.65 -2.43 11.39
C PRO A 48 -1.42 -1.84 10.71
N ALA A 49 -0.95 -0.74 11.21
CA ALA A 49 0.23 -0.09 10.59
C ALA A 49 1.51 -0.37 11.39
N PRO A 50 2.13 -1.48 11.07
CA PRO A 50 3.40 -1.85 11.74
C PRO A 50 4.50 -0.88 11.35
N ASP A 51 5.42 -0.60 12.23
CA ASP A 51 6.51 0.35 11.89
C ASP A 51 7.80 0.01 12.66
N GLY A 52 8.87 0.71 12.39
CA GLY A 52 10.14 0.42 13.11
C GLY A 52 10.93 -0.62 12.32
N GLU A 53 10.28 -1.63 11.82
CA GLU A 53 10.98 -2.68 11.04
C GLU A 53 10.27 -2.93 9.70
N GLU A 54 9.01 -2.61 9.61
CA GLU A 54 8.27 -2.84 8.34
C GLU A 54 8.32 -1.59 7.45
N ASP A 55 8.56 -1.80 6.18
CA ASP A 55 8.59 -0.64 5.23
C ASP A 55 7.88 -1.04 3.94
N THR A 56 7.15 -2.13 3.97
CA THR A 56 6.43 -2.59 2.75
C THR A 56 5.04 -3.12 3.13
N ALA A 57 4.18 -3.30 2.15
CA ALA A 57 2.80 -3.81 2.46
C ALA A 57 2.65 -5.24 1.93
N GLU A 58 1.86 -6.04 2.58
CA GLU A 58 1.65 -7.44 2.12
C GLU A 58 0.19 -7.69 1.77
N LEU A 59 -0.21 -7.38 0.56
CA LEU A 59 -1.63 -7.61 0.17
C LEU A 59 -1.80 -9.04 -0.31
N GLN A 60 -1.85 -9.96 0.61
CA GLN A 60 -1.99 -11.40 0.23
C GLN A 60 -3.43 -11.86 0.43
N GLY A 61 -3.91 -12.75 -0.41
CA GLY A 61 -5.30 -13.26 -0.26
C GLY A 61 -6.24 -12.48 -1.18
N LEU A 62 -5.74 -11.90 -2.24
CA LEU A 62 -6.64 -11.15 -3.15
C LEU A 62 -7.51 -12.11 -3.96
N ARG A 63 -8.62 -11.65 -4.45
CA ARG A 63 -9.50 -12.57 -5.24
C ARG A 63 -9.22 -12.47 -6.74
N PRO A 64 -9.05 -11.25 -7.22
CA PRO A 64 -8.78 -11.05 -8.65
C PRO A 64 -7.29 -11.18 -8.96
N GLY A 65 -6.94 -11.11 -10.20
CA GLY A 65 -5.51 -11.21 -10.60
C GLY A 65 -5.27 -10.34 -11.82
N SER A 66 -5.51 -9.06 -11.69
CA SER A 66 -5.30 -8.13 -12.84
C SER A 66 -4.97 -6.73 -12.34
N GLU A 67 -4.98 -5.76 -13.21
CA GLU A 67 -4.66 -4.37 -12.79
C GLU A 67 -5.41 -4.03 -11.49
N TYR A 68 -4.78 -4.23 -10.36
CA TYR A 68 -5.45 -3.91 -9.06
C TYR A 68 -5.14 -2.46 -8.65
N THR A 69 -5.92 -1.89 -7.77
CA THR A 69 -5.65 -0.49 -7.34
C THR A 69 -5.25 -0.45 -5.86
N VAL A 70 -4.04 -0.06 -5.56
CA VAL A 70 -3.59 0.00 -4.14
C VAL A 70 -3.10 1.41 -3.80
N SER A 71 -3.17 1.79 -2.55
CA SER A 71 -2.72 3.16 -2.16
C SER A 71 -1.86 3.09 -0.89
N VAL A 72 -1.00 4.06 -0.69
CA VAL A 72 -0.13 4.06 0.53
C VAL A 72 -0.13 5.45 1.17
N VAL A 73 -0.60 5.56 2.38
CA VAL A 73 -0.63 6.90 3.05
C VAL A 73 0.01 6.82 4.44
N ALA A 74 0.97 7.67 4.70
CA ALA A 74 1.62 7.66 6.04
C ALA A 74 0.74 8.41 7.06
N LEU A 75 1.06 8.36 8.32
CA LEU A 75 0.21 9.07 9.32
C LEU A 75 1.05 9.85 10.33
N HIS A 76 0.46 10.85 10.91
CA HIS A 76 1.17 11.68 11.92
C HIS A 76 0.14 12.47 12.75
N ASP A 77 0.54 13.10 13.81
CA ASP A 77 -0.44 13.86 14.62
C ASP A 77 -1.35 14.68 13.71
N ASP A 78 -2.62 14.43 13.76
CA ASP A 78 -3.59 15.19 12.90
C ASP A 78 -2.99 15.43 11.51
N MET A 79 -2.54 14.40 10.84
CA MET A 79 -1.94 14.58 9.48
C MET A 79 -2.57 13.64 8.46
N GLU A 80 -2.29 13.87 7.21
CA GLU A 80 -2.84 13.01 6.12
C GLU A 80 -1.91 13.08 4.92
N SER A 81 -0.67 12.68 5.10
CA SER A 81 0.32 12.74 3.97
C SER A 81 -0.35 12.39 2.65
N GLN A 82 -0.03 13.11 1.60
CA GLN A 82 -0.63 12.82 0.27
C GLN A 82 -0.73 11.32 0.05
N PRO A 83 -1.89 10.88 -0.34
CA PRO A 83 -2.11 9.44 -0.58
C PRO A 83 -1.37 9.00 -1.84
N LEU A 84 -0.69 7.89 -1.78
CA LEU A 84 0.07 7.41 -2.96
C LEU A 84 -0.74 6.33 -3.70
N ILE A 85 -0.41 6.08 -4.94
CA ILE A 85 -1.16 5.06 -5.72
C ILE A 85 -0.22 3.92 -6.13
N GLY A 86 -0.74 2.73 -6.23
CA GLY A 86 0.12 1.57 -6.62
C GLY A 86 -0.72 0.59 -7.46
N THR A 87 -0.80 0.82 -8.75
CA THR A 87 -1.59 -0.09 -9.61
C THR A 87 -0.68 -1.05 -10.37
N GLN A 88 -1.19 -2.19 -10.76
CA GLN A 88 -0.35 -3.16 -11.52
C GLN A 88 -1.21 -4.37 -11.92
N SER A 89 -0.91 -4.98 -13.03
CA SER A 89 -1.70 -6.16 -13.48
C SER A 89 -1.37 -7.39 -12.62
N THR A 90 -2.13 -7.62 -11.57
CA THR A 90 -1.87 -8.79 -10.71
C THR A 90 -1.89 -10.09 -11.55
N ALA A 91 -1.02 -11.03 -11.25
CA ALA A 91 -0.99 -12.29 -12.04
C ALA A 91 -2.37 -12.95 -12.02
N ILE A 92 -2.44 -14.20 -12.35
CA ILE A 92 -3.77 -14.90 -12.35
C ILE A 92 -3.67 -16.25 -11.64
N PRO A 93 -4.82 -16.75 -11.25
CA PRO A 93 -4.89 -18.03 -10.56
C PRO A 93 -5.02 -19.18 -11.57
N ALA A 94 -4.04 -20.06 -11.60
CA ALA A 94 -4.10 -21.21 -12.57
C ALA A 94 -5.21 -22.18 -12.15
N ASN A 1 5.03 18.17 11.25
CA ASN A 1 4.65 17.97 9.82
C ASN A 1 5.23 16.66 9.29
N ILE A 2 4.40 15.72 8.94
CA ILE A 2 4.90 14.42 8.41
C ILE A 2 5.80 14.67 7.20
N ASP A 3 6.31 13.63 6.59
CA ASP A 3 7.20 13.82 5.42
C ASP A 3 6.50 13.39 4.13
N ARG A 4 5.62 12.42 4.20
CA ARG A 4 4.90 11.94 2.99
C ARG A 4 5.86 11.09 2.12
N PRO A 5 5.35 9.96 1.68
CA PRO A 5 6.15 9.06 0.84
C PRO A 5 6.17 9.54 -0.62
N LYS A 6 6.75 8.77 -1.50
CA LYS A 6 6.80 9.19 -2.93
C LYS A 6 7.70 8.24 -3.73
N GLY A 7 7.30 7.90 -4.93
CA GLY A 7 8.13 6.97 -5.76
C GLY A 7 8.14 5.58 -5.12
N LEU A 8 7.00 4.92 -5.12
CA LEU A 8 6.94 3.55 -4.52
C LEU A 8 7.67 2.54 -5.42
N ALA A 9 8.09 1.43 -4.88
CA ALA A 9 8.78 0.40 -5.71
C ALA A 9 8.07 -0.95 -5.58
N PHE A 10 8.30 -1.84 -6.51
CA PHE A 10 7.64 -3.17 -6.44
C PHE A 10 8.68 -4.28 -6.18
N THR A 11 8.53 -5.00 -5.11
CA THR A 11 9.50 -6.08 -4.79
C THR A 11 9.03 -7.40 -5.40
N ASP A 12 7.85 -7.85 -5.05
CA ASP A 12 7.34 -9.14 -5.61
C ASP A 12 5.84 -9.02 -5.89
N VAL A 13 5.42 -9.38 -7.08
CA VAL A 13 3.97 -9.30 -7.41
C VAL A 13 3.38 -10.72 -7.51
N ASP A 14 2.20 -10.92 -6.96
CA ASP A 14 1.57 -12.27 -7.02
C ASP A 14 0.05 -12.14 -7.16
N VAL A 15 -0.54 -12.96 -7.98
CA VAL A 15 -2.02 -12.88 -8.17
C VAL A 15 -2.75 -12.87 -6.83
N ASP A 16 -2.26 -13.60 -5.87
CA ASP A 16 -2.95 -13.63 -4.55
C ASP A 16 -2.15 -12.85 -3.49
N SER A 17 -1.21 -12.04 -3.91
CA SER A 17 -0.43 -11.26 -2.92
C SER A 17 0.57 -10.33 -3.62
N ILE A 18 0.60 -9.08 -3.24
CA ILE A 18 1.53 -8.12 -3.87
C ILE A 18 2.48 -7.53 -2.83
N LYS A 19 3.76 -7.68 -3.04
CA LYS A 19 4.74 -7.11 -2.05
C LYS A 19 5.17 -5.72 -2.52
N ILE A 20 4.62 -4.69 -1.94
CA ILE A 20 4.99 -3.32 -2.38
C ILE A 20 5.85 -2.61 -1.32
N ALA A 21 6.68 -1.70 -1.75
CA ALA A 21 7.55 -0.97 -0.77
C ALA A 21 7.53 0.53 -1.08
N TRP A 22 7.02 1.32 -0.17
CA TRP A 22 6.99 2.80 -0.42
C TRP A 22 8.15 3.49 0.29
N GLU A 23 8.68 4.53 -0.28
CA GLU A 23 9.82 5.24 0.36
C GLU A 23 9.54 5.45 1.85
N SER A 24 10.41 4.96 2.70
CA SER A 24 10.21 5.13 4.16
C SER A 24 9.99 6.61 4.51
N PRO A 25 9.12 6.84 5.45
CA PRO A 25 8.81 8.21 5.89
C PRO A 25 9.98 8.78 6.71
N GLN A 26 9.97 10.06 6.96
CA GLN A 26 11.07 10.67 7.75
C GLN A 26 10.52 11.76 8.68
N GLY A 27 9.22 11.86 8.80
CA GLY A 27 8.63 12.91 9.67
C GLY A 27 8.01 12.26 10.91
N GLN A 28 8.78 11.45 11.61
CA GLN A 28 8.23 10.79 12.83
C GLN A 28 6.81 10.28 12.56
N VAL A 29 6.69 9.09 12.04
CA VAL A 29 5.33 8.55 11.75
C VAL A 29 4.91 7.55 12.82
N SER A 30 3.64 7.47 13.10
CA SER A 30 3.15 6.51 14.14
C SER A 30 2.28 5.43 13.49
N ARG A 31 2.08 5.52 12.20
CA ARG A 31 1.25 4.49 11.51
C ARG A 31 0.98 4.91 10.06
N TYR A 32 0.62 3.98 9.22
CA TYR A 32 0.34 4.31 7.80
C TYR A 32 -0.88 3.52 7.33
N ARG A 33 -1.79 4.16 6.65
CA ARG A 33 -3.00 3.44 6.18
C ARG A 33 -2.78 2.85 4.78
N VAL A 34 -3.02 1.59 4.63
CA VAL A 34 -2.83 0.94 3.30
C VAL A 34 -4.21 0.62 2.69
N THR A 35 -4.63 1.38 1.73
CA THR A 35 -5.98 1.13 1.12
C THR A 35 -5.86 0.58 -0.30
N TYR A 36 -6.72 -0.33 -0.66
CA TYR A 36 -6.69 -0.90 -2.04
C TYR A 36 -8.12 -0.97 -2.57
N SER A 37 -8.35 -0.44 -3.75
CA SER A 37 -9.75 -0.46 -4.31
C SER A 37 -9.82 -1.17 -5.66
N SER A 38 -11.00 -1.59 -6.03
CA SER A 38 -11.19 -2.29 -7.33
C SER A 38 -12.45 -1.74 -8.01
N PRO A 39 -12.36 -1.52 -9.29
CA PRO A 39 -13.50 -0.99 -10.05
C PRO A 39 -14.59 -2.05 -10.22
N GLU A 40 -15.05 -2.63 -9.14
CA GLU A 40 -16.10 -3.67 -9.24
C GLU A 40 -16.46 -4.23 -7.87
N ASP A 41 -15.48 -4.58 -7.07
CA ASP A 41 -15.77 -5.12 -5.72
C ASP A 41 -15.83 -3.99 -4.69
N GLY A 42 -15.05 -2.97 -4.90
CA GLY A 42 -15.06 -1.82 -3.95
C GLY A 42 -13.65 -1.60 -3.39
N ILE A 43 -13.55 -1.20 -2.14
CA ILE A 43 -12.19 -0.95 -1.57
C ILE A 43 -12.10 -1.49 -0.13
N HIS A 44 -10.90 -1.73 0.34
CA HIS A 44 -10.71 -2.24 1.73
C HIS A 44 -9.58 -1.45 2.41
N GLU A 45 -9.43 -1.59 3.71
CA GLU A 45 -8.35 -0.84 4.41
C GLU A 45 -7.49 -1.78 5.27
N LEU A 46 -6.26 -1.38 5.54
CA LEU A 46 -5.37 -2.22 6.38
C LEU A 46 -4.61 -1.34 7.37
N PHE A 47 -4.32 -1.84 8.54
CA PHE A 47 -3.58 -1.02 9.54
C PHE A 47 -2.43 -1.81 10.17
N PRO A 48 -1.61 -2.39 9.34
CA PRO A 48 -0.46 -3.16 9.83
C PRO A 48 0.68 -2.22 10.25
N ALA A 49 0.57 -1.62 11.40
CA ALA A 49 1.62 -0.68 11.87
C ALA A 49 3.01 -1.30 11.61
N PRO A 50 3.93 -0.45 11.22
CA PRO A 50 5.30 -0.90 10.93
C PRO A 50 6.15 -0.95 12.21
N ASP A 51 7.43 -1.04 12.06
CA ASP A 51 8.32 -1.10 13.25
C ASP A 51 9.42 -0.03 13.14
N GLY A 52 9.52 0.64 12.03
CA GLY A 52 10.56 1.68 11.88
C GLY A 52 11.27 1.50 10.53
N GLU A 53 11.47 0.27 10.13
CA GLU A 53 12.15 0.02 8.83
C GLU A 53 11.17 -0.62 7.83
N GLU A 54 10.31 -1.46 8.30
CA GLU A 54 9.31 -2.11 7.39
C GLU A 54 8.63 -1.06 6.51
N ASP A 55 9.13 -0.85 5.32
CA ASP A 55 8.49 0.16 4.42
C ASP A 55 7.74 -0.54 3.28
N THR A 56 7.17 -1.68 3.56
CA THR A 56 6.43 -2.42 2.49
C THR A 56 5.15 -3.06 3.07
N ALA A 57 4.39 -3.75 2.25
CA ALA A 57 3.15 -4.39 2.77
C ALA A 57 2.84 -5.67 2.00
N GLU A 58 2.18 -6.60 2.64
CA GLU A 58 1.82 -7.89 1.97
C GLU A 58 0.32 -7.93 1.67
N LEU A 59 -0.08 -7.45 0.53
CA LEU A 59 -1.52 -7.47 0.18
C LEU A 59 -1.88 -8.86 -0.31
N GLN A 60 -1.87 -9.81 0.58
CA GLN A 60 -2.17 -11.20 0.20
C GLN A 60 -3.69 -11.45 0.21
N GLY A 61 -4.23 -11.93 -0.89
CA GLY A 61 -5.70 -12.20 -0.95
C GLY A 61 -6.37 -11.21 -1.91
N LEU A 62 -6.03 -11.29 -3.18
CA LEU A 62 -6.64 -10.35 -4.17
C LEU A 62 -7.31 -11.13 -5.32
N ARG A 63 -7.77 -10.44 -6.34
CA ARG A 63 -8.41 -11.15 -7.49
C ARG A 63 -7.37 -11.48 -8.56
N PRO A 64 -7.48 -12.66 -9.11
CA PRO A 64 -6.54 -13.10 -10.16
C PRO A 64 -6.84 -12.43 -11.50
N GLY A 65 -5.87 -11.77 -12.07
CA GLY A 65 -6.09 -11.09 -13.39
C GLY A 65 -6.93 -9.84 -13.21
N SER A 66 -6.38 -8.83 -12.56
CA SER A 66 -7.16 -7.57 -12.35
C SER A 66 -6.24 -6.43 -11.95
N GLU A 67 -6.21 -5.38 -12.73
CA GLU A 67 -5.34 -4.21 -12.37
C GLU A 67 -5.83 -3.57 -11.07
N TYR A 68 -5.40 -4.08 -9.95
CA TYR A 68 -5.88 -3.50 -8.65
C TYR A 68 -5.25 -2.13 -8.42
N THR A 69 -6.02 -1.19 -7.96
CA THR A 69 -5.47 0.16 -7.68
C THR A 69 -5.24 0.33 -6.18
N VAL A 70 -4.02 0.17 -5.73
CA VAL A 70 -3.74 0.32 -4.28
C VAL A 70 -3.23 1.72 -3.96
N SER A 71 -3.45 2.19 -2.76
CA SER A 71 -2.99 3.55 -2.39
C SER A 71 -2.19 3.50 -1.09
N VAL A 72 -0.96 3.96 -1.12
CA VAL A 72 -0.14 3.96 0.13
C VAL A 72 -0.31 5.29 0.86
N VAL A 73 -0.55 5.24 2.16
CA VAL A 73 -0.74 6.52 2.91
C VAL A 73 -0.12 6.43 4.31
N ALA A 74 0.66 7.40 4.68
CA ALA A 74 1.29 7.39 6.03
C ALA A 74 0.39 8.17 7.00
N LEU A 75 0.60 8.01 8.28
CA LEU A 75 -0.26 8.76 9.25
C LEU A 75 0.59 9.46 10.30
N HIS A 76 -0.05 10.10 11.24
CA HIS A 76 0.67 10.82 12.31
C HIS A 76 -0.34 11.34 13.33
N ASP A 77 -0.83 10.48 14.20
CA ASP A 77 -1.85 10.91 15.21
C ASP A 77 -3.23 11.04 14.54
N ASP A 78 -3.30 11.71 13.42
CA ASP A 78 -4.60 11.87 12.72
C ASP A 78 -4.41 12.68 11.43
N MET A 79 -3.30 12.48 10.76
CA MET A 79 -3.03 13.24 9.51
C MET A 79 -3.44 12.42 8.28
N GLU A 80 -3.33 13.00 7.12
CA GLU A 80 -3.70 12.28 5.87
C GLU A 80 -2.72 12.67 4.76
N SER A 81 -1.49 12.26 4.87
CA SER A 81 -0.47 12.63 3.83
C SER A 81 -0.92 12.16 2.44
N GLN A 82 -0.61 12.92 1.43
CA GLN A 82 -1.03 12.53 0.05
C GLN A 82 -0.82 11.02 -0.16
N PRO A 83 -1.89 10.35 -0.48
CA PRO A 83 -1.82 8.89 -0.71
C PRO A 83 -1.11 8.57 -2.03
N LEU A 84 -0.05 7.81 -1.98
CA LEU A 84 0.68 7.46 -3.23
C LEU A 84 0.02 6.24 -3.90
N ILE A 85 -0.64 6.46 -5.00
CA ILE A 85 -1.31 5.32 -5.70
C ILE A 85 -0.31 4.24 -6.07
N GLY A 86 -0.79 3.04 -6.30
CA GLY A 86 0.12 1.92 -6.68
C GLY A 86 -0.68 0.88 -7.46
N THR A 87 -0.95 1.16 -8.71
CA THR A 87 -1.75 0.20 -9.54
C THR A 87 -0.86 -0.94 -10.05
N GLN A 88 -1.46 -2.05 -10.43
CA GLN A 88 -0.65 -3.20 -10.94
C GLN A 88 -1.58 -4.34 -11.39
N SER A 89 -1.24 -5.02 -12.46
CA SER A 89 -2.11 -6.14 -12.94
C SER A 89 -1.77 -7.44 -12.20
N THR A 90 -2.61 -7.83 -11.27
CA THR A 90 -2.34 -9.08 -10.50
C THR A 90 -2.17 -10.28 -11.45
N ALA A 91 -1.00 -10.87 -11.47
CA ALA A 91 -0.77 -12.05 -12.36
C ALA A 91 -1.83 -13.11 -12.13
N ILE A 92 -1.68 -14.26 -12.72
CA ILE A 92 -2.69 -15.34 -12.52
C ILE A 92 -2.05 -16.73 -12.47
N PRO A 93 -0.87 -16.83 -11.87
CA PRO A 93 -0.18 -18.13 -11.75
C PRO A 93 -0.87 -18.99 -10.68
N ALA A 94 -2.13 -19.19 -10.79
CA ALA A 94 -2.86 -20.02 -9.79
C ALA A 94 -2.60 -21.51 -10.03
N ASN A 1 5.66 15.27 12.61
CA ASN A 1 5.97 16.04 11.35
C ASN A 1 6.22 15.08 10.19
N ILE A 2 5.18 14.61 9.58
CA ILE A 2 5.34 13.66 8.44
C ILE A 2 6.15 14.34 7.31
N ASP A 3 6.47 13.62 6.27
CA ASP A 3 7.26 14.24 5.16
C ASP A 3 6.76 13.74 3.80
N ARG A 4 5.70 12.98 3.77
CA ARG A 4 5.16 12.48 2.48
C ARG A 4 6.24 11.71 1.71
N PRO A 5 6.02 10.43 1.54
CA PRO A 5 6.98 9.56 0.83
C PRO A 5 6.86 9.77 -0.70
N LYS A 6 7.55 8.98 -1.46
CA LYS A 6 7.48 9.11 -2.94
C LYS A 6 8.44 8.12 -3.62
N GLY A 7 8.06 7.59 -4.75
CA GLY A 7 8.94 6.61 -5.45
C GLY A 7 8.65 5.20 -4.95
N LEU A 8 7.41 4.79 -4.99
CA LEU A 8 7.06 3.42 -4.51
C LEU A 8 7.51 2.37 -5.54
N ALA A 9 8.07 1.28 -5.09
CA ALA A 9 8.53 0.22 -6.03
C ALA A 9 7.92 -1.13 -5.66
N PHE A 10 8.10 -2.13 -6.50
CA PHE A 10 7.52 -3.47 -6.19
C PHE A 10 8.63 -4.52 -6.12
N THR A 11 8.44 -5.54 -5.33
CA THR A 11 9.47 -6.60 -5.23
C THR A 11 8.97 -7.91 -5.85
N ASP A 12 7.77 -8.31 -5.52
CA ASP A 12 7.22 -9.57 -6.08
C ASP A 12 5.69 -9.51 -6.13
N VAL A 13 5.12 -9.55 -7.30
CA VAL A 13 3.63 -9.50 -7.41
C VAL A 13 3.06 -10.88 -7.74
N ASP A 14 1.80 -11.09 -7.47
CA ASP A 14 1.19 -12.41 -7.77
C ASP A 14 -0.32 -12.27 -7.93
N VAL A 15 -0.96 -13.19 -8.60
CA VAL A 15 -2.44 -13.10 -8.79
C VAL A 15 -3.11 -12.70 -7.46
N ASP A 16 -2.52 -13.06 -6.35
CA ASP A 16 -3.13 -12.71 -5.04
C ASP A 16 -2.04 -12.50 -4.00
N SER A 17 -0.93 -11.92 -4.39
CA SER A 17 0.18 -11.67 -3.43
C SER A 17 1.13 -10.62 -3.99
N ILE A 18 1.34 -9.55 -3.28
CA ILE A 18 2.25 -8.49 -3.78
C ILE A 18 3.03 -7.84 -2.64
N LYS A 19 4.33 -7.89 -2.68
CA LYS A 19 5.15 -7.26 -1.60
C LYS A 19 5.70 -5.93 -2.11
N ILE A 20 5.14 -4.83 -1.70
CA ILE A 20 5.64 -3.51 -2.19
C ILE A 20 6.31 -2.72 -1.06
N ALA A 21 7.20 -1.83 -1.40
CA ALA A 21 7.89 -1.01 -0.37
C ALA A 21 7.83 0.47 -0.76
N TRP A 22 7.55 1.34 0.16
CA TRP A 22 7.48 2.79 -0.17
C TRP A 22 8.53 3.58 0.60
N GLU A 23 8.89 4.73 0.10
CA GLU A 23 9.91 5.57 0.81
C GLU A 23 9.54 5.74 2.28
N SER A 24 10.50 5.81 3.15
CA SER A 24 10.19 5.99 4.60
C SER A 24 10.01 7.48 4.93
N PRO A 25 9.26 7.73 5.96
CA PRO A 25 9.00 9.11 6.40
C PRO A 25 10.22 9.68 7.13
N GLN A 26 10.10 10.84 7.72
CA GLN A 26 11.25 11.44 8.44
C GLN A 26 10.81 11.98 9.81
N GLY A 27 9.58 11.80 10.16
CA GLY A 27 9.10 12.31 11.48
C GLY A 27 8.45 11.17 12.27
N GLN A 28 9.02 10.00 12.22
CA GLN A 28 8.43 8.84 12.97
C GLN A 28 6.93 8.75 12.70
N VAL A 29 6.52 7.89 11.82
CA VAL A 29 5.07 7.75 11.51
C VAL A 29 4.39 6.86 12.55
N SER A 30 3.10 6.96 12.67
CA SER A 30 2.37 6.11 13.67
C SER A 30 1.45 5.13 12.95
N ARG A 31 1.22 5.33 11.68
CA ARG A 31 0.32 4.40 10.93
C ARG A 31 0.18 4.86 9.48
N TYR A 32 0.26 3.94 8.55
CA TYR A 32 0.11 4.32 7.12
C TYR A 32 -1.10 3.60 6.53
N ARG A 33 -2.02 4.34 5.97
CA ARG A 33 -3.24 3.71 5.40
C ARG A 33 -2.91 2.91 4.14
N VAL A 34 -3.24 1.64 4.13
CA VAL A 34 -2.97 0.80 2.93
C VAL A 34 -4.29 0.25 2.38
N THR A 35 -4.89 0.95 1.46
CA THR A 35 -6.19 0.49 0.91
C THR A 35 -6.03 -0.08 -0.50
N TYR A 36 -6.93 -0.95 -0.90
CA TYR A 36 -6.85 -1.52 -2.27
C TYR A 36 -8.21 -1.36 -2.95
N SER A 37 -8.31 -0.51 -3.94
CA SER A 37 -9.63 -0.30 -4.62
C SER A 37 -9.76 -1.19 -5.86
N SER A 38 -10.96 -1.65 -6.14
CA SER A 38 -11.18 -2.51 -7.34
C SER A 38 -12.52 -2.14 -7.99
N PRO A 39 -12.47 -1.87 -9.26
CA PRO A 39 -13.70 -1.50 -10.00
C PRO A 39 -14.61 -2.72 -10.17
N GLU A 40 -15.08 -3.28 -9.09
CA GLU A 40 -15.97 -4.47 -9.19
C GLU A 40 -16.58 -4.78 -7.82
N ASP A 41 -15.75 -5.03 -6.84
CA ASP A 41 -16.28 -5.34 -5.48
C ASP A 41 -16.18 -4.09 -4.59
N GLY A 42 -15.28 -3.20 -4.90
CA GLY A 42 -15.14 -1.97 -4.07
C GLY A 42 -13.72 -1.90 -3.53
N ILE A 43 -13.49 -1.03 -2.57
CA ILE A 43 -12.13 -0.92 -1.99
C ILE A 43 -12.12 -1.39 -0.54
N HIS A 44 -10.96 -1.70 -0.02
CA HIS A 44 -10.86 -2.17 1.39
C HIS A 44 -9.84 -1.34 2.15
N GLU A 45 -9.93 -1.29 3.45
CA GLU A 45 -8.95 -0.48 4.23
C GLU A 45 -8.12 -1.37 5.16
N LEU A 46 -6.82 -1.28 5.08
CA LEU A 46 -5.95 -2.10 5.96
C LEU A 46 -5.17 -1.18 6.92
N PHE A 47 -5.15 -1.52 8.17
CA PHE A 47 -4.42 -0.65 9.16
C PHE A 47 -3.39 -1.47 9.95
N PRO A 48 -2.28 -1.73 9.32
CA PRO A 48 -1.21 -2.50 9.97
C PRO A 48 -0.36 -1.58 10.83
N ALA A 49 -0.86 -1.18 11.96
CA ALA A 49 -0.10 -0.27 12.85
C ALA A 49 1.29 -0.85 13.16
N PRO A 50 2.29 -0.24 12.59
CA PRO A 50 3.69 -0.69 12.80
C PRO A 50 4.17 -0.30 14.21
N ASP A 51 5.43 -0.44 14.46
CA ASP A 51 5.97 -0.09 15.81
C ASP A 51 7.10 0.93 15.66
N GLY A 52 7.74 0.99 14.53
CA GLY A 52 8.86 1.97 14.34
C GLY A 52 9.93 1.36 13.43
N GLU A 53 9.54 0.74 12.36
CA GLU A 53 10.55 0.14 11.43
C GLU A 53 9.88 -0.32 10.13
N GLU A 54 8.69 -0.84 10.22
CA GLU A 54 7.99 -1.31 8.99
C GLU A 54 8.02 -0.24 7.90
N ASP A 55 8.42 -0.60 6.70
CA ASP A 55 8.48 0.39 5.60
C ASP A 55 7.90 -0.22 4.31
N THR A 56 7.39 -1.42 4.40
CA THR A 56 6.80 -2.07 3.18
C THR A 56 5.40 -2.62 3.49
N ALA A 57 4.88 -3.47 2.65
CA ALA A 57 3.52 -4.02 2.90
C ALA A 57 3.33 -5.38 2.23
N GLU A 58 2.86 -6.35 2.97
CA GLU A 58 2.64 -7.70 2.39
C GLU A 58 1.16 -7.85 2.02
N LEU A 59 0.78 -7.33 0.89
CA LEU A 59 -0.65 -7.43 0.48
C LEU A 59 -0.90 -8.79 -0.13
N GLN A 60 -1.09 -9.78 0.69
CA GLN A 60 -1.33 -11.15 0.18
C GLN A 60 -2.80 -11.55 0.35
N GLY A 61 -3.50 -11.77 -0.73
CA GLY A 61 -4.93 -12.15 -0.64
C GLY A 61 -5.76 -11.21 -1.51
N LEU A 62 -5.35 -10.99 -2.73
CA LEU A 62 -6.12 -10.08 -3.63
C LEU A 62 -6.91 -10.91 -4.65
N ARG A 63 -7.65 -10.26 -5.51
CA ARG A 63 -8.44 -11.02 -6.52
C ARG A 63 -7.53 -11.45 -7.69
N PRO A 64 -7.91 -12.52 -8.31
CA PRO A 64 -7.14 -13.07 -9.44
C PRO A 64 -7.48 -12.35 -10.75
N GLY A 65 -6.55 -11.60 -11.29
CA GLY A 65 -6.80 -10.89 -12.58
C GLY A 65 -7.57 -9.59 -12.31
N SER A 66 -6.90 -8.58 -11.83
CA SER A 66 -7.61 -7.30 -11.56
C SER A 66 -6.61 -6.18 -11.24
N GLU A 67 -6.60 -5.14 -12.02
CA GLU A 67 -5.67 -4.01 -11.73
C GLU A 67 -6.06 -3.35 -10.41
N TYR A 68 -5.51 -3.80 -9.32
CA TYR A 68 -5.88 -3.21 -8.01
C TYR A 68 -5.20 -1.86 -7.78
N THR A 69 -5.97 -0.81 -7.72
CA THR A 69 -5.38 0.52 -7.49
C THR A 69 -5.12 0.67 -5.98
N VAL A 70 -4.06 0.06 -5.50
CA VAL A 70 -3.77 0.15 -4.04
C VAL A 70 -3.25 1.55 -3.70
N SER A 71 -3.52 2.00 -2.50
CA SER A 71 -3.04 3.36 -2.10
C SER A 71 -2.22 3.29 -0.82
N VAL A 72 -1.06 3.91 -0.80
CA VAL A 72 -0.22 3.90 0.43
C VAL A 72 -0.10 5.31 0.99
N VAL A 73 -0.49 5.51 2.22
CA VAL A 73 -0.41 6.88 2.82
C VAL A 73 0.09 6.82 4.26
N ALA A 74 0.98 7.69 4.62
CA ALA A 74 1.50 7.69 6.02
C ALA A 74 0.61 8.60 6.88
N LEU A 75 0.52 8.35 8.15
CA LEU A 75 -0.35 9.21 9.01
C LEU A 75 0.41 9.71 10.23
N HIS A 76 -0.30 10.22 11.18
CA HIS A 76 0.34 10.74 12.42
C HIS A 76 -0.73 11.20 13.40
N ASP A 77 -1.52 10.31 13.92
CA ASP A 77 -2.59 10.70 14.87
C ASP A 77 -3.66 11.52 14.15
N ASP A 78 -3.28 12.62 13.55
CA ASP A 78 -4.29 13.46 12.82
C ASP A 78 -3.63 14.16 11.64
N MET A 79 -3.18 13.41 10.66
CA MET A 79 -2.53 14.05 9.48
C MET A 79 -2.94 13.33 8.19
N GLU A 80 -2.92 14.01 7.08
CA GLU A 80 -3.29 13.36 5.79
C GLU A 80 -2.28 13.74 4.71
N SER A 81 -1.14 13.10 4.71
CA SER A 81 -0.09 13.43 3.69
C SER A 81 -0.49 12.88 2.31
N GLN A 82 -0.07 13.53 1.26
CA GLN A 82 -0.42 13.05 -0.11
C GLN A 82 -0.29 11.52 -0.18
N PRO A 83 -1.37 10.90 -0.57
CA PRO A 83 -1.40 9.42 -0.67
C PRO A 83 -0.59 8.95 -1.89
N LEU A 84 0.17 7.91 -1.73
CA LEU A 84 0.98 7.38 -2.88
C LEU A 84 0.26 6.19 -3.51
N ILE A 85 -0.44 6.41 -4.59
CA ILE A 85 -1.18 5.30 -5.25
C ILE A 85 -0.25 4.11 -5.53
N GLY A 86 -0.83 3.01 -5.94
CA GLY A 86 -0.02 1.79 -6.24
C GLY A 86 -0.87 0.84 -7.08
N THR A 87 -1.14 1.20 -8.30
CA THR A 87 -2.00 0.34 -9.17
C THR A 87 -1.14 -0.74 -9.87
N GLN A 88 -1.77 -1.80 -10.31
CA GLN A 88 -1.01 -2.89 -10.98
C GLN A 88 -1.95 -4.08 -11.27
N SER A 89 -1.72 -4.79 -12.34
CA SER A 89 -2.60 -5.95 -12.66
C SER A 89 -2.17 -7.19 -11.89
N THR A 90 -3.01 -7.68 -11.02
CA THR A 90 -2.66 -8.89 -10.23
C THR A 90 -2.53 -10.11 -11.16
N ALA A 91 -1.53 -10.93 -10.95
CA ALA A 91 -1.35 -12.13 -11.83
C ALA A 91 -2.64 -12.96 -11.85
N ILE A 92 -2.57 -14.15 -12.36
CA ILE A 92 -3.81 -15.01 -12.40
C ILE A 92 -3.54 -16.38 -11.76
N PRO A 93 -4.62 -17.04 -11.45
CA PRO A 93 -4.53 -18.36 -10.81
C PRO A 93 -4.30 -19.45 -11.86
N ALA A 94 -3.19 -20.13 -11.79
CA ALA A 94 -2.90 -21.19 -12.78
C ALA A 94 -3.29 -22.57 -12.23
N ASN A 1 5.48 18.55 10.12
CA ASN A 1 6.12 18.08 8.84
C ASN A 1 6.38 16.56 8.92
N ILE A 2 6.34 15.90 7.79
CA ILE A 2 6.58 14.43 7.79
C ILE A 2 7.51 14.04 6.61
N ASP A 3 7.90 12.79 6.54
CA ASP A 3 8.81 12.35 5.44
C ASP A 3 8.14 12.50 4.07
N ARG A 4 6.85 12.26 3.99
CA ARG A 4 6.15 12.38 2.68
C ARG A 4 6.75 11.39 1.67
N PRO A 5 5.90 10.53 1.16
CA PRO A 5 6.34 9.53 0.16
C PRO A 5 6.59 10.19 -1.20
N LYS A 6 6.94 9.42 -2.20
CA LYS A 6 7.19 10.00 -3.55
C LYS A 6 6.91 8.96 -4.64
N GLY A 7 7.72 7.92 -4.71
CA GLY A 7 7.51 6.89 -5.75
C GLY A 7 7.78 5.50 -5.16
N LEU A 8 6.76 4.83 -4.70
CA LEU A 8 6.96 3.47 -4.13
C LEU A 8 7.59 2.54 -5.17
N ALA A 9 7.96 1.35 -4.78
CA ALA A 9 8.57 0.40 -5.75
C ALA A 9 7.85 -0.95 -5.72
N PHE A 10 7.90 -1.68 -6.79
CA PHE A 10 7.22 -3.01 -6.82
C PHE A 10 8.27 -4.12 -6.77
N THR A 11 8.09 -5.09 -5.92
CA THR A 11 9.08 -6.20 -5.81
C THR A 11 8.58 -7.43 -6.58
N ASP A 12 7.58 -8.10 -6.05
CA ASP A 12 7.06 -9.31 -6.75
C ASP A 12 5.53 -9.29 -6.77
N VAL A 13 4.94 -9.33 -7.94
CA VAL A 13 3.45 -9.31 -8.03
C VAL A 13 2.91 -10.74 -8.12
N ASP A 14 1.74 -10.97 -7.60
CA ASP A 14 1.16 -12.35 -7.65
C ASP A 14 -0.37 -12.27 -7.52
N VAL A 15 -1.08 -13.14 -8.20
CA VAL A 15 -2.56 -13.12 -8.11
C VAL A 15 -3.01 -13.13 -6.66
N ASP A 16 -2.24 -13.73 -5.79
CA ASP A 16 -2.63 -13.78 -4.36
C ASP A 16 -1.49 -13.26 -3.49
N SER A 17 -0.84 -12.19 -3.90
CA SER A 17 0.28 -11.64 -3.09
C SER A 17 0.96 -10.48 -3.82
N ILE A 18 0.96 -9.31 -3.22
CA ILE A 18 1.61 -8.14 -3.87
C ILE A 18 2.69 -7.58 -2.95
N LYS A 19 3.93 -7.64 -3.36
CA LYS A 19 5.04 -7.11 -2.52
C LYS A 19 5.41 -5.69 -2.94
N ILE A 20 4.81 -4.71 -2.33
CA ILE A 20 5.13 -3.30 -2.72
C ILE A 20 5.94 -2.61 -1.61
N ALA A 21 6.71 -1.61 -1.94
CA ALA A 21 7.51 -0.91 -0.90
C ALA A 21 7.36 0.61 -1.06
N TRP A 22 7.11 1.31 0.02
CA TRP A 22 6.95 2.78 -0.07
C TRP A 22 8.11 3.48 0.65
N GLU A 23 8.41 4.70 0.26
CA GLU A 23 9.53 5.43 0.91
C GLU A 23 9.46 5.27 2.43
N SER A 24 10.55 4.93 3.06
CA SER A 24 10.54 4.75 4.54
C SER A 24 10.50 6.12 5.24
N PRO A 25 9.79 6.17 6.32
CA PRO A 25 9.66 7.43 7.10
C PRO A 25 10.94 7.70 7.88
N GLN A 26 10.99 8.79 8.60
CA GLN A 26 12.22 9.11 9.39
C GLN A 26 11.84 9.71 10.76
N GLY A 27 11.01 10.72 10.75
CA GLY A 27 10.60 11.35 12.04
C GLY A 27 9.90 10.32 12.92
N GLN A 28 8.61 10.17 12.77
CA GLN A 28 7.86 9.19 13.61
C GLN A 28 6.40 9.12 13.16
N VAL A 29 6.05 8.14 12.37
CA VAL A 29 4.64 8.03 11.91
C VAL A 29 3.78 7.29 12.96
N SER A 30 2.55 7.72 13.13
CA SER A 30 1.66 7.06 14.13
C SER A 30 0.99 5.82 13.51
N ARG A 31 0.59 5.92 12.28
CA ARG A 31 -0.06 4.76 11.62
C ARG A 31 0.05 4.87 10.09
N TYR A 32 -0.05 3.77 9.41
CA TYR A 32 0.07 3.81 7.92
C TYR A 32 -1.24 3.33 7.29
N ARG A 33 -2.07 4.25 6.87
CA ARG A 33 -3.35 3.84 6.23
C ARG A 33 -3.09 3.22 4.86
N VAL A 34 -3.31 1.95 4.73
CA VAL A 34 -3.07 1.29 3.41
C VAL A 34 -4.40 0.91 2.76
N THR A 35 -4.90 1.72 1.87
CA THR A 35 -6.20 1.40 1.22
C THR A 35 -5.98 0.83 -0.18
N TYR A 36 -6.84 -0.03 -0.61
CA TYR A 36 -6.68 -0.64 -1.98
C TYR A 36 -8.07 -0.92 -2.56
N SER A 37 -8.17 -1.00 -3.86
CA SER A 37 -9.50 -1.27 -4.47
C SER A 37 -9.38 -2.17 -5.70
N SER A 38 -10.49 -2.56 -6.26
CA SER A 38 -10.47 -3.44 -7.45
C SER A 38 -11.55 -3.01 -8.45
N PRO A 39 -11.50 -3.60 -9.62
CA PRO A 39 -12.49 -3.28 -10.66
C PRO A 39 -13.79 -4.05 -10.44
N GLU A 40 -14.22 -4.18 -9.20
CA GLU A 40 -15.48 -4.92 -8.92
C GLU A 40 -15.68 -5.04 -7.41
N ASP A 41 -14.84 -5.79 -6.74
CA ASP A 41 -14.98 -5.94 -5.26
C ASP A 41 -15.16 -4.56 -4.62
N GLY A 42 -14.62 -3.54 -5.23
CA GLY A 42 -14.75 -2.17 -4.66
C GLY A 42 -13.45 -1.77 -3.96
N ILE A 43 -13.52 -0.92 -2.98
CA ILE A 43 -12.27 -0.49 -2.27
C ILE A 43 -12.25 -0.99 -0.83
N HIS A 44 -11.08 -1.18 -0.28
CA HIS A 44 -10.97 -1.65 1.13
C HIS A 44 -9.95 -0.79 1.87
N GLU A 45 -9.68 -1.09 3.11
CA GLU A 45 -8.70 -0.27 3.87
C GLU A 45 -7.96 -1.13 4.91
N LEU A 46 -6.65 -1.11 4.87
CA LEU A 46 -5.87 -1.91 5.86
C LEU A 46 -5.54 -1.02 7.08
N PHE A 47 -6.07 -1.38 8.22
CA PHE A 47 -5.82 -0.58 9.45
C PHE A 47 -4.55 -1.06 10.21
N PRO A 48 -4.22 -2.35 10.10
CA PRO A 48 -3.03 -2.86 10.81
C PRO A 48 -1.75 -2.36 10.15
N ALA A 49 -1.15 -1.34 10.72
CA ALA A 49 0.10 -0.78 10.15
C ALA A 49 1.26 -1.76 10.34
N PRO A 50 2.41 -1.35 9.86
CA PRO A 50 3.63 -2.19 9.99
C PRO A 50 4.13 -2.20 11.42
N ASP A 51 5.32 -2.71 11.64
CA ASP A 51 5.87 -2.76 13.03
C ASP A 51 7.22 -2.03 13.09
N GLY A 52 7.94 -1.99 12.01
CA GLY A 52 9.26 -1.31 12.03
C GLY A 52 10.12 -1.81 10.87
N GLU A 53 10.25 -3.11 10.74
CA GLU A 53 11.08 -3.66 9.63
C GLU A 53 10.19 -4.01 8.43
N GLU A 54 8.99 -3.52 8.42
CA GLU A 54 8.08 -3.83 7.28
C GLU A 54 7.69 -2.56 6.52
N ASP A 55 8.62 -1.99 5.80
CA ASP A 55 8.32 -0.74 5.04
C ASP A 55 7.59 -1.09 3.73
N THR A 56 7.25 -2.34 3.56
CA THR A 56 6.54 -2.74 2.31
C THR A 56 5.14 -3.29 2.65
N ALA A 57 4.38 -3.64 1.67
CA ALA A 57 3.01 -4.17 1.94
C ALA A 57 2.87 -5.61 1.41
N GLU A 58 2.45 -6.50 2.26
CA GLU A 58 2.27 -7.92 1.84
C GLU A 58 0.78 -8.20 1.63
N LEU A 59 0.25 -7.80 0.52
CA LEU A 59 -1.20 -8.05 0.26
C LEU A 59 -1.38 -9.45 -0.27
N GLN A 60 -1.46 -10.39 0.60
CA GLN A 60 -1.61 -11.80 0.15
C GLN A 60 -3.06 -12.25 0.29
N GLY A 61 -3.71 -12.52 -0.80
CA GLY A 61 -5.14 -12.95 -0.75
C GLY A 61 -5.98 -12.01 -1.61
N LEU A 62 -5.61 -11.83 -2.86
CA LEU A 62 -6.41 -10.92 -3.74
C LEU A 62 -7.13 -11.72 -4.83
N ARG A 63 -7.60 -11.06 -5.85
CA ARG A 63 -8.32 -11.78 -6.95
C ARG A 63 -7.47 -11.78 -8.23
N PRO A 64 -7.60 -12.85 -8.97
CA PRO A 64 -6.84 -13.01 -10.24
C PRO A 64 -7.48 -12.19 -11.37
N GLY A 65 -6.68 -11.64 -12.24
CA GLY A 65 -7.24 -10.85 -13.38
C GLY A 65 -7.90 -9.58 -12.86
N SER A 66 -7.12 -8.67 -12.32
CA SER A 66 -7.71 -7.40 -11.79
C SER A 66 -6.60 -6.41 -11.42
N GLU A 67 -6.68 -5.21 -11.95
CA GLU A 67 -5.64 -4.18 -11.63
C GLU A 67 -5.89 -3.60 -10.23
N TYR A 68 -5.28 -4.17 -9.23
CA TYR A 68 -5.49 -3.66 -7.84
C TYR A 68 -4.84 -2.29 -7.66
N THR A 69 -5.61 -1.29 -7.30
CA THR A 69 -5.04 0.07 -7.09
C THR A 69 -4.86 0.32 -5.58
N VAL A 70 -3.68 0.10 -5.07
CA VAL A 70 -3.45 0.30 -3.61
C VAL A 70 -2.93 1.71 -3.33
N SER A 71 -3.43 2.34 -2.30
CA SER A 71 -2.97 3.71 -1.95
C SER A 71 -2.16 3.67 -0.65
N VAL A 72 -1.00 4.26 -0.64
CA VAL A 72 -0.15 4.25 0.60
C VAL A 72 -0.14 5.63 1.24
N VAL A 73 -0.52 5.72 2.49
CA VAL A 73 -0.52 7.06 3.17
C VAL A 73 0.04 6.94 4.59
N ALA A 74 1.03 7.72 4.91
CA ALA A 74 1.63 7.67 6.28
C ALA A 74 0.96 8.73 7.17
N LEU A 75 0.99 8.57 8.46
CA LEU A 75 0.35 9.56 9.35
C LEU A 75 1.35 10.18 10.34
N HIS A 76 0.90 11.13 11.10
CA HIS A 76 1.78 11.79 12.10
C HIS A 76 0.92 12.22 13.29
N ASP A 77 1.34 13.22 14.01
CA ASP A 77 0.51 13.67 15.18
C ASP A 77 -0.95 13.78 14.74
N ASP A 78 -1.18 14.24 13.54
CA ASP A 78 -2.58 14.38 13.04
C ASP A 78 -2.55 14.97 11.62
N MET A 79 -1.90 14.31 10.70
CA MET A 79 -1.82 14.85 9.30
C MET A 79 -2.16 13.77 8.28
N GLU A 80 -2.32 14.16 7.04
CA GLU A 80 -2.63 13.18 5.96
C GLU A 80 -1.64 13.37 4.81
N SER A 81 -0.40 13.02 5.02
CA SER A 81 0.63 13.19 3.94
C SER A 81 0.05 12.85 2.57
N GLN A 82 0.51 13.52 1.55
CA GLN A 82 -0.01 13.26 0.18
C GLN A 82 -0.17 11.75 -0.03
N PRO A 83 -1.35 11.35 -0.39
CA PRO A 83 -1.64 9.92 -0.62
C PRO A 83 -0.96 9.44 -1.91
N LEU A 84 -0.08 8.48 -1.81
CA LEU A 84 0.60 7.97 -3.03
C LEU A 84 -0.21 6.84 -3.66
N ILE A 85 0.04 6.55 -4.91
CA ILE A 85 -0.73 5.45 -5.57
C ILE A 85 0.21 4.30 -5.95
N GLY A 86 -0.29 3.09 -5.90
CA GLY A 86 0.55 1.91 -6.26
C GLY A 86 -0.34 0.86 -6.92
N THR A 87 -0.64 1.01 -8.18
CA THR A 87 -1.51 0.03 -8.87
C THR A 87 -0.68 -1.10 -9.49
N GLN A 88 -1.29 -2.23 -9.74
CA GLN A 88 -0.54 -3.38 -10.35
C GLN A 88 -1.51 -4.50 -10.75
N SER A 89 -1.25 -5.15 -11.85
CA SER A 89 -2.16 -6.25 -12.28
C SER A 89 -1.81 -7.56 -11.56
N THR A 90 -2.78 -8.21 -10.98
CA THR A 90 -2.51 -9.48 -10.26
C THR A 90 -2.04 -10.56 -11.24
N ALA A 91 -0.97 -11.24 -10.91
CA ALA A 91 -0.47 -12.31 -11.83
C ALA A 91 -1.24 -13.61 -11.62
N ILE A 92 -2.18 -13.90 -12.49
CA ILE A 92 -2.98 -15.15 -12.32
C ILE A 92 -2.05 -16.37 -12.21
N PRO A 93 -2.63 -17.46 -11.80
CA PRO A 93 -1.86 -18.70 -11.64
C PRO A 93 -1.69 -19.41 -12.98
N ALA A 94 -0.52 -19.36 -13.55
CA ALA A 94 -0.30 -20.02 -14.87
C ALA A 94 0.40 -21.37 -14.67
N ASN A 1 4.50 17.15 11.60
CA ASN A 1 4.58 17.23 10.10
C ASN A 1 4.48 15.82 9.50
N ILE A 2 4.14 15.73 8.24
CA ILE A 2 4.03 14.41 7.59
C ILE A 2 5.10 14.27 6.49
N ASP A 3 6.03 13.37 6.67
CA ASP A 3 7.11 13.19 5.65
C ASP A 3 6.54 12.68 4.32
N ARG A 4 5.30 12.24 4.32
CA ARG A 4 4.64 11.72 3.05
C ARG A 4 5.67 11.10 2.09
N PRO A 5 5.69 9.79 2.08
CA PRO A 5 6.63 9.05 1.21
C PRO A 5 6.24 9.21 -0.27
N LYS A 6 7.00 8.63 -1.17
CA LYS A 6 6.69 8.76 -2.61
C LYS A 6 7.62 7.87 -3.45
N GLY A 7 7.22 7.53 -4.65
CA GLY A 7 8.07 6.68 -5.51
C GLY A 7 8.06 5.23 -5.00
N LEU A 8 6.95 4.78 -4.48
CA LEU A 8 6.87 3.39 -3.96
C LEU A 8 7.56 2.42 -4.94
N ALA A 9 8.01 1.28 -4.46
CA ALA A 9 8.67 0.30 -5.37
C ALA A 9 7.90 -1.02 -5.37
N PHE A 10 8.26 -1.93 -6.24
CA PHE A 10 7.55 -3.24 -6.29
C PHE A 10 8.56 -4.39 -6.28
N THR A 11 8.21 -5.49 -5.67
CA THR A 11 9.15 -6.64 -5.62
C THR A 11 8.57 -7.83 -6.41
N ASP A 12 7.39 -8.26 -6.06
CA ASP A 12 6.79 -9.42 -6.77
C ASP A 12 5.26 -9.31 -6.76
N VAL A 13 4.63 -9.45 -7.89
CA VAL A 13 3.15 -9.36 -7.94
C VAL A 13 2.54 -10.70 -8.38
N ASP A 14 1.79 -11.33 -7.52
CA ASP A 14 1.18 -12.65 -7.90
C ASP A 14 -0.34 -12.55 -7.90
N VAL A 15 -1.01 -13.40 -8.64
CA VAL A 15 -2.49 -13.36 -8.69
C VAL A 15 -3.06 -13.25 -7.27
N ASP A 16 -2.36 -13.78 -6.30
CA ASP A 16 -2.85 -13.72 -4.90
C ASP A 16 -1.72 -13.39 -3.94
N SER A 17 -0.87 -12.45 -4.30
CA SER A 17 0.26 -12.09 -3.41
C SER A 17 1.11 -10.99 -4.06
N ILE A 18 1.15 -9.83 -3.47
CA ILE A 18 1.96 -8.72 -4.04
C ILE A 18 2.82 -8.07 -2.96
N LYS A 19 4.09 -7.90 -3.22
CA LYS A 19 4.98 -7.26 -2.21
C LYS A 19 5.40 -5.87 -2.70
N ILE A 20 4.95 -4.83 -2.04
CA ILE A 20 5.33 -3.46 -2.48
C ILE A 20 6.06 -2.72 -1.36
N ALA A 21 6.86 -1.74 -1.70
CA ALA A 21 7.60 -0.99 -0.65
C ALA A 21 7.54 0.52 -0.93
N TRP A 22 7.29 1.30 0.09
CA TRP A 22 7.23 2.79 -0.12
C TRP A 22 8.25 3.48 0.78
N GLU A 23 8.66 4.67 0.41
CA GLU A 23 9.64 5.41 1.24
C GLU A 23 9.29 5.27 2.73
N SER A 24 10.19 4.74 3.51
CA SER A 24 9.90 4.58 4.97
C SER A 24 9.50 5.93 5.59
N PRO A 25 8.96 5.84 6.77
CA PRO A 25 8.52 7.06 7.49
C PRO A 25 9.73 7.80 8.04
N GLN A 26 9.73 9.11 7.93
CA GLN A 26 10.90 9.88 8.45
C GLN A 26 10.44 11.15 9.19
N GLY A 27 9.18 11.47 9.16
CA GLY A 27 8.69 12.69 9.86
C GLY A 27 7.75 12.29 11.00
N GLN A 28 8.27 11.63 12.01
CA GLN A 28 7.40 11.20 13.14
C GLN A 28 6.08 10.62 12.62
N VAL A 29 6.00 9.32 12.52
CA VAL A 29 4.76 8.68 12.01
C VAL A 29 4.21 7.69 13.05
N SER A 30 2.94 7.77 13.34
CA SER A 30 2.35 6.84 14.34
C SER A 30 1.72 5.63 13.62
N ARG A 31 1.32 5.81 12.38
CA ARG A 31 0.71 4.68 11.63
C ARG A 31 0.39 5.11 10.20
N TYR A 32 0.17 4.16 9.32
CA TYR A 32 -0.15 4.51 7.91
C TYR A 32 -1.30 3.64 7.39
N ARG A 33 -2.28 4.23 6.80
CA ARG A 33 -3.42 3.44 6.28
C ARG A 33 -3.16 3.00 4.82
N VAL A 34 -3.07 1.72 4.60
CA VAL A 34 -2.82 1.23 3.21
C VAL A 34 -4.15 0.88 2.54
N THR A 35 -4.72 1.80 1.83
CA THR A 35 -6.04 1.52 1.17
C THR A 35 -5.84 0.95 -0.24
N TYR A 36 -6.73 0.11 -0.68
CA TYR A 36 -6.62 -0.47 -2.05
C TYR A 36 -8.02 -0.83 -2.57
N SER A 37 -8.20 -0.90 -3.86
CA SER A 37 -9.55 -1.23 -4.39
C SER A 37 -9.50 -2.24 -5.52
N SER A 38 -10.63 -2.83 -5.83
CA SER A 38 -10.68 -3.85 -6.93
C SER A 38 -11.96 -3.64 -7.76
N PRO A 39 -12.14 -4.52 -8.71
CA PRO A 39 -13.32 -4.45 -9.58
C PRO A 39 -14.53 -5.15 -8.92
N GLU A 40 -14.55 -5.26 -7.61
CA GLU A 40 -15.70 -5.94 -6.94
C GLU A 40 -15.94 -5.35 -5.54
N ASP A 41 -15.22 -5.81 -4.56
CA ASP A 41 -15.40 -5.28 -3.18
C ASP A 41 -15.16 -3.77 -3.15
N GLY A 42 -14.54 -3.25 -4.17
CA GLY A 42 -14.28 -1.79 -4.20
C GLY A 42 -13.01 -1.48 -3.40
N ILE A 43 -12.94 -0.32 -2.81
CA ILE A 43 -11.71 0.04 -2.01
C ILE A 43 -11.91 -0.30 -0.53
N HIS A 44 -10.82 -0.55 0.16
CA HIS A 44 -10.90 -0.88 1.61
C HIS A 44 -9.75 -0.19 2.34
N GLU A 45 -9.75 -0.22 3.64
CA GLU A 45 -8.65 0.45 4.40
C GLU A 45 -7.88 -0.54 5.29
N LEU A 46 -6.64 -0.79 4.97
CA LEU A 46 -5.84 -1.72 5.81
C LEU A 46 -4.94 -0.90 6.73
N PHE A 47 -4.61 -1.41 7.89
CA PHE A 47 -3.75 -0.61 8.82
C PHE A 47 -2.82 -1.50 9.64
N PRO A 48 -1.86 -2.10 8.96
CA PRO A 48 -0.88 -2.95 9.64
C PRO A 48 0.18 -2.07 10.30
N ALA A 49 -0.13 -1.53 11.46
CA ALA A 49 0.83 -0.62 12.19
C ALA A 49 2.30 -0.97 11.85
N PRO A 50 3.08 0.06 11.66
CA PRO A 50 4.51 -0.12 11.33
C PRO A 50 5.31 -0.52 12.57
N ASP A 51 6.59 -0.38 12.50
CA ASP A 51 7.45 -0.74 13.66
C ASP A 51 8.83 -0.10 13.54
N GLY A 52 9.34 -0.01 12.32
CA GLY A 52 10.68 0.61 12.13
C GLY A 52 11.30 0.10 10.82
N GLU A 53 11.31 -1.19 10.62
CA GLU A 53 11.90 -1.74 9.37
C GLU A 53 10.80 -2.28 8.45
N GLU A 54 9.56 -2.15 8.85
CA GLU A 54 8.44 -2.65 8.00
C GLU A 54 7.97 -1.54 7.06
N ASP A 55 8.80 -1.15 6.13
CA ASP A 55 8.40 -0.07 5.17
C ASP A 55 7.82 -0.68 3.89
N THR A 56 7.32 -1.90 3.97
CA THR A 56 6.74 -2.54 2.76
C THR A 56 5.37 -3.15 3.10
N ALA A 57 4.67 -3.67 2.13
CA ALA A 57 3.34 -4.26 2.40
C ALA A 57 3.25 -5.70 1.89
N GLU A 58 2.77 -6.60 2.71
CA GLU A 58 2.62 -8.02 2.29
C GLU A 58 1.16 -8.29 1.92
N LEU A 59 0.76 -7.86 0.76
CA LEU A 59 -0.65 -8.09 0.33
C LEU A 59 -0.80 -9.49 -0.20
N GLN A 60 -1.07 -10.42 0.66
CA GLN A 60 -1.21 -11.82 0.22
C GLN A 60 -2.68 -12.24 0.21
N GLY A 61 -3.20 -12.57 -0.95
CA GLY A 61 -4.63 -12.98 -1.04
C GLY A 61 -5.47 -11.83 -1.61
N LEU A 62 -5.44 -11.63 -2.90
CA LEU A 62 -6.23 -10.51 -3.51
C LEU A 62 -7.12 -11.03 -4.64
N ARG A 63 -7.47 -10.19 -5.57
CA ARG A 63 -8.33 -10.63 -6.72
C ARG A 63 -7.45 -11.19 -7.84
N PRO A 64 -7.90 -12.30 -8.38
CA PRO A 64 -7.14 -12.97 -9.47
C PRO A 64 -7.40 -12.28 -10.83
N GLY A 65 -6.39 -11.65 -11.38
CA GLY A 65 -6.54 -10.98 -12.70
C GLY A 65 -7.36 -9.70 -12.56
N SER A 66 -6.80 -8.70 -11.94
CA SER A 66 -7.56 -7.43 -11.79
C SER A 66 -6.59 -6.27 -11.50
N GLU A 67 -6.78 -5.16 -12.17
CA GLU A 67 -5.88 -4.00 -11.92
C GLU A 67 -6.01 -3.57 -10.47
N TYR A 68 -5.20 -4.12 -9.61
CA TYR A 68 -5.29 -3.78 -8.17
C TYR A 68 -4.83 -2.33 -7.94
N THR A 69 -5.75 -1.46 -7.59
CA THR A 69 -5.39 -0.04 -7.34
C THR A 69 -5.12 0.18 -5.85
N VAL A 70 -3.89 0.17 -5.45
CA VAL A 70 -3.57 0.36 -4.01
C VAL A 70 -3.06 1.78 -3.76
N SER A 71 -3.31 2.31 -2.58
CA SER A 71 -2.84 3.68 -2.27
C SER A 71 -2.15 3.68 -0.89
N VAL A 72 -0.94 4.17 -0.82
CA VAL A 72 -0.22 4.20 0.49
C VAL A 72 -0.40 5.57 1.16
N VAL A 73 -0.93 5.61 2.35
CA VAL A 73 -1.13 6.92 3.04
C VAL A 73 -0.56 6.89 4.45
N ALA A 74 0.20 7.89 4.81
CA ALA A 74 0.78 7.94 6.19
C ALA A 74 -0.17 8.70 7.11
N LEU A 75 0.09 8.70 8.40
CA LEU A 75 -0.83 9.41 9.34
C LEU A 75 -0.04 10.27 10.33
N HIS A 76 -0.75 10.86 11.27
CA HIS A 76 -0.08 11.71 12.30
C HIS A 76 -1.15 12.41 13.13
N ASP A 77 -1.65 11.77 14.15
CA ASP A 77 -2.71 12.40 15.00
C ASP A 77 -4.01 12.49 14.20
N ASP A 78 -3.98 13.11 13.06
CA ASP A 78 -5.21 13.21 12.23
C ASP A 78 -4.88 13.84 10.87
N MET A 79 -3.84 13.36 10.23
CA MET A 79 -3.45 13.92 8.91
C MET A 79 -3.76 12.94 7.77
N GLU A 80 -4.11 13.46 6.63
CA GLU A 80 -4.40 12.56 5.47
C GLU A 80 -3.29 12.72 4.44
N SER A 81 -2.06 12.49 4.84
CA SER A 81 -0.89 12.63 3.92
C SER A 81 -1.26 12.26 2.48
N GLN A 82 -0.74 12.97 1.52
CA GLN A 82 -1.05 12.65 0.10
C GLN A 82 -1.02 11.14 -0.11
N PRO A 83 -2.13 10.61 -0.54
CA PRO A 83 -2.25 9.15 -0.78
C PRO A 83 -1.40 8.72 -1.98
N LEU A 84 -0.37 7.95 -1.75
CA LEU A 84 0.49 7.48 -2.88
C LEU A 84 -0.19 6.30 -3.58
N ILE A 85 -0.45 6.42 -4.86
CA ILE A 85 -1.13 5.31 -5.60
C ILE A 85 -0.13 4.22 -6.02
N GLY A 86 -0.57 2.99 -6.02
CA GLY A 86 0.31 1.86 -6.43
C GLY A 86 -0.53 0.83 -7.19
N THR A 87 -0.81 1.10 -8.44
CA THR A 87 -1.64 0.15 -9.24
C THR A 87 -0.78 -0.94 -9.87
N GLN A 88 -1.38 -2.02 -10.29
CA GLN A 88 -0.61 -3.12 -10.92
C GLN A 88 -1.55 -4.28 -11.27
N SER A 89 -1.46 -4.78 -12.47
CA SER A 89 -2.35 -5.90 -12.87
C SER A 89 -1.93 -7.21 -12.18
N THR A 90 -2.82 -7.83 -11.46
CA THR A 90 -2.46 -9.10 -10.76
C THR A 90 -2.43 -10.26 -11.77
N ALA A 91 -1.47 -11.13 -11.66
CA ALA A 91 -1.39 -12.27 -12.61
C ALA A 91 -2.51 -13.27 -12.30
N ILE A 92 -2.53 -14.40 -12.97
CA ILE A 92 -3.60 -15.39 -12.69
C ILE A 92 -3.03 -16.82 -12.45
N PRO A 93 -1.76 -16.93 -12.05
CA PRO A 93 -1.18 -18.27 -11.80
C PRO A 93 -1.71 -18.85 -10.48
N ALA A 94 -2.96 -19.23 -10.44
CA ALA A 94 -3.52 -19.81 -9.18
C ALA A 94 -3.34 -21.32 -9.17
N ASN A 1 2.40 20.21 7.51
CA ASN A 1 2.03 18.89 6.93
C ASN A 1 3.12 17.86 7.21
N ILE A 2 3.09 16.75 6.51
CA ILE A 2 4.11 15.70 6.75
C ILE A 2 5.14 15.69 5.60
N ASP A 3 6.17 14.89 5.73
CA ASP A 3 7.22 14.83 4.66
C ASP A 3 6.60 14.47 3.30
N ARG A 4 5.47 13.81 3.30
CA ARG A 4 4.84 13.43 2.00
C ARG A 4 5.75 12.47 1.23
N PRO A 5 5.42 11.20 1.31
CA PRO A 5 6.21 10.16 0.62
C PRO A 5 5.97 10.19 -0.89
N LYS A 6 6.63 9.33 -1.63
CA LYS A 6 6.45 9.30 -3.11
C LYS A 6 7.47 8.36 -3.75
N GLY A 7 7.10 7.69 -4.81
CA GLY A 7 8.05 6.76 -5.47
C GLY A 7 8.08 5.43 -4.71
N LEU A 8 7.11 4.60 -4.92
CA LEU A 8 7.09 3.28 -4.20
C LEU A 8 7.77 2.20 -5.07
N ALA A 9 8.32 1.18 -4.45
CA ALA A 9 8.99 0.11 -5.24
C ALA A 9 8.14 -1.17 -5.24
N PHE A 10 8.49 -2.12 -6.07
CA PHE A 10 7.69 -3.39 -6.11
C PHE A 10 8.62 -4.60 -5.97
N THR A 11 8.27 -5.54 -5.14
CA THR A 11 9.12 -6.75 -4.96
C THR A 11 8.60 -7.90 -5.84
N ASP A 12 7.50 -8.49 -5.46
CA ASP A 12 6.92 -9.60 -6.26
C ASP A 12 5.41 -9.44 -6.38
N VAL A 13 4.89 -9.52 -7.56
CA VAL A 13 3.41 -9.36 -7.73
C VAL A 13 2.74 -10.72 -7.97
N ASP A 14 1.62 -10.96 -7.34
CA ASP A 14 0.91 -12.25 -7.54
C ASP A 14 -0.60 -12.01 -7.59
N VAL A 15 -1.31 -12.79 -8.35
CA VAL A 15 -2.78 -12.61 -8.44
C VAL A 15 -3.40 -12.45 -7.04
N ASP A 16 -2.85 -13.10 -6.06
CA ASP A 16 -3.41 -12.98 -4.69
C ASP A 16 -2.29 -12.74 -3.68
N SER A 17 -1.33 -11.94 -4.03
CA SER A 17 -0.20 -11.67 -3.08
C SER A 17 0.82 -10.73 -3.75
N ILE A 18 0.95 -9.54 -3.25
CA ILE A 18 1.92 -8.59 -3.86
C ILE A 18 2.77 -7.92 -2.78
N LYS A 19 4.07 -7.94 -2.92
CA LYS A 19 4.96 -7.29 -1.92
C LYS A 19 5.31 -5.89 -2.39
N ILE A 20 4.88 -4.88 -1.69
CA ILE A 20 5.20 -3.49 -2.13
C ILE A 20 5.97 -2.73 -1.05
N ALA A 21 6.79 -1.79 -1.44
CA ALA A 21 7.58 -1.01 -0.45
C ALA A 21 7.59 0.46 -0.87
N TRP A 22 7.19 1.35 0.01
CA TRP A 22 7.19 2.81 -0.36
C TRP A 22 8.31 3.55 0.35
N GLU A 23 8.50 4.80 0.01
CA GLU A 23 9.58 5.60 0.66
C GLU A 23 9.13 6.05 2.06
N SER A 24 10.00 5.96 3.03
CA SER A 24 9.63 6.38 4.40
C SER A 24 9.88 7.89 4.58
N PRO A 25 9.07 8.48 5.40
CA PRO A 25 9.20 9.93 5.67
C PRO A 25 10.40 10.21 6.57
N GLN A 26 10.51 11.41 7.08
CA GLN A 26 11.66 11.75 7.96
C GLN A 26 11.19 11.81 9.42
N GLY A 27 9.96 12.19 9.64
CA GLY A 27 9.44 12.26 11.02
C GLY A 27 8.76 10.95 11.37
N GLN A 28 9.52 9.89 11.40
CA GLN A 28 8.93 8.56 11.72
C GLN A 28 7.55 8.43 11.10
N VAL A 29 6.70 7.69 11.73
CA VAL A 29 5.33 7.50 11.18
C VAL A 29 4.40 6.95 12.27
N SER A 30 3.43 7.71 12.69
CA SER A 30 2.50 7.21 13.74
C SER A 30 1.62 6.09 13.17
N ARG A 31 1.55 6.01 11.87
CA ARG A 31 0.73 4.95 11.23
C ARG A 31 0.58 5.24 9.73
N TYR A 32 0.27 4.25 8.95
CA TYR A 32 0.11 4.48 7.49
C TYR A 32 -1.12 3.74 6.98
N ARG A 33 -2.09 4.45 6.46
CA ARG A 33 -3.31 3.77 5.94
C ARG A 33 -3.08 3.20 4.55
N VAL A 34 -3.02 1.89 4.44
CA VAL A 34 -2.80 1.26 3.11
C VAL A 34 -4.13 0.73 2.57
N THR A 35 -4.75 1.47 1.69
CA THR A 35 -6.07 1.01 1.15
C THR A 35 -5.89 0.49 -0.29
N TYR A 36 -6.63 -0.53 -0.64
CA TYR A 36 -6.52 -1.08 -2.03
C TYR A 36 -7.91 -1.28 -2.63
N SER A 37 -8.12 -0.84 -3.84
CA SER A 37 -9.48 -0.99 -4.46
C SER A 37 -9.44 -1.97 -5.63
N SER A 38 -10.54 -2.66 -5.84
CA SER A 38 -10.61 -3.64 -6.97
C SER A 38 -11.87 -3.37 -7.80
N PRO A 39 -11.72 -3.53 -9.08
CA PRO A 39 -12.87 -3.31 -10.00
C PRO A 39 -13.86 -4.47 -9.91
N GLU A 40 -14.46 -4.67 -8.76
CA GLU A 40 -15.45 -5.78 -8.64
C GLU A 40 -15.88 -5.95 -7.16
N ASP A 41 -14.97 -6.34 -6.31
CA ASP A 41 -15.33 -6.52 -4.88
C ASP A 41 -15.44 -5.16 -4.18
N GLY A 42 -14.67 -4.21 -4.60
CA GLY A 42 -14.72 -2.86 -3.96
C GLY A 42 -13.34 -2.48 -3.44
N ILE A 43 -13.26 -2.04 -2.21
CA ILE A 43 -11.93 -1.66 -1.64
C ILE A 43 -11.81 -2.12 -0.19
N HIS A 44 -10.61 -2.37 0.26
CA HIS A 44 -10.41 -2.81 1.66
C HIS A 44 -9.40 -1.89 2.34
N GLU A 45 -9.13 -2.09 3.60
CA GLU A 45 -8.15 -1.18 4.28
C GLU A 45 -7.13 -1.97 5.12
N LEU A 46 -5.94 -1.45 5.20
CA LEU A 46 -4.87 -2.11 6.00
C LEU A 46 -4.08 -1.03 6.74
N PHE A 47 -3.99 -1.11 8.03
CA PHE A 47 -3.24 -0.04 8.77
C PHE A 47 -2.60 -0.58 10.07
N PRO A 48 -1.90 -1.67 9.93
CA PRO A 48 -1.22 -2.26 11.09
C PRO A 48 -0.04 -1.37 11.48
N ALA A 49 -0.21 -0.56 12.51
CA ALA A 49 0.88 0.37 12.95
C ALA A 49 2.26 -0.25 12.70
N PRO A 50 3.16 0.57 12.22
CA PRO A 50 4.53 0.10 11.91
C PRO A 50 5.33 -0.11 13.19
N ASP A 51 6.54 -0.59 13.06
CA ASP A 51 7.37 -0.82 14.28
C ASP A 51 8.65 0.03 14.22
N GLY A 52 9.13 0.32 13.04
CA GLY A 52 10.37 1.14 12.92
C GLY A 52 11.30 0.54 11.87
N GLU A 53 11.07 -0.69 11.51
CA GLU A 53 11.95 -1.34 10.50
C GLU A 53 11.11 -1.94 9.36
N GLU A 54 9.88 -1.52 9.24
CA GLU A 54 9.02 -2.07 8.15
C GLU A 54 8.34 -0.93 7.38
N ASP A 55 8.65 -0.80 6.12
CA ASP A 55 8.02 0.29 5.31
C ASP A 55 7.33 -0.31 4.08
N THR A 56 7.05 -1.58 4.11
CA THR A 56 6.37 -2.23 2.95
C THR A 56 5.01 -2.78 3.36
N ALA A 57 4.35 -3.51 2.50
CA ALA A 57 3.01 -4.07 2.86
C ALA A 57 2.80 -5.44 2.21
N GLU A 58 2.05 -6.30 2.84
CA GLU A 58 1.78 -7.65 2.27
C GLU A 58 0.33 -7.74 1.78
N LEU A 59 0.08 -7.38 0.56
CA LEU A 59 -1.31 -7.45 0.03
C LEU A 59 -1.60 -8.88 -0.39
N GLN A 60 -1.88 -9.73 0.55
CA GLN A 60 -2.14 -11.15 0.22
C GLN A 60 -3.65 -11.42 0.22
N GLY A 61 -4.13 -12.16 -0.76
CA GLY A 61 -5.59 -12.46 -0.83
C GLY A 61 -6.29 -11.36 -1.62
N LEU A 62 -6.00 -11.25 -2.89
CA LEU A 62 -6.64 -10.18 -3.72
C LEU A 62 -7.43 -10.79 -4.89
N ARG A 63 -8.02 -9.95 -5.72
CA ARG A 63 -8.80 -10.46 -6.88
C ARG A 63 -7.84 -10.86 -8.02
N PRO A 64 -8.20 -11.91 -8.70
CA PRO A 64 -7.36 -12.41 -9.81
C PRO A 64 -7.68 -11.70 -11.14
N GLY A 65 -6.68 -11.17 -11.80
CA GLY A 65 -6.91 -10.49 -13.10
C GLY A 65 -7.59 -9.12 -12.90
N SER A 66 -6.89 -8.18 -12.32
CA SER A 66 -7.51 -6.84 -12.13
C SER A 66 -6.44 -5.81 -11.73
N GLU A 67 -6.42 -4.67 -12.41
CA GLU A 67 -5.43 -3.62 -12.06
C GLU A 67 -5.72 -3.11 -10.65
N TYR A 68 -5.02 -3.62 -9.67
CA TYR A 68 -5.27 -3.19 -8.27
C TYR A 68 -4.81 -1.76 -8.04
N THR A 69 -5.72 -0.88 -7.70
CA THR A 69 -5.35 0.53 -7.44
C THR A 69 -5.09 0.73 -5.94
N VAL A 70 -3.93 0.34 -5.49
CA VAL A 70 -3.61 0.49 -4.03
C VAL A 70 -3.27 1.93 -3.70
N SER A 71 -3.54 2.35 -2.50
CA SER A 71 -3.24 3.76 -2.12
C SER A 71 -2.48 3.80 -0.78
N VAL A 72 -1.17 3.82 -0.83
CA VAL A 72 -0.39 3.87 0.44
C VAL A 72 -0.44 5.29 1.02
N VAL A 73 -0.72 5.44 2.28
CA VAL A 73 -0.79 6.81 2.87
C VAL A 73 -0.11 6.86 4.24
N ALA A 74 0.65 7.89 4.50
CA ALA A 74 1.33 8.01 5.82
C ALA A 74 0.47 8.85 6.76
N LEU A 75 0.77 8.87 8.03
CA LEU A 75 -0.06 9.67 8.97
C LEU A 75 0.80 10.42 9.98
N HIS A 76 0.26 11.48 10.54
CA HIS A 76 1.01 12.28 11.54
C HIS A 76 0.05 12.63 12.69
N ASP A 77 0.33 13.69 13.43
CA ASP A 77 -0.59 14.06 14.54
C ASP A 77 -2.03 13.99 14.04
N ASP A 78 -2.24 14.36 12.80
CA ASP A 78 -3.61 14.32 12.22
C ASP A 78 -3.54 14.79 10.75
N MET A 79 -2.72 14.15 9.96
CA MET A 79 -2.58 14.57 8.53
C MET A 79 -2.95 13.43 7.57
N GLU A 80 -2.96 13.72 6.30
CA GLU A 80 -3.28 12.68 5.29
C GLU A 80 -2.33 12.83 4.10
N SER A 81 -1.06 12.58 4.32
CA SER A 81 -0.05 12.70 3.21
C SER A 81 -0.63 12.22 1.87
N GLN A 82 -0.22 12.81 0.78
CA GLN A 82 -0.75 12.39 -0.54
C GLN A 82 -0.82 10.86 -0.60
N PRO A 83 -1.94 10.38 -1.05
CA PRO A 83 -2.15 8.92 -1.15
C PRO A 83 -1.30 8.34 -2.30
N LEU A 84 -0.11 7.92 -2.02
CA LEU A 84 0.76 7.34 -3.10
C LEU A 84 0.07 6.09 -3.67
N ILE A 85 -0.56 6.21 -4.79
CA ILE A 85 -1.27 5.04 -5.37
C ILE A 85 -0.28 3.97 -5.84
N GLY A 86 -0.75 2.77 -6.00
CA GLY A 86 0.13 1.65 -6.45
C GLY A 86 -0.67 0.79 -7.42
N THR A 87 -0.82 1.23 -8.64
CA THR A 87 -1.60 0.43 -9.63
C THR A 87 -0.74 -0.61 -10.33
N GLN A 88 -1.29 -1.76 -10.59
CA GLN A 88 -0.51 -2.84 -11.28
C GLN A 88 -1.45 -4.00 -11.63
N SER A 89 -1.33 -4.54 -12.81
CA SER A 89 -2.23 -5.67 -13.20
C SER A 89 -1.88 -6.93 -12.42
N THR A 90 -2.76 -7.39 -11.58
CA THR A 90 -2.48 -8.62 -10.77
C THR A 90 -2.52 -9.86 -11.67
N ALA A 91 -1.54 -10.72 -11.54
CA ALA A 91 -1.53 -11.97 -12.38
C ALA A 91 -2.84 -12.72 -12.18
N ILE A 92 -2.89 -13.96 -12.60
CA ILE A 92 -4.15 -14.74 -12.41
C ILE A 92 -3.83 -16.19 -12.00
N PRO A 93 -4.83 -16.86 -11.52
CA PRO A 93 -4.68 -18.26 -11.08
C PRO A 93 -4.70 -19.20 -12.29
N ALA A 94 -3.60 -19.83 -12.59
CA ALA A 94 -3.57 -20.76 -13.75
C ALA A 94 -4.34 -22.05 -13.43
N ASN A 1 4.52 16.67 11.73
CA ASN A 1 4.59 16.88 10.25
C ASN A 1 5.13 15.62 9.56
N ILE A 2 4.39 15.08 8.62
CA ILE A 2 4.87 13.86 7.91
C ILE A 2 5.82 14.25 6.77
N ASP A 3 6.52 13.32 6.21
CA ASP A 3 7.45 13.65 5.11
C ASP A 3 6.88 13.21 3.74
N ARG A 4 5.79 12.50 3.75
CA ARG A 4 5.19 12.04 2.47
C ARG A 4 6.18 11.19 1.68
N PRO A 5 5.68 10.12 1.16
CA PRO A 5 6.51 9.18 0.36
C PRO A 5 6.98 9.85 -0.93
N LYS A 6 7.68 9.14 -1.77
CA LYS A 6 8.19 9.75 -3.04
C LYS A 6 7.96 8.79 -4.22
N GLY A 7 8.30 7.53 -4.06
CA GLY A 7 8.11 6.57 -5.19
C GLY A 7 8.08 5.13 -4.65
N LEU A 8 6.94 4.50 -4.69
CA LEU A 8 6.84 3.10 -4.18
C LEU A 8 7.62 2.14 -5.11
N ALA A 9 7.99 0.98 -4.61
CA ALA A 9 8.74 0.01 -5.46
C ALA A 9 7.99 -1.33 -5.53
N PHE A 10 8.27 -2.12 -6.52
CA PHE A 10 7.57 -3.43 -6.65
C PHE A 10 8.55 -4.58 -6.40
N THR A 11 8.34 -5.33 -5.35
CA THR A 11 9.26 -6.46 -5.05
C THR A 11 8.71 -7.76 -5.66
N ASP A 12 7.47 -8.07 -5.39
CA ASP A 12 6.88 -9.31 -5.95
C ASP A 12 5.36 -9.16 -6.10
N VAL A 13 4.88 -9.14 -7.31
CA VAL A 13 3.42 -8.99 -7.53
C VAL A 13 2.79 -10.34 -7.89
N ASP A 14 1.77 -10.75 -7.19
CA ASP A 14 1.14 -12.07 -7.49
C ASP A 14 -0.39 -11.92 -7.53
N VAL A 15 -1.06 -12.80 -8.22
CA VAL A 15 -2.55 -12.71 -8.31
C VAL A 15 -3.18 -12.76 -6.91
N ASP A 16 -2.52 -13.37 -5.96
CA ASP A 16 -3.10 -13.44 -4.59
C ASP A 16 -2.18 -12.74 -3.57
N SER A 17 -1.42 -11.78 -4.01
CA SER A 17 -0.51 -11.05 -3.05
C SER A 17 0.33 -10.01 -3.80
N ILE A 18 0.49 -8.85 -3.23
CA ILE A 18 1.32 -7.80 -3.89
C ILE A 18 2.34 -7.24 -2.91
N LYS A 19 3.58 -7.64 -3.03
CA LYS A 19 4.63 -7.12 -2.11
C LYS A 19 5.13 -5.77 -2.61
N ILE A 20 5.05 -4.75 -1.80
CA ILE A 20 5.51 -3.41 -2.25
C ILE A 20 6.19 -2.64 -1.12
N ALA A 21 7.07 -1.73 -1.46
CA ALA A 21 7.78 -0.94 -0.42
C ALA A 21 7.72 0.55 -0.77
N TRP A 22 7.03 1.33 0.02
CA TRP A 22 6.96 2.79 -0.29
C TRP A 22 8.08 3.56 0.41
N GLU A 23 8.62 4.56 -0.23
CA GLU A 23 9.72 5.34 0.38
C GLU A 23 9.42 5.61 1.86
N SER A 24 10.44 5.62 2.69
CA SER A 24 10.21 5.85 4.15
C SER A 24 10.14 7.34 4.46
N PRO A 25 9.31 7.66 5.43
CA PRO A 25 9.15 9.07 5.85
C PRO A 25 10.33 9.51 6.71
N GLN A 26 10.33 10.73 7.15
CA GLN A 26 11.45 11.22 8.00
C GLN A 26 11.67 10.26 9.17
N GLY A 27 10.64 9.57 9.57
CA GLY A 27 10.78 8.61 10.71
C GLY A 27 9.64 8.83 11.69
N GLN A 28 9.60 9.94 12.35
CA GLN A 28 8.50 10.21 13.33
C GLN A 28 7.15 9.87 12.68
N VAL A 29 6.52 8.82 13.13
CA VAL A 29 5.20 8.44 12.54
C VAL A 29 4.33 7.76 13.61
N SER A 30 3.04 7.97 13.55
CA SER A 30 2.14 7.32 14.55
C SER A 30 1.38 6.16 13.91
N ARG A 31 1.46 6.04 12.61
CA ARG A 31 0.73 4.93 11.92
C ARG A 31 0.85 5.08 10.41
N TYR A 32 0.25 4.19 9.67
CA TYR A 32 0.31 4.28 8.18
C TYR A 32 -0.87 3.52 7.58
N ARG A 33 -1.77 4.21 6.95
CA ARG A 33 -2.95 3.53 6.36
C ARG A 33 -2.61 2.96 4.98
N VAL A 34 -3.14 1.82 4.65
CA VAL A 34 -2.86 1.22 3.32
C VAL A 34 -4.15 0.64 2.74
N THR A 35 -4.77 1.34 1.84
CA THR A 35 -6.04 0.82 1.25
C THR A 35 -5.82 0.44 -0.21
N TYR A 36 -6.51 -0.56 -0.68
CA TYR A 36 -6.34 -0.97 -2.10
C TYR A 36 -7.70 -1.07 -2.78
N SER A 37 -7.84 -0.46 -3.93
CA SER A 37 -9.15 -0.52 -4.64
C SER A 37 -9.04 -1.33 -5.93
N SER A 38 -10.12 -1.87 -6.40
CA SER A 38 -10.08 -2.68 -7.65
C SER A 38 -11.34 -2.41 -8.49
N PRO A 39 -11.15 -2.19 -9.75
CA PRO A 39 -12.27 -1.93 -10.67
C PRO A 39 -13.09 -3.21 -10.89
N GLU A 40 -13.67 -3.74 -9.84
CA GLU A 40 -14.47 -4.98 -10.00
C GLU A 40 -15.03 -5.44 -8.64
N ASP A 41 -14.18 -5.74 -7.70
CA ASP A 41 -14.67 -6.19 -6.37
C ASP A 41 -14.90 -4.99 -5.45
N GLY A 42 -14.19 -3.92 -5.67
CA GLY A 42 -14.37 -2.72 -4.81
C GLY A 42 -13.04 -2.34 -4.15
N ILE A 43 -13.07 -1.92 -2.91
CA ILE A 43 -11.79 -1.54 -2.23
C ILE A 43 -11.74 -2.12 -0.81
N HIS A 44 -10.56 -2.20 -0.24
CA HIS A 44 -10.43 -2.75 1.15
C HIS A 44 -9.55 -1.81 1.99
N GLU A 45 -9.51 -2.01 3.27
CA GLU A 45 -8.67 -1.11 4.13
C GLU A 45 -7.66 -1.93 4.95
N LEU A 46 -6.47 -1.42 5.10
CA LEU A 46 -5.42 -2.13 5.89
C LEU A 46 -4.61 -1.12 6.68
N PHE A 47 -3.88 -1.54 7.69
CA PHE A 47 -3.08 -0.57 8.48
C PHE A 47 -1.99 -1.29 9.29
N PRO A 48 -0.89 -1.52 8.64
CA PRO A 48 0.24 -2.19 9.30
C PRO A 48 1.06 -1.16 10.08
N ALA A 49 0.49 -0.66 11.15
CA ALA A 49 1.21 0.36 11.99
C ALA A 49 2.71 0.07 12.02
N PRO A 50 3.47 0.98 11.45
CA PRO A 50 4.93 0.83 11.41
C PRO A 50 5.55 1.16 12.76
N ASP A 51 6.74 0.70 13.00
CA ASP A 51 7.40 0.98 14.30
C ASP A 51 8.32 2.21 14.17
N GLY A 52 9.33 2.12 13.35
CA GLY A 52 10.25 3.28 13.20
C GLY A 52 11.22 3.03 12.03
N GLU A 53 10.83 2.22 11.07
CA GLU A 53 11.72 1.95 9.92
C GLU A 53 10.96 1.18 8.83
N GLU A 54 10.42 0.04 9.15
CA GLU A 54 9.66 -0.76 8.14
C GLU A 54 8.78 0.17 7.29
N ASP A 55 8.80 -0.01 6.00
CA ASP A 55 7.98 0.84 5.11
C ASP A 55 7.38 -0.01 3.98
N THR A 56 7.42 -1.30 4.13
CA THR A 56 6.85 -2.19 3.07
C THR A 56 5.66 -2.98 3.62
N ALA A 57 4.84 -3.53 2.75
CA ALA A 57 3.66 -4.30 3.24
C ALA A 57 3.34 -5.48 2.31
N GLU A 58 2.68 -6.48 2.81
CA GLU A 58 2.33 -7.67 1.97
C GLU A 58 0.82 -7.69 1.71
N LEU A 59 0.39 -7.12 0.63
CA LEU A 59 -1.07 -7.12 0.33
C LEU A 59 -1.47 -8.53 -0.09
N GLN A 60 -1.36 -9.45 0.80
CA GLN A 60 -1.70 -10.86 0.48
C GLN A 60 -3.22 -11.09 0.61
N GLY A 61 -3.76 -12.00 -0.16
CA GLY A 61 -5.24 -12.26 -0.10
C GLY A 61 -5.94 -11.33 -1.08
N LEU A 62 -5.84 -11.61 -2.36
CA LEU A 62 -6.50 -10.74 -3.37
C LEU A 62 -7.39 -11.56 -4.32
N ARG A 63 -7.80 -10.97 -5.41
CA ARG A 63 -8.66 -11.70 -6.39
C ARG A 63 -7.95 -11.79 -7.75
N PRO A 64 -8.24 -12.85 -8.47
CA PRO A 64 -7.61 -13.06 -9.78
C PRO A 64 -8.27 -12.20 -10.88
N GLY A 65 -7.48 -11.49 -11.65
CA GLY A 65 -8.06 -10.65 -12.75
C GLY A 65 -8.60 -9.34 -12.19
N SER A 66 -7.72 -8.44 -11.81
CA SER A 66 -8.20 -7.13 -11.28
C SER A 66 -7.03 -6.15 -11.11
N GLU A 67 -7.16 -4.95 -11.63
CA GLU A 67 -6.06 -3.95 -11.49
C GLU A 67 -6.07 -3.41 -10.06
N TYR A 68 -5.22 -3.92 -9.22
CA TYR A 68 -5.19 -3.45 -7.81
C TYR A 68 -4.66 -2.03 -7.69
N THR A 69 -5.50 -1.05 -7.84
CA THR A 69 -5.04 0.36 -7.70
C THR A 69 -4.82 0.64 -6.21
N VAL A 70 -3.72 0.18 -5.68
CA VAL A 70 -3.46 0.39 -4.22
C VAL A 70 -3.18 1.85 -3.89
N SER A 71 -3.56 2.26 -2.72
CA SER A 71 -3.32 3.68 -2.31
C SER A 71 -2.52 3.70 -0.99
N VAL A 72 -1.23 3.86 -1.07
CA VAL A 72 -0.40 3.90 0.18
C VAL A 72 -0.53 5.27 0.84
N VAL A 73 -0.64 5.30 2.15
CA VAL A 73 -0.77 6.62 2.84
C VAL A 73 -0.14 6.56 4.23
N ALA A 74 0.66 7.54 4.57
CA ALA A 74 1.31 7.55 5.92
C ALA A 74 0.41 8.28 6.92
N LEU A 75 0.76 8.24 8.18
CA LEU A 75 -0.10 8.93 9.19
C LEU A 75 0.75 9.62 10.26
N HIS A 76 0.11 10.05 11.31
CA HIS A 76 0.83 10.73 12.42
C HIS A 76 -0.16 10.94 13.58
N ASP A 77 0.11 11.84 14.47
CA ASP A 77 -0.84 12.06 15.58
C ASP A 77 -2.27 12.16 15.01
N ASP A 78 -2.37 12.55 13.76
CA ASP A 78 -3.71 12.68 13.10
C ASP A 78 -3.58 13.51 11.83
N MET A 79 -2.92 12.98 10.83
CA MET A 79 -2.74 13.77 9.57
C MET A 79 -3.22 12.97 8.35
N GLU A 80 -3.02 13.51 7.17
CA GLU A 80 -3.44 12.81 5.94
C GLU A 80 -2.47 13.15 4.79
N SER A 81 -1.26 12.69 4.89
CA SER A 81 -0.26 12.98 3.82
C SER A 81 -0.82 12.58 2.45
N GLN A 82 -0.41 13.27 1.42
CA GLN A 82 -0.91 12.95 0.06
C GLN A 82 -0.96 11.42 -0.13
N PRO A 83 -2.08 10.96 -0.59
CA PRO A 83 -2.27 9.50 -0.82
C PRO A 83 -1.45 9.03 -2.03
N LEU A 84 -0.62 8.03 -1.84
CA LEU A 84 0.19 7.52 -2.98
C LEU A 84 -0.59 6.42 -3.72
N ILE A 85 -0.28 6.18 -4.97
CA ILE A 85 -1.03 5.13 -5.73
C ILE A 85 -0.08 4.01 -6.19
N GLY A 86 -0.61 2.84 -6.41
CA GLY A 86 0.23 1.69 -6.86
C GLY A 86 -0.64 0.72 -7.67
N THR A 87 -0.92 1.06 -8.89
CA THR A 87 -1.79 0.17 -9.74
C THR A 87 -0.98 -0.98 -10.36
N GLN A 88 -1.63 -2.04 -10.73
CA GLN A 88 -0.93 -3.21 -11.35
C GLN A 88 -1.91 -4.35 -11.57
N SER A 89 -1.94 -4.90 -12.76
CA SER A 89 -2.88 -6.03 -13.04
C SER A 89 -2.40 -7.32 -12.36
N THR A 90 -3.21 -7.89 -11.50
CA THR A 90 -2.80 -9.14 -10.80
C THR A 90 -2.42 -10.22 -11.82
N ALA A 91 -1.30 -10.87 -11.62
CA ALA A 91 -0.89 -11.93 -12.58
C ALA A 91 -1.69 -13.21 -12.35
N ILE A 92 -2.82 -13.33 -12.98
CA ILE A 92 -3.65 -14.57 -12.79
C ILE A 92 -2.80 -15.82 -13.02
N PRO A 93 -3.33 -16.94 -12.60
CA PRO A 93 -2.62 -18.22 -12.77
C PRO A 93 -2.71 -18.70 -14.21
N ALA A 94 -1.95 -18.10 -15.08
CA ALA A 94 -1.99 -18.53 -16.52
C ALA A 94 -0.84 -19.51 -16.81
N ASN A 1 4.99 18.33 11.14
CA ASN A 1 3.80 17.92 10.35
C ASN A 1 4.19 16.84 9.33
N ILE A 2 3.22 16.18 8.75
CA ILE A 2 3.53 15.12 7.74
C ILE A 2 4.16 15.75 6.49
N ASP A 3 4.45 14.95 5.50
CA ASP A 3 5.05 15.51 4.25
C ASP A 3 4.63 14.70 3.02
N ARG A 4 3.69 13.81 3.17
CA ARG A 4 3.24 13.00 2.01
C ARG A 4 4.41 12.22 1.39
N PRO A 5 4.31 10.92 1.44
CA PRO A 5 5.38 10.07 0.86
C PRO A 5 5.29 10.07 -0.67
N LYS A 6 6.16 9.36 -1.33
CA LYS A 6 6.11 9.32 -2.82
C LYS A 6 7.21 8.40 -3.38
N GLY A 7 6.98 7.81 -4.51
CA GLY A 7 7.99 6.90 -5.10
C GLY A 7 7.88 5.51 -4.48
N LEU A 8 6.82 4.80 -4.80
CA LEU A 8 6.65 3.43 -4.23
C LEU A 8 7.26 2.39 -5.19
N ALA A 9 7.49 1.19 -4.72
CA ALA A 9 8.08 0.15 -5.61
C ALA A 9 7.32 -1.16 -5.47
N PHE A 10 7.64 -2.14 -6.28
CA PHE A 10 6.93 -3.44 -6.21
C PHE A 10 7.94 -4.60 -6.13
N THR A 11 7.62 -5.64 -5.43
CA THR A 11 8.54 -6.80 -5.33
C THR A 11 7.96 -7.99 -6.09
N ASP A 12 6.84 -8.49 -5.64
CA ASP A 12 6.21 -9.65 -6.34
C ASP A 12 4.70 -9.40 -6.48
N VAL A 13 4.11 -9.87 -7.55
CA VAL A 13 2.65 -9.65 -7.74
C VAL A 13 1.91 -10.98 -7.96
N ASP A 14 0.67 -11.05 -7.53
CA ASP A 14 -0.12 -12.30 -7.72
C ASP A 14 -1.60 -12.03 -7.45
N VAL A 15 -2.49 -12.72 -8.11
CA VAL A 15 -3.93 -12.49 -7.88
C VAL A 15 -4.24 -12.38 -6.39
N ASP A 16 -3.55 -13.15 -5.59
CA ASP A 16 -3.79 -13.09 -4.11
C ASP A 16 -2.46 -12.97 -3.35
N SER A 17 -1.44 -12.49 -4.02
CA SER A 17 -0.11 -12.33 -3.33
C SER A 17 0.68 -11.20 -3.99
N ILE A 18 0.96 -10.14 -3.26
CA ILE A 18 1.72 -9.01 -3.84
C ILE A 18 2.63 -8.37 -2.77
N LYS A 19 3.75 -7.83 -3.19
CA LYS A 19 4.68 -7.19 -2.20
C LYS A 19 5.12 -5.82 -2.74
N ILE A 20 4.88 -4.78 -2.01
CA ILE A 20 5.29 -3.43 -2.51
C ILE A 20 6.17 -2.72 -1.49
N ALA A 21 6.90 -1.72 -1.92
CA ALA A 21 7.78 -0.96 -0.99
C ALA A 21 7.59 0.54 -1.22
N TRP A 22 7.13 1.25 -0.24
CA TRP A 22 6.92 2.73 -0.41
C TRP A 22 8.06 3.51 0.23
N GLU A 23 8.19 4.76 -0.10
CA GLU A 23 9.28 5.58 0.50
C GLU A 23 9.04 5.78 2.00
N SER A 24 10.08 5.97 2.76
CA SER A 24 9.90 6.16 4.23
C SER A 24 9.21 7.50 4.50
N PRO A 25 8.73 7.65 5.71
CA PRO A 25 8.04 8.90 6.10
C PRO A 25 9.04 10.05 6.26
N GLN A 26 8.58 11.26 6.20
CA GLN A 26 9.52 12.41 6.34
C GLN A 26 9.53 12.91 7.79
N GLY A 27 8.38 13.13 8.36
CA GLY A 27 8.33 13.62 9.76
C GLY A 27 8.00 12.45 10.71
N GLN A 28 6.80 12.39 11.18
CA GLN A 28 6.42 11.27 12.10
C GLN A 28 5.08 10.66 11.68
N VAL A 29 5.08 9.42 11.28
CA VAL A 29 3.82 8.76 10.85
C VAL A 29 3.17 8.05 12.03
N SER A 30 2.06 8.55 12.51
CA SER A 30 1.38 7.89 13.67
C SER A 30 0.65 6.63 13.19
N ARG A 31 0.47 6.49 11.91
CA ARG A 31 -0.23 5.28 11.38
C ARG A 31 -0.16 5.27 9.85
N TYR A 32 -0.16 4.12 9.25
CA TYR A 32 -0.08 4.05 7.77
C TYR A 32 -1.31 3.32 7.23
N ARG A 33 -2.30 4.05 6.81
CA ARG A 33 -3.52 3.40 6.27
C ARG A 33 -3.22 2.76 4.92
N VAL A 34 -3.11 1.46 4.88
CA VAL A 34 -2.83 0.78 3.58
C VAL A 34 -4.15 0.47 2.87
N THR A 35 -4.58 1.35 2.00
CA THR A 35 -5.88 1.12 1.29
C THR A 35 -5.63 0.51 -0.10
N TYR A 36 -6.46 -0.41 -0.49
CA TYR A 36 -6.32 -1.04 -1.84
C TYR A 36 -7.69 -1.18 -2.50
N SER A 37 -7.84 -0.70 -3.71
CA SER A 37 -9.18 -0.79 -4.38
C SER A 37 -9.09 -1.51 -5.72
N SER A 38 -10.22 -1.88 -6.27
CA SER A 38 -10.24 -2.58 -7.58
C SER A 38 -11.48 -2.14 -8.38
N PRO A 39 -11.39 -2.24 -9.67
CA PRO A 39 -12.52 -1.84 -10.54
C PRO A 39 -13.66 -2.89 -10.46
N GLU A 40 -14.08 -3.24 -9.27
CA GLU A 40 -15.18 -4.25 -9.14
C GLU A 40 -15.25 -4.76 -7.70
N ASP A 41 -14.23 -5.44 -7.25
CA ASP A 41 -14.23 -5.96 -5.85
C ASP A 41 -14.56 -4.84 -4.88
N GLY A 42 -13.89 -3.73 -5.00
CA GLY A 42 -14.15 -2.60 -4.07
C GLY A 42 -12.83 -2.18 -3.42
N ILE A 43 -12.89 -1.45 -2.34
CA ILE A 43 -11.64 -1.02 -1.67
C ILE A 43 -11.64 -1.41 -0.19
N HIS A 44 -10.51 -1.29 0.45
CA HIS A 44 -10.40 -1.65 1.88
C HIS A 44 -9.18 -0.96 2.49
N GLU A 45 -8.83 -1.26 3.71
CA GLU A 45 -7.64 -0.59 4.31
C GLU A 45 -6.99 -1.47 5.39
N LEU A 46 -5.70 -1.34 5.57
CA LEU A 46 -5.00 -2.15 6.61
C LEU A 46 -4.58 -1.26 7.77
N PHE A 47 -4.64 -1.76 8.97
CA PHE A 47 -4.26 -0.93 10.15
C PHE A 47 -2.82 -1.23 10.69
N PRO A 48 -2.17 -2.30 10.24
CA PRO A 48 -0.81 -2.59 10.75
C PRO A 48 0.19 -1.60 10.17
N ALA A 49 0.43 -0.53 10.87
CA ALA A 49 1.39 0.49 10.39
C ALA A 49 2.83 -0.02 10.57
N PRO A 50 3.75 0.75 10.07
CA PRO A 50 5.18 0.39 10.17
C PRO A 50 5.68 0.61 11.59
N ASP A 51 6.94 0.36 11.83
CA ASP A 51 7.49 0.55 13.19
C ASP A 51 8.70 1.50 13.16
N GLY A 52 9.15 1.87 11.99
CA GLY A 52 10.31 2.80 11.90
C GLY A 52 11.25 2.35 10.79
N GLU A 53 11.80 1.18 10.91
CA GLU A 53 12.74 0.69 9.86
C GLU A 53 11.98 -0.14 8.81
N GLU A 54 10.67 -0.17 8.90
CA GLU A 54 9.88 -0.96 7.92
C GLU A 54 9.23 -0.02 6.88
N ASP A 55 9.54 -0.20 5.63
CA ASP A 55 8.95 0.67 4.58
C ASP A 55 8.27 -0.17 3.50
N THR A 56 8.18 -1.46 3.71
CA THR A 56 7.53 -2.34 2.69
C THR A 56 6.45 -3.21 3.35
N ALA A 57 5.68 -3.91 2.57
CA ALA A 57 4.60 -4.76 3.15
C ALA A 57 4.22 -5.87 2.17
N GLU A 58 3.56 -6.89 2.66
CA GLU A 58 3.14 -8.01 1.77
C GLU A 58 1.63 -7.99 1.55
N LEU A 59 1.19 -7.40 0.47
CA LEU A 59 -0.28 -7.35 0.20
C LEU A 59 -0.74 -8.69 -0.35
N GLN A 60 -0.82 -9.68 0.49
CA GLN A 60 -1.24 -11.02 0.01
C GLN A 60 -2.67 -11.33 0.47
N GLY A 61 -3.34 -12.23 -0.21
CA GLY A 61 -4.74 -12.56 0.19
C GLY A 61 -5.72 -11.72 -0.62
N LEU A 62 -5.34 -11.31 -1.80
CA LEU A 62 -6.25 -10.48 -2.65
C LEU A 62 -7.27 -11.37 -3.37
N ARG A 63 -8.28 -10.77 -3.95
CA ARG A 63 -9.33 -11.60 -4.65
C ARG A 63 -9.26 -11.46 -6.20
N PRO A 64 -9.17 -10.24 -6.69
CA PRO A 64 -9.15 -10.02 -8.15
C PRO A 64 -7.78 -10.29 -8.75
N GLY A 65 -7.69 -10.28 -10.06
CA GLY A 65 -6.40 -10.54 -10.73
C GLY A 65 -6.22 -9.55 -11.89
N SER A 66 -6.31 -8.28 -11.62
CA SER A 66 -6.15 -7.27 -12.72
C SER A 66 -5.47 -6.01 -12.18
N GLU A 67 -5.44 -4.97 -12.97
CA GLU A 67 -4.78 -3.70 -12.51
C GLU A 67 -5.30 -3.32 -11.12
N TYR A 68 -4.60 -3.71 -10.10
CA TYR A 68 -5.05 -3.36 -8.71
C TYR A 68 -4.60 -1.94 -8.36
N THR A 69 -5.52 -1.11 -7.94
CA THR A 69 -5.14 0.29 -7.58
C THR A 69 -4.95 0.41 -6.07
N VAL A 70 -3.73 0.31 -5.61
CA VAL A 70 -3.50 0.42 -4.14
C VAL A 70 -3.32 1.89 -3.74
N SER A 71 -3.71 2.25 -2.55
CA SER A 71 -3.56 3.68 -2.12
C SER A 71 -2.82 3.75 -0.77
N VAL A 72 -1.52 3.86 -0.81
CA VAL A 72 -0.75 3.95 0.47
C VAL A 72 -0.89 5.36 1.05
N VAL A 73 -1.23 5.48 2.31
CA VAL A 73 -1.38 6.84 2.91
C VAL A 73 -0.75 6.91 4.30
N ALA A 74 0.11 7.86 4.51
CA ALA A 74 0.76 8.01 5.85
C ALA A 74 -0.15 8.86 6.75
N LEU A 75 -0.01 8.74 8.03
CA LEU A 75 -0.89 9.55 8.94
C LEU A 75 -0.09 10.26 10.03
N HIS A 76 -0.78 10.78 10.99
CA HIS A 76 -0.11 11.49 12.11
C HIS A 76 -1.08 11.52 13.30
N ASP A 77 -0.67 12.08 14.43
CA ASP A 77 -1.59 12.12 15.62
C ASP A 77 -3.04 12.35 15.17
N ASP A 78 -3.23 13.03 14.07
CA ASP A 78 -4.62 13.28 13.57
C ASP A 78 -4.57 13.93 12.19
N MET A 79 -4.02 13.25 11.21
CA MET A 79 -3.93 13.85 9.85
C MET A 79 -4.19 12.79 8.76
N GLU A 80 -3.83 13.09 7.54
CA GLU A 80 -4.02 12.14 6.41
C GLU A 80 -3.70 12.86 5.09
N SER A 81 -2.44 12.94 4.75
CA SER A 81 -2.04 13.65 3.49
C SER A 81 -2.45 12.87 2.24
N GLN A 82 -2.24 13.45 1.08
CA GLN A 82 -2.61 12.76 -0.19
C GLN A 82 -2.13 11.30 -0.16
N PRO A 83 -3.00 10.46 -0.63
CA PRO A 83 -2.69 9.01 -0.67
C PRO A 83 -1.77 8.68 -1.86
N LEU A 84 -0.75 7.89 -1.64
CA LEU A 84 0.17 7.52 -2.76
C LEU A 84 -0.36 6.26 -3.45
N ILE A 85 -1.07 6.42 -4.54
CA ILE A 85 -1.63 5.23 -5.24
C ILE A 85 -0.50 4.31 -5.73
N GLY A 86 -0.85 3.13 -6.18
CA GLY A 86 0.18 2.17 -6.68
C GLY A 86 -0.51 1.12 -7.54
N THR A 87 -0.72 1.40 -8.80
CA THR A 87 -1.40 0.41 -9.69
C THR A 87 -0.47 -0.78 -9.95
N GLN A 88 -1.02 -1.86 -10.47
CA GLN A 88 -0.17 -3.06 -10.74
C GLN A 88 -1.03 -4.17 -11.34
N SER A 89 -0.49 -4.93 -12.27
CA SER A 89 -1.27 -6.03 -12.89
C SER A 89 -1.22 -7.28 -12.00
N THR A 90 -2.34 -7.72 -11.52
CA THR A 90 -2.35 -8.93 -10.65
C THR A 90 -2.76 -10.17 -11.45
N ALA A 91 -2.01 -11.24 -11.34
CA ALA A 91 -2.37 -12.48 -12.10
C ALA A 91 -3.75 -12.97 -11.67
N ILE A 92 -4.13 -14.15 -12.07
CA ILE A 92 -5.48 -14.68 -11.68
C ILE A 92 -5.40 -16.18 -11.37
N PRO A 93 -6.41 -16.65 -10.71
CA PRO A 93 -6.49 -18.09 -10.35
C PRO A 93 -7.10 -18.89 -11.48
N ALA A 94 -6.33 -19.22 -12.48
CA ALA A 94 -6.88 -20.02 -13.62
C ALA A 94 -7.00 -21.49 -13.22
N ASN A 1 6.39 17.94 10.67
CA ASN A 1 6.24 17.63 9.22
C ASN A 1 5.87 16.16 9.02
N ILE A 2 5.53 15.78 7.82
CA ILE A 2 5.16 14.36 7.57
C ILE A 2 6.12 13.72 6.57
N ASP A 3 6.05 12.43 6.41
CA ASP A 3 6.96 11.73 5.46
C ASP A 3 6.77 12.27 4.03
N ARG A 4 5.58 12.26 3.53
CA ARG A 4 5.33 12.77 2.15
C ARG A 4 6.09 11.90 1.14
N PRO A 5 5.67 10.67 1.03
CA PRO A 5 6.31 9.72 0.08
C PRO A 5 5.98 10.09 -1.36
N LYS A 6 6.39 9.27 -2.30
CA LYS A 6 6.11 9.57 -3.74
C LYS A 6 6.71 8.49 -4.64
N GLY A 7 7.76 7.84 -4.21
CA GLY A 7 8.39 6.77 -5.05
C GLY A 7 8.09 5.41 -4.43
N LEU A 8 7.16 4.69 -5.00
CA LEU A 8 6.82 3.35 -4.45
C LEU A 8 7.65 2.26 -5.18
N ALA A 9 7.84 1.13 -4.56
CA ALA A 9 8.63 0.06 -5.22
C ALA A 9 7.86 -1.26 -5.17
N PHE A 10 8.06 -2.12 -6.15
CA PHE A 10 7.33 -3.42 -6.16
C PHE A 10 8.30 -4.56 -5.83
N THR A 11 7.91 -5.45 -4.94
CA THR A 11 8.81 -6.58 -4.59
C THR A 11 8.37 -7.86 -5.33
N ASP A 12 7.10 -8.14 -5.35
CA ASP A 12 6.63 -9.37 -6.05
C ASP A 12 5.13 -9.23 -6.37
N VAL A 13 4.75 -9.38 -7.60
CA VAL A 13 3.30 -9.25 -7.96
C VAL A 13 2.71 -10.62 -8.31
N ASP A 14 2.05 -11.24 -7.37
CA ASP A 14 1.44 -12.58 -7.65
C ASP A 14 -0.08 -12.41 -7.83
N VAL A 15 -0.66 -13.12 -8.77
CA VAL A 15 -2.12 -13.00 -8.99
C VAL A 15 -2.87 -12.97 -7.65
N ASP A 16 -2.38 -13.68 -6.69
CA ASP A 16 -3.05 -13.68 -5.36
C ASP A 16 -2.08 -13.25 -4.26
N SER A 17 -1.24 -12.29 -4.57
CA SER A 17 -0.27 -11.81 -3.55
C SER A 17 0.60 -10.68 -4.13
N ILE A 18 0.56 -9.53 -3.54
CA ILE A 18 1.36 -8.39 -4.07
C ILE A 18 2.24 -7.78 -2.98
N LYS A 19 3.53 -7.88 -3.11
CA LYS A 19 4.45 -7.30 -2.10
C LYS A 19 4.83 -5.86 -2.51
N ILE A 20 4.51 -4.89 -1.69
CA ILE A 20 4.85 -3.49 -2.06
C ILE A 20 5.68 -2.81 -0.98
N ALA A 21 6.43 -1.80 -1.35
CA ALA A 21 7.27 -1.07 -0.35
C ALA A 21 7.23 0.43 -0.66
N TRP A 22 6.69 1.21 0.23
CA TRP A 22 6.61 2.68 -0.02
C TRP A 22 7.87 3.39 0.47
N GLU A 23 8.23 4.48 -0.17
CA GLU A 23 9.46 5.22 0.26
C GLU A 23 9.51 5.31 1.79
N SER A 24 10.66 5.10 2.37
CA SER A 24 10.77 5.17 3.85
C SER A 24 10.36 6.56 4.35
N PRO A 25 9.85 6.58 5.56
CA PRO A 25 9.41 7.85 6.18
C PRO A 25 10.62 8.70 6.61
N GLN A 26 10.38 9.82 7.21
CA GLN A 26 11.52 10.68 7.66
C GLN A 26 11.34 11.09 9.13
N GLY A 27 10.11 11.23 9.57
CA GLY A 27 9.87 11.63 10.99
C GLY A 27 9.17 10.49 11.72
N GLN A 28 9.52 9.27 11.41
CA GLN A 28 8.86 8.11 12.09
C GLN A 28 7.34 8.24 12.03
N VAL A 29 6.72 7.50 11.15
CA VAL A 29 5.23 7.59 11.03
C VAL A 29 4.55 6.88 12.21
N SER A 30 3.63 7.54 12.85
CA SER A 30 2.92 6.91 14.00
C SER A 30 1.80 6.00 13.50
N ARG A 31 1.36 6.21 12.29
CA ARG A 31 0.28 5.36 11.73
C ARG A 31 0.32 5.38 10.20
N TYR A 32 -0.01 4.28 9.58
CA TYR A 32 0.03 4.24 8.08
C TYR A 32 -1.29 3.70 7.54
N ARG A 33 -1.82 4.33 6.53
CA ARG A 33 -3.11 3.86 5.95
C ARG A 33 -2.90 3.30 4.53
N VAL A 34 -2.63 2.03 4.42
CA VAL A 34 -2.44 1.44 3.07
C VAL A 34 -3.77 0.92 2.54
N THR A 35 -4.49 1.73 1.83
CA THR A 35 -5.81 1.29 1.29
C THR A 35 -5.68 0.81 -0.15
N TYR A 36 -6.36 -0.26 -0.49
CA TYR A 36 -6.30 -0.78 -1.88
C TYR A 36 -7.70 -1.18 -2.32
N SER A 37 -8.07 -0.87 -3.54
CA SER A 37 -9.45 -1.21 -3.99
C SER A 37 -9.47 -1.70 -5.44
N SER A 38 -10.65 -1.95 -5.95
CA SER A 38 -10.78 -2.43 -7.35
C SER A 38 -12.07 -1.86 -7.96
N PRO A 39 -12.14 -1.88 -9.26
CA PRO A 39 -13.33 -1.35 -9.97
C PRO A 39 -14.52 -2.32 -9.87
N GLU A 40 -14.80 -2.83 -8.69
CA GLU A 40 -15.96 -3.78 -8.52
C GLU A 40 -15.82 -4.54 -7.20
N ASP A 41 -14.75 -5.28 -7.06
CA ASP A 41 -14.55 -6.04 -5.79
C ASP A 41 -14.77 -5.13 -4.59
N GLY A 42 -14.30 -3.92 -4.67
CA GLY A 42 -14.50 -2.97 -3.54
C GLY A 42 -13.14 -2.53 -3.00
N ILE A 43 -13.09 -2.06 -1.77
CA ILE A 43 -11.78 -1.61 -1.21
C ILE A 43 -11.50 -2.26 0.15
N HIS A 44 -10.28 -2.16 0.59
CA HIS A 44 -9.88 -2.72 1.92
C HIS A 44 -8.75 -1.86 2.49
N GLU A 45 -8.80 -1.54 3.74
CA GLU A 45 -7.73 -0.67 4.31
C GLU A 45 -6.80 -1.43 5.27
N LEU A 46 -5.51 -1.35 5.04
CA LEU A 46 -4.54 -2.03 5.94
C LEU A 46 -3.78 -0.95 6.73
N PHE A 47 -3.94 -0.90 8.02
CA PHE A 47 -3.24 0.18 8.80
C PHE A 47 -2.72 -0.34 10.15
N PRO A 48 -1.78 -1.24 10.09
CA PRO A 48 -1.19 -1.79 11.32
C PRO A 48 -0.16 -0.79 11.86
N ALA A 49 -0.59 0.44 12.08
CA ALA A 49 0.32 1.53 12.61
C ALA A 49 1.67 0.98 13.09
N PRO A 50 2.62 0.96 12.17
CA PRO A 50 3.98 0.46 12.49
C PRO A 50 4.73 1.46 13.37
N ASP A 51 6.02 1.34 13.44
CA ASP A 51 6.82 2.28 14.28
C ASP A 51 8.23 2.45 13.70
N GLY A 52 8.35 3.22 12.66
CA GLY A 52 9.70 3.43 12.05
C GLY A 52 10.42 2.09 11.91
N GLU A 53 9.74 1.09 11.40
CA GLU A 53 10.39 -0.24 11.24
C GLU A 53 9.79 -0.98 10.04
N GLU A 54 8.51 -0.83 9.82
CA GLU A 54 7.86 -1.52 8.67
C GLU A 54 7.60 -0.52 7.54
N ASP A 55 8.25 -0.69 6.42
CA ASP A 55 8.03 0.25 5.28
C ASP A 55 7.43 -0.50 4.08
N THR A 56 6.92 -1.68 4.30
CA THR A 56 6.32 -2.45 3.16
C THR A 56 4.99 -3.07 3.60
N ALA A 57 4.16 -3.44 2.65
CA ALA A 57 2.84 -4.04 3.01
C ALA A 57 2.67 -5.41 2.33
N GLU A 58 1.92 -6.29 2.92
CA GLU A 58 1.69 -7.64 2.32
C GLU A 58 0.26 -7.76 1.79
N LEU A 59 0.02 -7.33 0.59
CA LEU A 59 -1.36 -7.43 0.02
C LEU A 59 -1.57 -8.85 -0.50
N GLN A 60 -1.74 -9.78 0.38
CA GLN A 60 -1.93 -11.19 -0.05
C GLN A 60 -3.42 -11.57 -0.03
N GLY A 61 -3.95 -11.94 -1.18
CA GLY A 61 -5.40 -12.32 -1.24
C GLY A 61 -6.15 -11.34 -2.14
N LEU A 62 -5.98 -11.45 -3.44
CA LEU A 62 -6.70 -10.51 -4.36
C LEU A 62 -7.46 -11.30 -5.44
N ARG A 63 -7.84 -10.64 -6.51
CA ARG A 63 -8.58 -11.35 -7.59
C ARG A 63 -7.61 -11.80 -8.69
N PRO A 64 -8.04 -12.79 -9.44
CA PRO A 64 -7.21 -13.33 -10.53
C PRO A 64 -7.36 -12.50 -11.81
N GLY A 65 -6.36 -11.73 -12.16
CA GLY A 65 -6.45 -10.92 -13.42
C GLY A 65 -7.25 -9.64 -13.15
N SER A 66 -6.65 -8.67 -12.52
CA SER A 66 -7.38 -7.40 -12.25
C SER A 66 -6.39 -6.28 -11.90
N GLU A 67 -6.49 -5.16 -12.57
CA GLU A 67 -5.57 -4.03 -12.27
C GLU A 67 -5.87 -3.47 -10.87
N TYR A 68 -5.24 -4.00 -9.86
CA TYR A 68 -5.50 -3.52 -8.48
C TYR A 68 -4.91 -2.12 -8.27
N THR A 69 -5.68 -1.23 -7.70
CA THR A 69 -5.16 0.15 -7.45
C THR A 69 -4.97 0.36 -5.94
N VAL A 70 -3.75 0.39 -5.49
CA VAL A 70 -3.52 0.58 -4.02
C VAL A 70 -3.05 2.01 -3.72
N SER A 71 -3.50 2.55 -2.61
CA SER A 71 -3.10 3.94 -2.24
C SER A 71 -2.26 3.92 -0.96
N VAL A 72 -0.99 4.23 -1.06
CA VAL A 72 -0.12 4.22 0.16
C VAL A 72 -0.17 5.58 0.86
N VAL A 73 -0.74 5.64 2.04
CA VAL A 73 -0.81 6.94 2.76
C VAL A 73 -0.11 6.84 4.13
N ALA A 74 0.31 7.95 4.68
CA ALA A 74 0.99 7.92 6.01
C ALA A 74 0.25 8.84 6.99
N LEU A 75 0.64 8.85 8.24
CA LEU A 75 -0.06 9.73 9.22
C LEU A 75 0.92 10.40 10.19
N HIS A 76 0.42 11.25 11.03
CA HIS A 76 1.28 11.97 12.01
C HIS A 76 0.43 12.89 12.87
N ASP A 77 -0.09 12.40 13.97
CA ASP A 77 -0.95 13.25 14.85
C ASP A 77 -2.17 13.75 14.06
N ASP A 78 -1.99 14.75 13.25
CA ASP A 78 -3.13 15.28 12.44
C ASP A 78 -2.68 15.49 11.00
N MET A 79 -2.37 14.45 10.28
CA MET A 79 -1.93 14.62 8.87
C MET A 79 -2.03 13.29 8.10
N GLU A 80 -2.07 13.36 6.80
CA GLU A 80 -2.15 12.12 5.98
C GLU A 80 -1.30 12.27 4.71
N SER A 81 -0.07 11.86 4.77
CA SER A 81 0.83 11.99 3.58
C SER A 81 0.06 11.71 2.29
N GLN A 82 0.36 12.43 1.24
CA GLN A 82 -0.36 12.21 -0.06
C GLN A 82 -0.61 10.72 -0.28
N PRO A 83 -1.78 10.44 -0.78
CA PRO A 83 -2.17 9.04 -1.05
C PRO A 83 -1.39 8.48 -2.24
N LEU A 84 -0.17 8.08 -2.01
CA LEU A 84 0.66 7.54 -3.12
C LEU A 84 -0.09 6.37 -3.79
N ILE A 85 -0.36 6.48 -5.07
CA ILE A 85 -1.09 5.39 -5.77
C ILE A 85 -0.12 4.29 -6.23
N GLY A 86 -0.62 3.10 -6.40
CA GLY A 86 0.27 1.98 -6.85
C GLY A 86 -0.57 0.93 -7.58
N THR A 87 -0.94 1.20 -8.80
CA THR A 87 -1.76 0.22 -9.55
C THR A 87 -0.88 -0.93 -10.08
N GLN A 88 -1.47 -2.06 -10.37
CA GLN A 88 -0.67 -3.21 -10.88
C GLN A 88 -1.60 -4.30 -11.42
N SER A 89 -1.22 -4.92 -12.50
CA SER A 89 -2.08 -5.99 -13.08
C SER A 89 -1.76 -7.33 -12.41
N THR A 90 -2.62 -7.79 -11.55
CA THR A 90 -2.36 -9.09 -10.87
C THR A 90 -2.25 -10.21 -11.90
N ALA A 91 -1.15 -10.91 -11.94
CA ALA A 91 -1.00 -12.02 -12.91
C ALA A 91 -2.13 -13.02 -12.75
N ILE A 92 -1.99 -14.18 -13.29
CA ILE A 92 -3.09 -15.20 -13.15
C ILE A 92 -2.50 -16.57 -12.85
N PRO A 93 -3.37 -17.45 -12.39
CA PRO A 93 -2.95 -18.82 -12.05
C PRO A 93 -2.80 -19.67 -13.32
N ALA A 94 -1.66 -19.61 -13.95
CA ALA A 94 -1.46 -20.43 -15.19
C ALA A 94 -0.73 -21.73 -14.85
N ASN A 1 2.64 17.61 11.43
CA ASN A 1 3.55 17.94 10.29
C ASN A 1 4.11 16.65 9.67
N ILE A 2 3.84 16.42 8.41
CA ILE A 2 4.37 15.19 7.75
C ILE A 2 5.25 15.56 6.56
N ASP A 3 5.74 14.58 5.85
CA ASP A 3 6.62 14.88 4.68
C ASP A 3 5.96 14.39 3.39
N ARG A 4 4.88 13.65 3.49
CA ARG A 4 4.19 13.16 2.27
C ARG A 4 5.14 12.29 1.44
N PRO A 5 4.67 11.12 1.10
CA PRO A 5 5.48 10.19 0.29
C PRO A 5 5.63 10.73 -1.13
N LYS A 6 6.35 10.03 -1.97
CA LYS A 6 6.55 10.53 -3.37
C LYS A 6 6.53 9.37 -4.38
N GLY A 7 7.44 8.45 -4.27
CA GLY A 7 7.47 7.31 -5.24
C GLY A 7 7.41 5.98 -4.49
N LEU A 8 6.55 5.09 -4.92
CA LEU A 8 6.44 3.77 -4.25
C LEU A 8 7.20 2.70 -5.04
N ALA A 9 7.10 1.45 -4.66
CA ALA A 9 7.84 0.39 -5.41
C ALA A 9 7.15 -0.98 -5.23
N PHE A 10 7.57 -1.96 -5.97
CA PHE A 10 6.96 -3.32 -5.86
C PHE A 10 8.06 -4.39 -5.92
N THR A 11 8.10 -5.27 -4.97
CA THR A 11 9.14 -6.32 -4.96
C THR A 11 8.63 -7.59 -5.65
N ASP A 12 7.43 -8.00 -5.36
CA ASP A 12 6.89 -9.22 -6.00
C ASP A 12 5.37 -9.14 -6.14
N VAL A 13 4.85 -9.34 -7.32
CA VAL A 13 3.38 -9.27 -7.51
C VAL A 13 2.83 -10.65 -7.87
N ASP A 14 1.57 -10.87 -7.61
CA ASP A 14 0.96 -12.19 -7.94
C ASP A 14 -0.57 -12.09 -7.93
N VAL A 15 -1.21 -12.68 -8.90
CA VAL A 15 -2.69 -12.63 -8.96
C VAL A 15 -3.29 -12.81 -7.57
N ASP A 16 -2.64 -13.56 -6.72
CA ASP A 16 -3.17 -13.78 -5.34
C ASP A 16 -2.08 -13.52 -4.30
N SER A 17 -1.20 -12.59 -4.58
CA SER A 17 -0.11 -12.28 -3.61
C SER A 17 0.72 -11.11 -4.12
N ILE A 18 0.84 -10.07 -3.34
CA ILE A 18 1.64 -8.88 -3.80
C ILE A 18 2.34 -8.21 -2.62
N LYS A 19 3.65 -8.21 -2.64
CA LYS A 19 4.41 -7.56 -1.54
C LYS A 19 4.90 -6.19 -2.03
N ILE A 20 4.24 -5.14 -1.62
CA ILE A 20 4.65 -3.79 -2.09
C ILE A 20 5.43 -3.03 -1.02
N ALA A 21 6.23 -2.08 -1.44
CA ALA A 21 7.02 -1.27 -0.47
C ALA A 21 7.00 0.20 -0.91
N TRP A 22 6.72 1.10 0.00
CA TRP A 22 6.68 2.54 -0.39
C TRP A 22 7.86 3.30 0.20
N GLU A 23 8.12 4.47 -0.31
CA GLU A 23 9.26 5.28 0.21
C GLU A 23 9.06 5.57 1.70
N SER A 24 10.12 5.69 2.45
CA SER A 24 9.98 5.98 3.91
C SER A 24 9.74 7.47 4.14
N PRO A 25 9.13 7.76 5.25
CA PRO A 25 8.85 9.17 5.60
C PRO A 25 10.13 9.85 6.08
N GLN A 26 10.04 11.06 6.54
CA GLN A 26 11.26 11.76 7.03
C GLN A 26 11.06 12.25 8.46
N GLY A 27 9.85 12.20 8.95
CA GLY A 27 9.60 12.65 10.35
C GLY A 27 9.03 11.49 11.17
N GLN A 28 9.48 10.30 10.93
CA GLN A 28 8.97 9.12 11.71
C GLN A 28 7.44 9.16 11.78
N VAL A 29 6.77 8.65 10.78
CA VAL A 29 5.28 8.65 10.79
C VAL A 29 4.76 7.86 12.00
N SER A 30 3.52 8.05 12.35
CA SER A 30 2.95 7.31 13.51
C SER A 30 2.09 6.14 13.03
N ARG A 31 1.41 6.30 11.93
CA ARG A 31 0.55 5.20 11.40
C ARG A 31 0.51 5.26 9.86
N TYR A 32 0.44 4.13 9.21
CA TYR A 32 0.38 4.12 7.72
C TYR A 32 -1.00 3.70 7.24
N ARG A 33 -1.38 4.07 6.04
CA ARG A 33 -2.73 3.68 5.52
C ARG A 33 -2.60 2.90 4.22
N VAL A 34 -2.50 1.60 4.29
CA VAL A 34 -2.38 0.79 3.04
C VAL A 34 -3.78 0.43 2.55
N THR A 35 -4.30 1.16 1.60
CA THR A 35 -5.67 0.86 1.09
C THR A 35 -5.61 0.30 -0.33
N TYR A 36 -6.60 -0.46 -0.70
CA TYR A 36 -6.64 -1.04 -2.08
C TYR A 36 -8.07 -1.09 -2.59
N SER A 37 -8.31 -0.55 -3.76
CA SER A 37 -9.70 -0.55 -4.29
C SER A 37 -9.83 -1.46 -5.52
N SER A 38 -10.97 -2.07 -5.70
CA SER A 38 -11.18 -2.97 -6.86
C SER A 38 -12.65 -2.92 -7.32
N PRO A 39 -12.89 -3.50 -8.47
CA PRO A 39 -14.26 -3.52 -9.01
C PRO A 39 -15.03 -4.71 -8.42
N GLU A 40 -14.81 -5.03 -7.17
CA GLU A 40 -15.53 -6.18 -6.54
C GLU A 40 -15.93 -5.83 -5.10
N ASP A 41 -15.03 -6.01 -4.17
CA ASP A 41 -15.35 -5.68 -2.75
C ASP A 41 -15.22 -4.18 -2.53
N GLY A 42 -14.71 -3.47 -3.50
CA GLY A 42 -14.55 -2.00 -3.36
C GLY A 42 -13.16 -1.67 -2.83
N ILE A 43 -13.06 -0.98 -1.73
CA ILE A 43 -11.72 -0.63 -1.19
C ILE A 43 -11.58 -1.08 0.27
N HIS A 44 -10.39 -1.39 0.68
CA HIS A 44 -10.17 -1.82 2.09
C HIS A 44 -9.09 -0.95 2.72
N GLU A 45 -9.05 -0.88 4.02
CA GLU A 45 -8.02 -0.04 4.69
C GLU A 45 -7.07 -0.89 5.53
N LEU A 46 -5.96 -1.28 4.99
CA LEU A 46 -4.98 -2.09 5.78
C LEU A 46 -4.02 -1.14 6.51
N PHE A 47 -4.09 -1.10 7.82
CA PHE A 47 -3.19 -0.15 8.56
C PHE A 47 -2.34 -0.89 9.61
N PRO A 48 -1.34 -1.57 9.12
CA PRO A 48 -0.44 -2.30 10.01
C PRO A 48 0.63 -1.34 10.53
N ALA A 49 0.28 -0.51 11.47
CA ALA A 49 1.25 0.47 12.04
C ALA A 49 2.67 -0.12 12.08
N PRO A 50 3.50 0.38 11.22
CA PRO A 50 4.90 -0.11 11.14
C PRO A 50 5.71 0.38 12.35
N ASP A 51 7.01 0.30 12.28
CA ASP A 51 7.85 0.76 13.41
C ASP A 51 9.07 1.54 12.90
N GLY A 52 9.67 1.08 11.83
CA GLY A 52 10.87 1.80 11.29
C GLY A 52 11.43 1.02 10.10
N GLU A 53 11.76 -0.22 10.30
CA GLU A 53 12.32 -1.04 9.19
C GLU A 53 11.19 -1.66 8.37
N GLU A 54 9.98 -1.60 8.86
CA GLU A 54 8.84 -2.20 8.11
C GLU A 54 8.11 -1.11 7.31
N ASP A 55 8.58 -0.81 6.14
CA ASP A 55 7.91 0.24 5.31
C ASP A 55 7.23 -0.41 4.10
N THR A 56 6.80 -1.64 4.22
CA THR A 56 6.15 -2.32 3.07
C THR A 56 4.85 -3.02 3.52
N ALA A 57 4.11 -3.57 2.60
CA ALA A 57 2.85 -4.27 2.98
C ALA A 57 2.78 -5.65 2.31
N GLU A 58 2.19 -6.61 2.97
CA GLU A 58 2.09 -7.98 2.39
C GLU A 58 0.62 -8.30 2.06
N LEU A 59 0.16 -7.90 0.91
CA LEU A 59 -1.25 -8.18 0.53
C LEU A 59 -1.35 -9.59 -0.05
N GLN A 60 -1.34 -10.58 0.78
CA GLN A 60 -1.42 -11.97 0.27
C GLN A 60 -2.82 -12.55 0.54
N GLY A 61 -3.52 -12.91 -0.50
CA GLY A 61 -4.88 -13.48 -0.32
C GLY A 61 -5.88 -12.67 -1.14
N LEU A 62 -5.48 -12.17 -2.28
CA LEU A 62 -6.41 -11.37 -3.12
C LEU A 62 -7.39 -12.29 -3.85
N ARG A 63 -8.05 -11.79 -4.85
CA ARG A 63 -9.03 -12.64 -5.60
C ARG A 63 -8.78 -12.58 -7.12
N PRO A 64 -8.81 -11.39 -7.66
CA PRO A 64 -8.60 -11.23 -9.11
C PRO A 64 -7.12 -11.07 -9.43
N GLY A 65 -6.78 -11.05 -10.67
CA GLY A 65 -5.35 -10.91 -11.05
C GLY A 65 -5.24 -9.86 -12.16
N SER A 66 -5.77 -8.69 -11.94
CA SER A 66 -5.70 -7.63 -12.98
C SER A 66 -5.21 -6.31 -12.38
N GLU A 67 -5.40 -5.22 -13.09
CA GLU A 67 -4.93 -3.89 -12.57
C GLU A 67 -5.57 -3.59 -11.22
N TYR A 68 -4.95 -4.02 -10.15
CA TYR A 68 -5.52 -3.74 -8.79
C TYR A 68 -5.10 -2.33 -8.36
N THR A 69 -6.01 -1.57 -7.78
CA THR A 69 -5.63 -0.19 -7.35
C THR A 69 -5.29 -0.17 -5.86
N VAL A 70 -4.11 0.30 -5.53
CA VAL A 70 -3.72 0.36 -4.08
C VAL A 70 -3.26 1.76 -3.71
N SER A 71 -3.66 2.24 -2.56
CA SER A 71 -3.26 3.60 -2.15
C SER A 71 -2.39 3.57 -0.88
N VAL A 72 -1.17 4.00 -0.98
CA VAL A 72 -0.28 4.00 0.22
C VAL A 72 -0.18 5.43 0.78
N VAL A 73 -0.54 5.62 2.02
CA VAL A 73 -0.47 7.00 2.58
C VAL A 73 0.06 6.97 4.02
N ALA A 74 0.81 7.97 4.38
CA ALA A 74 1.36 8.04 5.77
C ALA A 74 0.43 8.87 6.64
N LEU A 75 0.58 8.80 7.93
CA LEU A 75 -0.31 9.59 8.82
C LEU A 75 0.51 10.38 9.85
N HIS A 76 -0.16 11.04 10.75
CA HIS A 76 0.54 11.83 11.79
C HIS A 76 -0.48 12.43 12.76
N ASP A 77 -0.86 11.68 13.76
CA ASP A 77 -1.87 12.18 14.74
C ASP A 77 -3.26 12.22 14.08
N ASP A 78 -3.37 12.92 12.97
CA ASP A 78 -4.69 13.00 12.28
C ASP A 78 -4.55 13.81 10.99
N MET A 79 -3.83 13.30 10.03
CA MET A 79 -3.65 14.05 8.74
C MET A 79 -3.66 13.10 7.54
N GLU A 80 -3.99 13.61 6.39
CA GLU A 80 -4.00 12.75 5.16
C GLU A 80 -3.16 13.43 4.07
N SER A 81 -1.88 13.21 4.10
CA SER A 81 -0.99 13.86 3.08
C SER A 81 -1.23 13.26 1.69
N GLN A 82 -0.50 13.72 0.70
CA GLN A 82 -0.69 13.19 -0.68
C GLN A 82 -0.73 11.66 -0.63
N PRO A 83 -1.84 11.12 -1.02
CA PRO A 83 -2.00 9.65 -1.02
C PRO A 83 -1.17 9.03 -2.15
N LEU A 84 -0.30 8.12 -1.82
CA LEU A 84 0.54 7.47 -2.87
C LEU A 84 -0.27 6.40 -3.59
N ILE A 85 -0.43 6.52 -4.88
CA ILE A 85 -1.23 5.50 -5.62
C ILE A 85 -0.33 4.39 -6.16
N GLY A 86 -0.84 3.20 -6.26
CA GLY A 86 -0.02 2.07 -6.77
C GLY A 86 -0.90 1.13 -7.60
N THR A 87 -1.07 1.42 -8.85
CA THR A 87 -1.92 0.54 -9.71
C THR A 87 -1.04 -0.43 -10.51
N GLN A 88 -1.10 -1.69 -10.20
CA GLN A 88 -0.27 -2.69 -10.94
C GLN A 88 -1.11 -3.91 -11.28
N SER A 89 -1.01 -4.41 -12.49
CA SER A 89 -1.81 -5.60 -12.88
C SER A 89 -1.26 -6.84 -12.20
N THR A 90 -2.06 -7.49 -11.39
CA THR A 90 -1.58 -8.72 -10.69
C THR A 90 -1.06 -9.72 -11.72
N ALA A 91 -0.28 -10.68 -11.28
CA ALA A 91 0.28 -11.67 -12.25
C ALA A 91 -0.66 -12.86 -12.40
N ILE A 92 -1.52 -12.79 -13.37
CA ILE A 92 -2.49 -13.90 -13.60
C ILE A 92 -1.80 -15.26 -13.41
N PRO A 93 -2.59 -16.25 -13.10
CA PRO A 93 -2.06 -17.61 -12.89
C PRO A 93 -1.84 -18.32 -14.24
N ALA A 94 -0.62 -18.43 -14.67
CA ALA A 94 -0.35 -19.12 -15.98
C ALA A 94 -0.57 -20.63 -15.83
N ASN A 1 6.22 15.20 12.96
CA ASN A 1 6.52 15.71 11.60
C ASN A 1 6.74 14.54 10.63
N ILE A 2 5.83 14.34 9.72
CA ILE A 2 5.99 13.22 8.74
C ILE A 2 6.96 13.63 7.61
N ASP A 3 7.43 12.70 6.85
CA ASP A 3 8.37 13.03 5.75
C ASP A 3 7.67 12.97 4.39
N ARG A 4 6.43 12.55 4.35
CA ARG A 4 5.70 12.46 3.05
C ARG A 4 6.47 11.55 2.08
N PRO A 5 5.86 10.45 1.74
CA PRO A 5 6.50 9.48 0.82
C PRO A 5 6.49 9.98 -0.61
N LYS A 6 7.20 9.30 -1.47
CA LYS A 6 7.26 9.70 -2.91
C LYS A 6 8.23 8.78 -3.66
N GLY A 7 7.74 8.07 -4.64
CA GLY A 7 8.63 7.15 -5.40
C GLY A 7 8.40 5.71 -4.94
N LEU A 8 7.17 5.25 -4.98
CA LEU A 8 6.88 3.86 -4.54
C LEU A 8 7.48 2.84 -5.53
N ALA A 9 7.88 1.69 -5.04
CA ALA A 9 8.46 0.65 -5.95
C ALA A 9 7.70 -0.67 -5.79
N PHE A 10 8.15 -1.71 -6.44
CA PHE A 10 7.44 -3.02 -6.31
C PHE A 10 8.46 -4.17 -6.25
N THR A 11 8.32 -5.05 -5.31
CA THR A 11 9.27 -6.19 -5.19
C THR A 11 8.81 -7.35 -6.08
N ASP A 12 7.68 -7.91 -5.79
CA ASP A 12 7.18 -9.05 -6.63
C ASP A 12 5.64 -9.13 -6.56
N VAL A 13 5.00 -9.20 -7.70
CA VAL A 13 3.51 -9.27 -7.69
C VAL A 13 3.05 -10.70 -7.97
N ASP A 14 2.11 -11.20 -7.21
CA ASP A 14 1.61 -12.58 -7.44
C ASP A 14 0.08 -12.60 -7.60
N VAL A 15 -0.42 -13.48 -8.41
CA VAL A 15 -1.90 -13.55 -8.61
C VAL A 15 -2.62 -13.46 -7.26
N ASP A 16 -2.04 -13.99 -6.22
CA ASP A 16 -2.70 -13.92 -4.88
C ASP A 16 -1.73 -13.35 -3.84
N SER A 17 -1.02 -12.31 -4.19
CA SER A 17 -0.07 -11.70 -3.22
C SER A 17 0.75 -10.60 -3.91
N ILE A 18 0.86 -9.46 -3.29
CA ILE A 18 1.65 -8.36 -3.93
C ILE A 18 2.61 -7.73 -2.92
N LYS A 19 3.86 -7.60 -3.28
CA LYS A 19 4.85 -7.00 -2.36
C LYS A 19 5.19 -5.58 -2.82
N ILE A 20 4.61 -4.59 -2.20
CA ILE A 20 4.89 -3.18 -2.63
C ILE A 20 5.80 -2.48 -1.62
N ALA A 21 6.57 -1.52 -2.07
CA ALA A 21 7.48 -0.80 -1.13
C ALA A 21 7.27 0.72 -1.25
N TRP A 22 7.06 1.39 -0.15
CA TRP A 22 6.86 2.88 -0.21
C TRP A 22 7.90 3.58 0.67
N GLU A 23 8.31 4.76 0.28
CA GLU A 23 9.33 5.49 1.09
C GLU A 23 8.63 6.53 1.98
N SER A 24 7.87 6.08 2.93
CA SER A 24 7.14 7.03 3.82
C SER A 24 7.93 7.32 5.12
N PRO A 25 8.49 6.28 5.70
CA PRO A 25 9.24 6.46 6.95
C PRO A 25 10.64 7.00 6.70
N GLN A 26 11.08 7.93 7.49
CA GLN A 26 12.44 8.50 7.32
C GLN A 26 12.99 8.97 8.67
N GLY A 27 12.14 9.54 9.49
CA GLY A 27 12.62 10.01 10.83
C GLY A 27 11.81 9.31 11.92
N GLN A 28 10.51 9.51 11.94
CA GLN A 28 9.68 8.85 12.99
C GLN A 28 8.19 9.04 12.67
N VAL A 29 7.59 8.11 11.97
CA VAL A 29 6.14 8.25 11.64
C VAL A 29 5.27 7.70 12.78
N SER A 30 3.99 7.52 12.54
CA SER A 30 3.10 7.00 13.61
C SER A 30 2.34 5.75 13.13
N ARG A 31 1.48 5.91 12.17
CA ARG A 31 0.71 4.73 11.65
C ARG A 31 0.76 4.70 10.12
N TYR A 32 0.30 3.63 9.53
CA TYR A 32 0.31 3.53 8.04
C TYR A 32 -1.07 3.16 7.52
N ARG A 33 -1.64 3.97 6.67
CA ARG A 33 -2.99 3.64 6.14
C ARG A 33 -2.86 2.93 4.79
N VAL A 34 -3.19 1.67 4.75
CA VAL A 34 -3.08 0.91 3.47
C VAL A 34 -4.47 0.72 2.85
N THR A 35 -4.85 1.60 1.96
CA THR A 35 -6.20 1.47 1.32
C THR A 35 -6.05 1.00 -0.13
N TYR A 36 -6.92 0.13 -0.56
CA TYR A 36 -6.86 -0.38 -1.96
C TYR A 36 -8.26 -0.67 -2.46
N SER A 37 -8.47 -0.64 -3.75
CA SER A 37 -9.83 -0.92 -4.27
C SER A 37 -9.78 -1.56 -5.66
N SER A 38 -10.92 -1.77 -6.26
CA SER A 38 -10.97 -2.40 -7.61
C SER A 38 -12.22 -1.94 -8.36
N PRO A 39 -12.18 -2.10 -9.65
CA PRO A 39 -13.33 -1.69 -10.50
C PRO A 39 -14.45 -2.74 -10.38
N GLU A 40 -14.85 -3.08 -9.18
CA GLU A 40 -15.93 -4.09 -9.01
C GLU A 40 -16.01 -4.53 -7.54
N ASP A 41 -14.91 -4.93 -6.97
CA ASP A 41 -14.92 -5.36 -5.54
C ASP A 41 -15.14 -4.14 -4.64
N GLY A 42 -14.50 -3.05 -4.95
CA GLY A 42 -14.67 -1.83 -4.12
C GLY A 42 -13.35 -1.50 -3.41
N ILE A 43 -13.36 -0.54 -2.53
CA ILE A 43 -12.09 -0.17 -1.81
C ILE A 43 -12.10 -0.68 -0.38
N HIS A 44 -10.95 -0.81 0.23
CA HIS A 44 -10.87 -1.29 1.63
C HIS A 44 -9.93 -0.39 2.43
N GLU A 45 -10.16 -0.25 3.70
CA GLU A 45 -9.28 0.64 4.52
C GLU A 45 -8.36 -0.19 5.42
N LEU A 46 -7.43 -0.90 4.84
CA LEU A 46 -6.50 -1.71 5.67
C LEU A 46 -5.47 -0.77 6.31
N PHE A 47 -4.93 -1.13 7.46
CA PHE A 47 -3.94 -0.21 8.10
C PHE A 47 -3.19 -0.87 9.28
N PRO A 48 -2.71 -2.06 9.08
CA PRO A 48 -1.96 -2.76 10.14
C PRO A 48 -0.61 -2.08 10.34
N ALA A 49 -0.58 -0.99 11.07
CA ALA A 49 0.70 -0.27 11.31
C ALA A 49 1.85 -1.26 11.52
N PRO A 50 2.77 -1.26 10.60
CA PRO A 50 3.94 -2.17 10.68
C PRO A 50 4.84 -1.76 11.84
N ASP A 51 5.61 -2.67 12.34
CA ASP A 51 6.50 -2.34 13.47
C ASP A 51 7.69 -1.51 13.00
N GLY A 52 8.01 -1.57 11.74
CA GLY A 52 9.17 -0.76 11.22
C GLY A 52 10.05 -1.64 10.34
N GLU A 53 9.93 -2.94 10.48
CA GLU A 53 10.76 -3.85 9.66
C GLU A 53 10.03 -4.19 8.36
N GLU A 54 8.91 -3.56 8.12
CA GLU A 54 8.14 -3.86 6.86
C GLU A 54 7.98 -2.59 6.03
N ASP A 55 9.01 -2.18 5.33
CA ASP A 55 8.89 -0.94 4.49
C ASP A 55 7.97 -1.23 3.29
N THR A 56 7.56 -2.45 3.12
CA THR A 56 6.67 -2.81 1.98
C THR A 56 5.33 -3.36 2.51
N ALA A 57 4.62 -4.13 1.72
CA ALA A 57 3.32 -4.70 2.20
C ALA A 57 3.03 -6.03 1.53
N GLU A 58 2.51 -6.97 2.28
CA GLU A 58 2.17 -8.31 1.72
C GLU A 58 0.67 -8.43 1.52
N LEU A 59 0.15 -7.85 0.47
CA LEU A 59 -1.32 -7.93 0.22
C LEU A 59 -1.64 -9.27 -0.40
N GLN A 60 -1.90 -10.25 0.42
CA GLN A 60 -2.18 -11.61 -0.11
C GLN A 60 -3.66 -11.97 0.10
N GLY A 61 -4.27 -12.62 -0.86
CA GLY A 61 -5.70 -13.00 -0.73
C GLY A 61 -6.54 -12.16 -1.70
N LEU A 62 -6.07 -11.99 -2.91
CA LEU A 62 -6.84 -11.17 -3.91
C LEU A 62 -7.31 -12.05 -5.07
N ARG A 63 -7.99 -11.48 -6.03
CA ARG A 63 -8.48 -12.28 -7.18
C ARG A 63 -7.36 -12.45 -8.22
N PRO A 64 -7.37 -13.58 -8.87
CA PRO A 64 -6.34 -13.88 -9.89
C PRO A 64 -6.60 -13.10 -11.18
N GLY A 65 -5.70 -12.23 -11.56
CA GLY A 65 -5.89 -11.45 -12.82
C GLY A 65 -6.75 -10.23 -12.55
N SER A 66 -6.18 -9.20 -11.98
CA SER A 66 -6.97 -7.97 -11.71
C SER A 66 -6.05 -6.81 -11.32
N GLU A 67 -6.17 -5.68 -11.97
CA GLU A 67 -5.31 -4.53 -11.63
C GLU A 67 -5.69 -3.99 -10.24
N TYR A 68 -5.05 -4.46 -9.22
CA TYR A 68 -5.39 -3.98 -7.84
C TYR A 68 -4.93 -2.53 -7.64
N THR A 69 -5.84 -1.63 -7.45
CA THR A 69 -5.46 -0.21 -7.23
C THR A 69 -5.25 0.05 -5.74
N VAL A 70 -4.02 0.04 -5.29
CA VAL A 70 -3.76 0.27 -3.83
C VAL A 70 -3.19 1.66 -3.58
N SER A 71 -3.51 2.26 -2.46
CA SER A 71 -2.98 3.61 -2.14
C SER A 71 -2.17 3.56 -0.85
N VAL A 72 -0.98 4.09 -0.86
CA VAL A 72 -0.12 4.05 0.37
C VAL A 72 -0.09 5.42 1.04
N VAL A 73 -0.47 5.50 2.28
CA VAL A 73 -0.46 6.82 2.99
C VAL A 73 0.15 6.68 4.39
N ALA A 74 0.91 7.66 4.81
CA ALA A 74 1.53 7.59 6.17
C ALA A 74 0.62 8.32 7.17
N LEU A 75 0.93 8.26 8.44
CA LEU A 75 0.05 8.95 9.42
C LEU A 75 0.86 9.66 10.51
N HIS A 76 0.17 10.18 11.50
CA HIS A 76 0.85 10.89 12.61
C HIS A 76 -0.20 11.30 13.64
N ASP A 77 0.07 12.31 14.43
CA ASP A 77 -0.94 12.74 15.43
C ASP A 77 -2.32 12.81 14.77
N ASP A 78 -2.39 13.34 13.58
CA ASP A 78 -3.70 13.45 12.87
C ASP A 78 -3.46 13.97 11.45
N MET A 79 -2.55 13.37 10.73
CA MET A 79 -2.26 13.84 9.33
C MET A 79 -2.53 12.72 8.32
N GLU A 80 -2.63 13.09 7.07
CA GLU A 80 -2.86 12.07 6.00
C GLU A 80 -1.97 12.40 4.80
N SER A 81 -0.67 12.22 4.95
CA SER A 81 0.28 12.52 3.84
C SER A 81 -0.34 12.25 2.48
N GLN A 82 0.08 12.94 1.46
CA GLN A 82 -0.48 12.71 0.10
C GLN A 82 -0.64 11.21 -0.14
N PRO A 83 -1.86 10.81 -0.39
CA PRO A 83 -2.16 9.39 -0.64
C PRO A 83 -1.54 8.92 -1.96
N LEU A 84 -0.45 8.23 -1.89
CA LEU A 84 0.23 7.74 -3.13
C LEU A 84 -0.61 6.63 -3.77
N ILE A 85 -0.41 6.38 -5.04
CA ILE A 85 -1.19 5.30 -5.71
C ILE A 85 -0.27 4.17 -6.15
N GLY A 86 -0.77 2.96 -6.13
CA GLY A 86 0.08 1.79 -6.54
C GLY A 86 -0.78 0.80 -7.33
N THR A 87 -1.03 1.08 -8.58
CA THR A 87 -1.86 0.14 -9.39
C THR A 87 -0.99 -0.98 -9.95
N GLN A 88 -1.14 -2.17 -9.44
CA GLN A 88 -0.32 -3.32 -9.94
C GLN A 88 -1.22 -4.39 -10.58
N SER A 89 -0.75 -5.01 -11.61
CA SER A 89 -1.57 -6.07 -12.27
C SER A 89 -1.25 -7.45 -11.67
N THR A 90 -2.11 -7.96 -10.83
CA THR A 90 -1.84 -9.29 -10.21
C THR A 90 -1.67 -10.35 -11.30
N ALA A 91 -0.83 -11.33 -11.05
CA ALA A 91 -0.62 -12.40 -12.06
C ALA A 91 -1.81 -13.37 -12.06
N ILE A 92 -1.58 -14.58 -12.48
CA ILE A 92 -2.68 -15.59 -12.51
C ILE A 92 -2.21 -16.91 -11.90
N PRO A 93 -3.14 -17.81 -11.73
CA PRO A 93 -2.82 -19.13 -11.15
C PRO A 93 -2.28 -20.06 -12.24
N ALA A 94 -1.14 -19.76 -12.77
CA ALA A 94 -0.55 -20.64 -13.83
C ALA A 94 0.52 -21.56 -13.23
N ASN A 1 6.33 17.02 11.44
CA ASN A 1 5.21 17.09 10.45
C ASN A 1 5.53 16.22 9.23
N ILE A 2 4.58 15.47 8.76
CA ILE A 2 4.82 14.60 7.57
C ILE A 2 5.47 15.41 6.45
N ASP A 3 5.80 14.78 5.36
CA ASP A 3 6.44 15.51 4.24
C ASP A 3 5.84 15.07 2.91
N ARG A 4 6.13 13.88 2.48
CA ARG A 4 5.58 13.37 1.18
C ARG A 4 6.29 12.08 0.77
N PRO A 5 5.52 11.02 0.71
CA PRO A 5 6.08 9.71 0.31
C PRO A 5 6.36 9.70 -1.19
N LYS A 6 6.97 8.65 -1.68
CA LYS A 6 7.29 8.56 -3.14
C LYS A 6 8.33 7.46 -3.40
N GLY A 7 8.20 6.75 -4.48
CA GLY A 7 9.18 5.68 -4.79
C GLY A 7 8.62 4.31 -4.40
N LEU A 8 7.39 4.05 -4.73
CA LEU A 8 6.80 2.72 -4.39
C LEU A 8 7.38 1.64 -5.33
N ALA A 9 7.98 0.62 -4.79
CA ALA A 9 8.57 -0.44 -5.66
C ALA A 9 7.71 -1.71 -5.61
N PHE A 10 7.94 -2.62 -6.52
CA PHE A 10 7.13 -3.88 -6.54
C PHE A 10 8.06 -5.10 -6.46
N THR A 11 8.18 -5.69 -5.30
CA THR A 11 9.06 -6.89 -5.16
C THR A 11 8.41 -8.12 -5.81
N ASP A 12 7.30 -8.56 -5.28
CA ASP A 12 6.62 -9.75 -5.84
C ASP A 12 5.17 -9.39 -6.22
N VAL A 13 4.81 -9.53 -7.47
CA VAL A 13 3.43 -9.18 -7.89
C VAL A 13 2.68 -10.45 -8.33
N ASP A 14 2.23 -11.24 -7.39
CA ASP A 14 1.50 -12.49 -7.75
C ASP A 14 0.01 -12.17 -7.98
N VAL A 15 -0.66 -12.97 -8.77
CA VAL A 15 -2.10 -12.72 -9.04
C VAL A 15 -2.85 -12.51 -7.72
N ASP A 16 -2.41 -13.14 -6.67
CA ASP A 16 -3.09 -12.97 -5.35
C ASP A 16 -2.05 -12.72 -4.25
N SER A 17 -1.06 -11.93 -4.53
CA SER A 17 -0.01 -11.64 -3.51
C SER A 17 0.96 -10.59 -4.04
N ILE A 18 0.81 -9.37 -3.63
CA ILE A 18 1.72 -8.31 -4.14
C ILE A 18 2.52 -7.69 -2.99
N LYS A 19 3.82 -7.72 -3.07
CA LYS A 19 4.66 -7.12 -1.99
C LYS A 19 5.14 -5.75 -2.44
N ILE A 20 4.69 -4.70 -1.79
CA ILE A 20 5.11 -3.33 -2.22
C ILE A 20 5.93 -2.64 -1.11
N ALA A 21 6.79 -1.75 -1.51
CA ALA A 21 7.62 -1.02 -0.50
C ALA A 21 7.50 0.49 -0.74
N TRP A 22 6.72 1.17 0.06
CA TRP A 22 6.56 2.64 -0.12
C TRP A 22 7.63 3.40 0.65
N GLU A 23 7.99 4.56 0.19
CA GLU A 23 9.03 5.36 0.91
C GLU A 23 8.44 6.01 2.17
N SER A 24 9.17 5.99 3.26
CA SER A 24 8.65 6.61 4.51
C SER A 24 8.97 8.11 4.54
N PRO A 25 8.19 8.82 5.30
CA PRO A 25 8.38 10.27 5.44
C PRO A 25 9.63 10.58 6.26
N GLN A 26 9.75 11.79 6.72
CA GLN A 26 10.94 12.16 7.53
C GLN A 26 10.59 12.26 9.01
N GLY A 27 9.59 13.01 9.34
CA GLY A 27 9.19 13.14 10.77
C GLY A 27 9.06 11.77 11.40
N GLN A 28 7.88 11.22 11.39
CA GLN A 28 7.67 9.87 11.98
C GLN A 28 6.19 9.52 11.97
N VAL A 29 5.79 8.69 11.06
CA VAL A 29 4.35 8.31 10.97
C VAL A 29 3.93 7.46 12.17
N SER A 30 2.89 7.85 12.85
CA SER A 30 2.43 7.05 14.01
C SER A 30 1.39 6.03 13.54
N ARG A 31 0.89 6.20 12.34
CA ARG A 31 -0.12 5.25 11.80
C ARG A 31 0.03 5.15 10.28
N TYR A 32 -0.29 4.03 9.71
CA TYR A 32 -0.16 3.90 8.23
C TYR A 32 -1.43 3.31 7.64
N ARG A 33 -2.21 4.11 6.96
CA ARG A 33 -3.46 3.58 6.36
C ARG A 33 -3.21 3.08 4.94
N VAL A 34 -2.99 1.80 4.79
CA VAL A 34 -2.74 1.24 3.43
C VAL A 34 -4.08 0.90 2.77
N THR A 35 -4.61 1.79 1.99
CA THR A 35 -5.93 1.52 1.34
C THR A 35 -5.74 0.91 -0.05
N TYR A 36 -6.53 -0.07 -0.38
CA TYR A 36 -6.42 -0.71 -1.73
C TYR A 36 -7.81 -0.82 -2.34
N SER A 37 -7.99 -0.32 -3.52
CA SER A 37 -9.34 -0.38 -4.15
C SER A 37 -9.36 -1.35 -5.35
N SER A 38 -10.50 -1.90 -5.64
CA SER A 38 -10.63 -2.83 -6.79
C SER A 38 -11.90 -2.50 -7.57
N PRO A 39 -11.75 -2.32 -8.85
CA PRO A 39 -12.91 -2.00 -9.72
C PRO A 39 -13.84 -3.22 -9.87
N GLU A 40 -14.39 -3.69 -8.78
CA GLU A 40 -15.30 -4.87 -8.86
C GLU A 40 -15.95 -5.14 -7.50
N ASP A 41 -15.16 -5.43 -6.50
CA ASP A 41 -15.73 -5.70 -5.15
C ASP A 41 -15.80 -4.40 -4.35
N GLY A 42 -14.83 -3.54 -4.53
CA GLY A 42 -14.84 -2.25 -3.79
C GLY A 42 -13.44 -1.96 -3.25
N ILE A 43 -13.33 -1.20 -2.19
CA ILE A 43 -11.99 -0.87 -1.63
C ILE A 43 -11.91 -1.20 -0.14
N HIS A 44 -10.72 -1.29 0.37
CA HIS A 44 -10.54 -1.57 1.82
C HIS A 44 -9.27 -0.88 2.32
N GLU A 45 -8.83 -1.18 3.51
CA GLU A 45 -7.61 -0.50 4.02
C GLU A 45 -6.98 -1.29 5.16
N LEU A 46 -5.70 -1.12 5.36
CA LEU A 46 -5.01 -1.82 6.46
C LEU A 46 -4.71 -0.80 7.58
N PHE A 47 -5.15 -1.07 8.78
CA PHE A 47 -4.88 -0.10 9.88
C PHE A 47 -3.98 -0.72 10.97
N PRO A 48 -2.99 -1.50 10.55
CA PRO A 48 -2.07 -2.12 11.51
C PRO A 48 -1.06 -1.10 12.01
N ALA A 49 -1.48 -0.20 12.86
CA ALA A 49 -0.55 0.83 13.40
C ALA A 49 0.84 0.21 13.67
N PRO A 50 1.73 0.40 12.74
CA PRO A 50 3.10 -0.15 12.87
C PRO A 50 3.88 0.61 13.95
N ASP A 51 5.16 0.38 14.02
CA ASP A 51 5.97 1.08 15.06
C ASP A 51 6.92 2.09 14.40
N GLY A 52 6.55 2.64 13.28
CA GLY A 52 7.43 3.62 12.60
C GLY A 52 8.67 2.91 12.06
N GLU A 53 8.64 1.60 12.00
CA GLU A 53 9.80 0.84 11.49
C GLU A 53 9.39 0.00 10.28
N GLU A 54 8.23 0.21 9.76
CA GLU A 54 7.77 -0.59 8.58
C GLU A 54 7.63 0.31 7.35
N ASP A 55 8.31 -0.02 6.28
CA ASP A 55 8.21 0.81 5.05
C ASP A 55 7.58 0.01 3.91
N THR A 56 7.36 -1.26 4.12
CA THR A 56 6.75 -2.11 3.06
C THR A 56 5.50 -2.82 3.59
N ALA A 57 4.87 -3.63 2.78
CA ALA A 57 3.64 -4.34 3.24
C ALA A 57 3.35 -5.57 2.36
N GLU A 58 2.82 -6.61 2.96
CA GLU A 58 2.51 -7.84 2.17
C GLU A 58 1.01 -7.91 1.86
N LEU A 59 0.59 -7.35 0.76
CA LEU A 59 -0.84 -7.39 0.40
C LEU A 59 -1.16 -8.76 -0.18
N GLN A 60 -1.13 -9.76 0.63
CA GLN A 60 -1.40 -11.14 0.14
C GLN A 60 -2.90 -11.46 0.20
N GLY A 61 -3.50 -11.71 -0.94
CA GLY A 61 -4.96 -12.04 -0.96
C GLY A 61 -5.72 -10.93 -1.70
N LEU A 62 -5.61 -10.89 -3.00
CA LEU A 62 -6.33 -9.82 -3.77
C LEU A 62 -7.20 -10.46 -4.88
N ARG A 63 -7.52 -9.70 -5.90
CA ARG A 63 -8.35 -10.25 -7.02
C ARG A 63 -7.46 -10.98 -8.03
N PRO A 64 -8.00 -12.06 -8.56
CA PRO A 64 -7.25 -12.86 -9.55
C PRO A 64 -7.37 -12.25 -10.95
N GLY A 65 -6.28 -11.73 -11.47
CA GLY A 65 -6.31 -11.14 -12.83
C GLY A 65 -7.11 -9.84 -12.83
N SER A 66 -6.65 -8.85 -12.11
CA SER A 66 -7.40 -7.56 -12.06
C SER A 66 -6.45 -6.40 -11.75
N GLU A 67 -6.71 -5.24 -12.29
CA GLU A 67 -5.84 -4.08 -12.00
C GLU A 67 -5.92 -3.72 -10.53
N TYR A 68 -5.00 -4.19 -9.74
CA TYR A 68 -5.04 -3.88 -8.28
C TYR A 68 -4.72 -2.41 -8.03
N THR A 69 -5.69 -1.65 -7.61
CA THR A 69 -5.45 -0.20 -7.34
C THR A 69 -5.16 0.00 -5.86
N VAL A 70 -3.93 0.29 -5.53
CA VAL A 70 -3.59 0.50 -4.09
C VAL A 70 -3.34 1.98 -3.80
N SER A 71 -3.59 2.39 -2.59
CA SER A 71 -3.38 3.82 -2.22
C SER A 71 -2.68 3.92 -0.87
N VAL A 72 -1.37 3.92 -0.86
CA VAL A 72 -0.63 4.01 0.43
C VAL A 72 -0.77 5.42 1.02
N VAL A 73 -1.22 5.51 2.24
CA VAL A 73 -1.38 6.85 2.87
C VAL A 73 -0.68 6.88 4.24
N ALA A 74 0.33 7.70 4.37
CA ALA A 74 1.05 7.79 5.68
C ALA A 74 0.30 8.71 6.64
N LEU A 75 0.43 8.49 7.92
CA LEU A 75 -0.30 9.37 8.89
C LEU A 75 0.66 9.92 9.94
N HIS A 76 0.29 11.01 10.55
CA HIS A 76 1.15 11.62 11.60
C HIS A 76 0.28 12.02 12.78
N ASP A 77 0.01 11.09 13.69
CA ASP A 77 -0.86 11.40 14.86
C ASP A 77 -2.33 11.42 14.42
N ASP A 78 -2.64 12.14 13.37
CA ASP A 78 -4.05 12.20 12.88
C ASP A 78 -4.16 13.14 11.67
N MET A 79 -3.41 12.88 10.63
CA MET A 79 -3.48 13.78 9.44
C MET A 79 -3.70 12.98 8.16
N GLU A 80 -3.49 13.60 7.03
CA GLU A 80 -3.69 12.89 5.74
C GLU A 80 -2.92 13.61 4.62
N SER A 81 -1.72 13.19 4.34
CA SER A 81 -0.91 13.85 3.28
C SER A 81 -1.17 13.19 1.92
N GLN A 82 -0.65 13.75 0.87
CA GLN A 82 -0.87 13.16 -0.47
C GLN A 82 -0.64 11.65 -0.43
N PRO A 83 -1.70 10.92 -0.65
CA PRO A 83 -1.60 9.44 -0.63
C PRO A 83 -0.88 8.93 -1.88
N LEU A 84 -0.14 7.87 -1.75
CA LEU A 84 0.59 7.31 -2.93
C LEU A 84 -0.26 6.25 -3.63
N ILE A 85 -0.17 6.15 -4.91
CA ILE A 85 -0.97 5.13 -5.65
C ILE A 85 -0.08 4.02 -6.21
N GLY A 86 -0.62 2.84 -6.37
CA GLY A 86 0.18 1.71 -6.91
C GLY A 86 -0.74 0.77 -7.69
N THR A 87 -0.99 1.06 -8.94
CA THR A 87 -1.89 0.18 -9.75
C THR A 87 -1.06 -0.75 -10.64
N GLN A 88 -1.43 -2.00 -10.71
CA GLN A 88 -0.67 -2.95 -11.56
C GLN A 88 -1.52 -4.20 -11.86
N SER A 89 -1.41 -4.73 -13.04
CA SER A 89 -2.22 -5.94 -13.38
C SER A 89 -1.68 -7.16 -12.61
N THR A 90 -2.39 -7.59 -11.62
CA THR A 90 -1.92 -8.78 -10.83
C THR A 90 -1.66 -9.97 -11.76
N ALA A 91 -0.70 -10.80 -11.44
CA ALA A 91 -0.40 -11.96 -12.31
C ALA A 91 -1.70 -12.70 -12.66
N ILE A 92 -1.64 -13.68 -13.53
CA ILE A 92 -2.87 -14.42 -13.91
C ILE A 92 -2.56 -15.90 -14.16
N PRO A 93 -2.00 -16.54 -13.17
CA PRO A 93 -1.66 -17.97 -13.29
C PRO A 93 -2.87 -18.84 -12.94
N ALA A 94 -4.01 -18.45 -13.41
CA ALA A 94 -5.25 -19.25 -13.13
C ALA A 94 -5.63 -20.12 -14.33
N ASN A 1 3.65 19.54 8.68
CA ASN A 1 2.74 18.76 7.81
C ASN A 1 3.52 17.66 7.07
N ILE A 2 2.89 16.54 6.82
CA ILE A 2 3.61 15.44 6.12
C ILE A 2 4.15 15.95 4.77
N ASP A 3 4.77 15.09 3.99
CA ASP A 3 5.32 15.54 2.69
C ASP A 3 4.90 14.57 1.58
N ARG A 4 4.06 13.63 1.89
CA ARG A 4 3.61 12.65 0.86
C ARG A 4 4.81 11.89 0.29
N PRO A 5 4.73 10.59 0.33
CA PRO A 5 5.82 9.73 -0.20
C PRO A 5 5.88 9.83 -1.72
N LYS A 6 6.86 9.23 -2.33
CA LYS A 6 6.99 9.29 -3.81
C LYS A 6 7.82 8.12 -4.33
N GLY A 7 7.71 7.80 -5.59
CA GLY A 7 8.50 6.68 -6.16
C GLY A 7 8.20 5.38 -5.42
N LEU A 8 7.01 4.88 -5.54
CA LEU A 8 6.67 3.61 -4.85
C LEU A 8 7.24 2.42 -5.65
N ALA A 9 7.80 1.44 -4.98
CA ALA A 9 8.39 0.28 -5.71
C ALA A 9 7.67 -1.02 -5.32
N PHE A 10 7.84 -2.05 -6.11
CA PHE A 10 7.17 -3.35 -5.80
C PHE A 10 8.22 -4.46 -5.65
N THR A 11 7.87 -5.55 -5.03
CA THR A 11 8.83 -6.66 -4.85
C THR A 11 8.34 -7.90 -5.60
N ASP A 12 7.05 -8.13 -5.59
CA ASP A 12 6.49 -9.31 -6.30
C ASP A 12 4.97 -9.20 -6.38
N VAL A 13 4.40 -9.50 -7.51
CA VAL A 13 2.91 -9.40 -7.65
C VAL A 13 2.29 -10.79 -7.78
N ASP A 14 1.01 -10.90 -7.54
CA ASP A 14 0.34 -12.22 -7.66
C ASP A 14 -1.19 -12.04 -7.58
N VAL A 15 -1.93 -12.77 -8.36
CA VAL A 15 -3.42 -12.63 -8.33
C VAL A 15 -3.90 -12.54 -6.88
N ASP A 16 -3.28 -13.26 -5.99
CA ASP A 16 -3.69 -13.21 -4.56
C ASP A 16 -2.47 -12.93 -3.67
N SER A 17 -1.64 -12.01 -4.07
CA SER A 17 -0.43 -11.69 -3.25
C SER A 17 0.39 -10.60 -3.93
N ILE A 18 0.67 -9.52 -3.24
CA ILE A 18 1.46 -8.43 -3.88
C ILE A 18 2.39 -7.78 -2.85
N LYS A 19 3.67 -8.06 -2.93
CA LYS A 19 4.63 -7.43 -1.98
C LYS A 19 5.01 -6.04 -2.51
N ILE A 20 4.88 -5.01 -1.71
CA ILE A 20 5.24 -3.65 -2.22
C ILE A 20 6.01 -2.86 -1.17
N ALA A 21 6.82 -1.94 -1.61
CA ALA A 21 7.61 -1.10 -0.66
C ALA A 21 7.65 0.34 -1.18
N TRP A 22 7.16 1.27 -0.41
CA TRP A 22 7.15 2.69 -0.88
C TRP A 22 8.25 3.49 -0.16
N GLU A 23 8.52 4.68 -0.64
CA GLU A 23 9.57 5.53 0.00
C GLU A 23 9.03 6.18 1.28
N SER A 24 9.68 5.96 2.38
CA SER A 24 9.20 6.58 3.65
C SER A 24 9.23 8.10 3.54
N PRO A 25 8.38 8.74 4.30
CA PRO A 25 8.30 10.21 4.28
C PRO A 25 9.52 10.82 4.97
N GLN A 26 9.62 12.12 4.98
CA GLN A 26 10.78 12.78 5.63
C GLN A 26 10.58 12.81 7.14
N GLY A 27 9.50 13.36 7.60
CA GLY A 27 9.24 13.41 9.06
C GLY A 27 9.26 12.00 9.63
N GLN A 28 8.10 11.42 9.79
CA GLN A 28 8.04 10.03 10.33
C GLN A 28 6.59 9.60 10.54
N VAL A 29 6.08 8.77 9.69
CA VAL A 29 4.67 8.30 9.82
C VAL A 29 4.43 7.64 11.18
N SER A 30 3.36 7.99 11.84
CA SER A 30 3.07 7.37 13.16
C SER A 30 2.32 6.06 12.94
N ARG A 31 1.63 5.94 11.84
CA ARG A 31 0.88 4.68 11.54
C ARG A 31 0.78 4.50 10.02
N TYR A 32 0.83 3.28 9.56
CA TYR A 32 0.76 3.05 8.09
C TYR A 32 -0.65 2.61 7.67
N ARG A 33 -1.39 3.47 7.03
CA ARG A 33 -2.76 3.08 6.58
C ARG A 33 -2.73 2.83 5.08
N VAL A 34 -3.18 1.70 4.64
CA VAL A 34 -3.15 1.41 3.18
C VAL A 34 -4.53 1.04 2.66
N THR A 35 -5.01 1.76 1.68
CA THR A 35 -6.35 1.44 1.11
C THR A 35 -6.19 0.97 -0.32
N TYR A 36 -6.91 -0.05 -0.69
CA TYR A 36 -6.81 -0.56 -2.09
C TYR A 36 -8.19 -0.81 -2.66
N SER A 37 -8.41 -0.47 -3.90
CA SER A 37 -9.75 -0.66 -4.51
C SER A 37 -9.66 -1.55 -5.76
N SER A 38 -10.75 -2.20 -6.10
CA SER A 38 -10.73 -3.09 -7.30
C SER A 38 -12.06 -2.98 -8.05
N PRO A 39 -12.01 -3.20 -9.33
CA PRO A 39 -13.22 -3.12 -10.16
C PRO A 39 -14.10 -4.37 -9.96
N GLU A 40 -14.43 -4.67 -8.74
CA GLU A 40 -15.27 -5.88 -8.46
C GLU A 40 -15.44 -6.08 -6.96
N ASP A 41 -14.38 -6.42 -6.27
CA ASP A 41 -14.49 -6.64 -4.79
C ASP A 41 -14.80 -5.33 -4.08
N GLY A 42 -14.27 -4.24 -4.57
CA GLY A 42 -14.53 -2.93 -3.91
C GLY A 42 -13.23 -2.36 -3.36
N ILE A 43 -13.22 -1.92 -2.12
CA ILE A 43 -11.97 -1.35 -1.55
C ILE A 43 -11.80 -1.77 -0.08
N HIS A 44 -10.58 -1.74 0.41
CA HIS A 44 -10.34 -2.12 1.83
C HIS A 44 -9.31 -1.18 2.47
N GLU A 45 -9.04 -1.34 3.74
CA GLU A 45 -8.05 -0.43 4.40
C GLU A 45 -7.08 -1.26 5.26
N LEU A 46 -5.82 -0.91 5.27
CA LEU A 46 -4.84 -1.66 6.11
C LEU A 46 -4.62 -0.92 7.42
N PHE A 47 -5.08 -1.48 8.50
CA PHE A 47 -4.92 -0.82 9.83
C PHE A 47 -3.64 -1.27 10.58
N PRO A 48 -3.29 -2.54 10.43
CA PRO A 48 -2.10 -3.06 11.14
C PRO A 48 -0.81 -2.57 10.49
N ALA A 49 -0.11 -1.69 11.17
CA ALA A 49 1.17 -1.18 10.62
C ALA A 49 2.34 -2.00 11.19
N PRO A 50 3.16 -2.51 10.30
CA PRO A 50 4.31 -3.34 10.72
C PRO A 50 5.41 -2.48 11.33
N ASP A 51 5.87 -2.85 12.49
CA ASP A 51 6.95 -2.06 13.16
C ASP A 51 6.61 -0.56 13.14
N GLY A 52 7.48 0.25 13.67
CA GLY A 52 7.21 1.72 13.68
C GLY A 52 7.99 2.40 12.55
N GLU A 53 8.84 1.66 11.88
CA GLU A 53 9.63 2.26 10.78
C GLU A 53 9.51 1.41 9.50
N GLU A 54 8.63 0.44 9.51
CA GLU A 54 8.46 -0.41 8.30
C GLU A 54 7.84 0.40 7.16
N ASP A 55 8.55 0.59 6.09
CA ASP A 55 7.99 1.38 4.95
C ASP A 55 7.45 0.45 3.86
N THR A 56 7.25 -0.81 4.17
CA THR A 56 6.72 -1.76 3.14
C THR A 56 5.48 -2.49 3.68
N ALA A 57 5.02 -3.49 2.99
CA ALA A 57 3.82 -4.24 3.46
C ALA A 57 3.57 -5.48 2.60
N GLU A 58 2.92 -6.47 3.15
CA GLU A 58 2.65 -7.72 2.37
C GLU A 58 1.15 -7.83 2.04
N LEU A 59 0.77 -7.40 0.87
CA LEU A 59 -0.67 -7.49 0.49
C LEU A 59 -0.96 -8.91 0.01
N GLN A 60 -1.24 -9.80 0.93
CA GLN A 60 -1.51 -11.21 0.53
C GLN A 60 -2.94 -11.62 0.89
N GLY A 61 -3.67 -12.15 -0.07
CA GLY A 61 -5.08 -12.58 0.22
C GLY A 61 -6.03 -11.91 -0.77
N LEU A 62 -5.64 -11.79 -2.01
CA LEU A 62 -6.54 -11.14 -3.02
C LEU A 62 -7.04 -12.15 -4.05
N ARG A 63 -8.13 -11.86 -4.69
CA ARG A 63 -8.68 -12.81 -5.72
C ARG A 63 -8.61 -12.24 -7.19
N PRO A 64 -8.36 -10.94 -7.37
CA PRO A 64 -8.30 -10.39 -8.76
C PRO A 64 -7.00 -10.78 -9.47
N GLY A 65 -6.88 -10.43 -10.73
CA GLY A 65 -5.65 -10.75 -11.49
C GLY A 65 -5.43 -9.69 -12.57
N SER A 66 -5.74 -8.45 -12.29
CA SER A 66 -5.55 -7.36 -13.29
C SER A 66 -5.12 -6.07 -12.60
N GLU A 67 -5.11 -4.97 -13.32
CA GLU A 67 -4.71 -3.68 -12.69
C GLU A 67 -5.31 -3.55 -11.28
N TYR A 68 -4.48 -3.37 -10.30
CA TYR A 68 -4.99 -3.25 -8.90
C TYR A 68 -4.81 -1.81 -8.41
N THR A 69 -5.85 -1.21 -7.90
CA THR A 69 -5.72 0.20 -7.41
C THR A 69 -5.41 0.23 -5.92
N VAL A 70 -4.16 0.39 -5.57
CA VAL A 70 -3.80 0.42 -4.13
C VAL A 70 -3.28 1.81 -3.74
N SER A 71 -3.94 2.46 -2.82
CA SER A 71 -3.50 3.82 -2.41
C SER A 71 -2.74 3.74 -1.08
N VAL A 72 -1.46 3.99 -1.09
CA VAL A 72 -0.68 3.94 0.18
C VAL A 72 -0.83 5.27 0.93
N VAL A 73 -1.18 5.23 2.18
CA VAL A 73 -1.36 6.50 2.94
C VAL A 73 -0.45 6.54 4.17
N ALA A 74 0.24 7.62 4.36
CA ALA A 74 1.14 7.75 5.54
C ALA A 74 0.46 8.60 6.62
N LEU A 75 0.52 8.18 7.86
CA LEU A 75 -0.14 8.96 8.95
C LEU A 75 0.90 9.72 9.78
N HIS A 76 0.65 10.97 10.04
CA HIS A 76 1.59 11.78 10.86
C HIS A 76 0.87 12.29 12.11
N ASP A 77 0.89 11.51 13.16
CA ASP A 77 0.19 11.93 14.41
C ASP A 77 -1.33 11.90 14.21
N ASP A 78 -1.82 12.59 13.21
CA ASP A 78 -3.29 12.60 12.95
C ASP A 78 -3.58 13.22 11.58
N MET A 79 -2.77 12.96 10.60
CA MET A 79 -3.00 13.54 9.26
C MET A 79 -3.38 12.46 8.23
N GLU A 80 -4.07 12.85 7.20
CA GLU A 80 -4.47 11.88 6.14
C GLU A 80 -3.90 12.33 4.79
N SER A 81 -2.60 12.37 4.68
CA SER A 81 -1.96 12.82 3.41
C SER A 81 -2.45 12.01 2.20
N GLN A 82 -2.52 12.63 1.05
CA GLN A 82 -2.97 11.90 -0.16
C GLN A 82 -2.29 10.53 -0.24
N PRO A 83 -3.05 9.56 -0.64
CA PRO A 83 -2.54 8.18 -0.75
C PRO A 83 -1.65 8.02 -1.99
N LEU A 84 -0.52 7.37 -1.84
CA LEU A 84 0.39 7.17 -3.01
C LEU A 84 -0.17 6.05 -3.90
N ILE A 85 -0.98 6.40 -4.86
CA ILE A 85 -1.58 5.36 -5.75
C ILE A 85 -0.53 4.30 -6.14
N GLY A 86 -0.99 3.11 -6.42
CA GLY A 86 -0.05 2.02 -6.81
C GLY A 86 -0.80 1.05 -7.72
N THR A 87 -0.78 1.32 -9.00
CA THR A 87 -1.50 0.41 -9.96
C THR A 87 -0.60 -0.75 -10.38
N GLN A 88 -0.89 -1.94 -9.92
CA GLN A 88 -0.06 -3.12 -10.29
C GLN A 88 -0.93 -4.20 -10.93
N SER A 89 -0.55 -4.68 -12.09
CA SER A 89 -1.35 -5.74 -12.76
C SER A 89 -1.25 -7.05 -11.99
N THR A 90 -2.19 -7.35 -11.14
CA THR A 90 -2.12 -8.63 -10.36
C THR A 90 -2.12 -9.82 -11.32
N ALA A 91 -1.33 -10.81 -11.03
CA ALA A 91 -1.26 -12.01 -11.92
C ALA A 91 -2.52 -12.86 -11.79
N ILE A 92 -2.44 -14.10 -12.18
CA ILE A 92 -3.63 -15.00 -12.09
C ILE A 92 -3.30 -16.19 -11.17
N PRO A 93 -4.28 -17.04 -10.95
CA PRO A 93 -4.07 -18.21 -10.09
C PRO A 93 -3.25 -19.28 -10.83
N ALA A 94 -1.95 -19.17 -10.77
CA ALA A 94 -1.09 -20.18 -11.47
C ALA A 94 -0.76 -21.35 -10.54
N ASN A 1 5.03 18.37 10.56
CA ASN A 1 4.43 17.79 9.31
C ASN A 1 4.96 16.36 9.10
N ILE A 2 4.66 15.77 7.98
CA ILE A 2 5.13 14.39 7.71
C ILE A 2 6.19 14.39 6.60
N ASP A 3 6.84 13.28 6.40
CA ASP A 3 7.88 13.20 5.34
C ASP A 3 7.23 13.24 3.96
N ARG A 4 6.03 12.76 3.85
CA ARG A 4 5.34 12.77 2.53
C ARG A 4 6.08 11.90 1.52
N PRO A 5 5.56 10.73 1.29
CA PRO A 5 6.19 9.79 0.34
C PRO A 5 6.00 10.31 -1.09
N LYS A 6 6.38 9.53 -2.06
CA LYS A 6 6.23 9.98 -3.48
C LYS A 6 6.75 8.91 -4.45
N GLY A 7 7.65 8.08 -4.02
CA GLY A 7 8.19 7.01 -4.92
C GLY A 7 7.79 5.63 -4.41
N LEU A 8 6.86 4.98 -5.06
CA LEU A 8 6.42 3.64 -4.62
C LEU A 8 7.12 2.57 -5.49
N ALA A 9 7.47 1.46 -4.91
CA ALA A 9 8.16 0.39 -5.72
C ALA A 9 7.40 -0.94 -5.60
N PHE A 10 7.86 -1.95 -6.29
CA PHE A 10 7.17 -3.27 -6.24
C PHE A 10 8.20 -4.40 -6.08
N THR A 11 8.17 -5.10 -4.98
CA THR A 11 9.13 -6.21 -4.78
C THR A 11 8.71 -7.45 -5.59
N ASP A 12 7.65 -8.10 -5.20
CA ASP A 12 7.20 -9.31 -5.95
C ASP A 12 5.68 -9.33 -6.09
N VAL A 13 5.19 -9.26 -7.29
CA VAL A 13 3.70 -9.28 -7.49
C VAL A 13 3.21 -10.71 -7.68
N ASP A 14 2.14 -11.07 -7.01
CA ASP A 14 1.61 -12.46 -7.15
C ASP A 14 0.08 -12.43 -7.19
N VAL A 15 -0.52 -13.13 -8.12
CA VAL A 15 -2.01 -13.15 -8.20
C VAL A 15 -2.61 -13.25 -6.80
N ASP A 16 -1.91 -13.86 -5.90
CA ASP A 16 -2.44 -14.01 -4.51
C ASP A 16 -1.38 -13.57 -3.49
N SER A 17 -0.61 -12.56 -3.82
CA SER A 17 0.44 -12.08 -2.89
C SER A 17 1.23 -10.94 -3.53
N ILE A 18 0.93 -9.73 -3.14
CA ILE A 18 1.66 -8.57 -3.74
C ILE A 18 2.58 -7.91 -2.71
N LYS A 19 3.86 -7.98 -2.94
CA LYS A 19 4.81 -7.34 -1.99
C LYS A 19 5.17 -5.94 -2.50
N ILE A 20 4.72 -4.92 -1.82
CA ILE A 20 5.03 -3.54 -2.29
C ILE A 20 5.91 -2.80 -1.30
N ALA A 21 6.72 -1.91 -1.79
CA ALA A 21 7.62 -1.13 -0.89
C ALA A 21 7.47 0.37 -1.18
N TRP A 22 7.04 1.13 -0.22
CA TRP A 22 6.86 2.59 -0.45
C TRP A 22 8.06 3.38 0.11
N GLU A 23 8.35 4.52 -0.46
CA GLU A 23 9.50 5.34 0.02
C GLU A 23 9.53 5.35 1.55
N SER A 24 10.56 4.80 2.13
CA SER A 24 10.64 4.78 3.62
C SER A 24 10.51 6.20 4.18
N PRO A 25 10.11 6.28 5.42
CA PRO A 25 9.94 7.59 6.08
C PRO A 25 11.30 8.21 6.39
N GLN A 26 11.32 9.30 7.12
CA GLN A 26 12.62 9.95 7.44
C GLN A 26 12.73 10.19 8.96
N GLY A 27 11.74 10.77 9.55
CA GLY A 27 11.78 11.03 11.01
C GLY A 27 11.03 9.91 11.76
N GLN A 28 9.80 10.15 12.12
CA GLN A 28 9.03 9.10 12.84
C GLN A 28 7.53 9.26 12.55
N VAL A 29 6.97 8.38 11.77
CA VAL A 29 5.54 8.48 11.44
C VAL A 29 4.68 7.79 12.52
N SER A 30 3.43 8.14 12.61
CA SER A 30 2.55 7.51 13.63
C SER A 30 2.02 6.16 13.13
N ARG A 31 1.58 6.11 11.90
CA ARG A 31 1.05 4.83 11.35
C ARG A 31 0.93 4.92 9.82
N TYR A 32 0.84 3.80 9.15
CA TYR A 32 0.72 3.83 7.67
C TYR A 32 -0.61 3.23 7.23
N ARG A 33 -1.54 4.06 6.82
CA ARG A 33 -2.86 3.52 6.38
C ARG A 33 -2.75 2.90 4.99
N VAL A 34 -2.75 1.59 4.92
CA VAL A 34 -2.65 0.93 3.59
C VAL A 34 -4.05 0.61 3.07
N THR A 35 -4.42 1.17 1.94
CA THR A 35 -5.78 0.90 1.40
C THR A 35 -5.70 0.51 -0.08
N TYR A 36 -6.58 -0.35 -0.52
CA TYR A 36 -6.57 -0.77 -1.96
C TYR A 36 -7.99 -0.72 -2.51
N SER A 37 -8.16 -0.31 -3.73
CA SER A 37 -9.55 -0.22 -4.26
C SER A 37 -9.71 -0.95 -5.60
N SER A 38 -10.93 -1.31 -5.92
CA SER A 38 -11.21 -2.02 -7.20
C SER A 38 -12.28 -1.23 -7.97
N PRO A 39 -11.95 -0.89 -9.18
CA PRO A 39 -12.88 -0.11 -10.03
C PRO A 39 -14.06 -0.98 -10.49
N GLU A 40 -14.80 -1.56 -9.57
CA GLU A 40 -15.96 -2.41 -9.99
C GLU A 40 -16.70 -2.93 -8.75
N ASP A 41 -15.97 -3.39 -7.77
CA ASP A 41 -16.63 -3.91 -6.55
C ASP A 41 -16.59 -2.84 -5.46
N GLY A 42 -15.54 -2.07 -5.41
CA GLY A 42 -15.45 -1.01 -4.38
C GLY A 42 -14.02 -0.93 -3.86
N ILE A 43 -13.84 -0.65 -2.58
CA ILE A 43 -12.45 -0.55 -2.04
C ILE A 43 -12.31 -1.24 -0.69
N HIS A 44 -11.09 -1.54 -0.31
CA HIS A 44 -10.83 -2.18 1.00
C HIS A 44 -9.76 -1.40 1.74
N GLU A 45 -9.42 -1.79 2.93
CA GLU A 45 -8.38 -1.03 3.68
C GLU A 45 -7.57 -1.94 4.60
N LEU A 46 -6.49 -1.44 5.14
CA LEU A 46 -5.66 -2.27 6.06
C LEU A 46 -4.81 -1.35 6.94
N PHE A 47 -4.37 -1.82 8.08
CA PHE A 47 -3.54 -0.97 8.97
C PHE A 47 -2.39 -1.78 9.58
N PRO A 48 -1.60 -2.39 8.72
CA PRO A 48 -0.45 -3.19 9.18
C PRO A 48 0.74 -2.29 9.46
N ALA A 49 0.69 -1.52 10.50
CA ALA A 49 1.83 -0.61 10.82
C ALA A 49 3.16 -1.34 10.60
N PRO A 50 4.12 -0.59 10.11
CA PRO A 50 5.45 -1.17 9.84
C PRO A 50 6.21 -1.41 11.15
N ASP A 51 7.48 -1.75 11.06
CA ASP A 51 8.27 -2.01 12.29
C ASP A 51 9.49 -1.09 12.34
N GLY A 52 10.25 -1.04 11.29
CA GLY A 52 11.46 -0.15 11.28
C GLY A 52 12.48 -0.67 10.26
N GLU A 53 12.36 -1.91 9.86
CA GLU A 53 13.33 -2.47 8.87
C GLU A 53 12.59 -3.00 7.64
N GLU A 54 11.35 -2.63 7.47
CA GLU A 54 10.58 -3.12 6.29
C GLU A 54 9.47 -2.13 5.94
N ASP A 55 9.70 -1.30 4.96
CA ASP A 55 8.65 -0.31 4.56
C ASP A 55 7.79 -0.88 3.44
N THR A 56 7.58 -2.17 3.43
CA THR A 56 6.75 -2.79 2.36
C THR A 56 5.49 -3.43 2.96
N ALA A 57 4.63 -3.98 2.15
CA ALA A 57 3.38 -4.61 2.70
C ALA A 57 3.16 -5.99 2.08
N GLU A 58 2.60 -6.89 2.85
CA GLU A 58 2.33 -8.27 2.32
C GLU A 58 0.84 -8.41 2.01
N LEU A 59 0.40 -7.90 0.90
CA LEU A 59 -1.04 -8.03 0.54
C LEU A 59 -1.25 -9.40 -0.09
N GLN A 60 -1.58 -10.36 0.72
CA GLN A 60 -1.77 -11.72 0.20
C GLN A 60 -3.26 -12.11 0.18
N GLY A 61 -3.75 -12.53 -0.96
CA GLY A 61 -5.19 -12.91 -1.05
C GLY A 61 -5.91 -11.89 -1.93
N LEU A 62 -5.44 -11.70 -3.14
CA LEU A 62 -6.11 -10.70 -4.05
C LEU A 62 -6.78 -11.40 -5.23
N ARG A 63 -7.23 -10.63 -6.19
CA ARG A 63 -7.91 -11.22 -7.39
C ARG A 63 -6.87 -11.64 -8.45
N PRO A 64 -7.16 -12.73 -9.10
CA PRO A 64 -6.25 -13.23 -10.15
C PRO A 64 -6.46 -12.46 -11.46
N GLY A 65 -5.52 -11.62 -11.81
CA GLY A 65 -5.67 -10.84 -13.08
C GLY A 65 -6.63 -9.67 -12.86
N SER A 66 -6.21 -8.66 -12.15
CA SER A 66 -7.10 -7.50 -11.91
C SER A 66 -6.29 -6.25 -11.56
N GLU A 67 -6.48 -5.19 -12.29
CA GLU A 67 -5.72 -3.93 -12.00
C GLU A 67 -5.98 -3.51 -10.56
N TYR A 68 -5.18 -3.98 -9.64
CA TYR A 68 -5.36 -3.60 -8.22
C TYR A 68 -4.96 -2.14 -7.98
N THR A 69 -5.92 -1.29 -7.72
CA THR A 69 -5.58 0.14 -7.46
C THR A 69 -5.27 0.33 -5.98
N VAL A 70 -4.02 0.34 -5.62
CA VAL A 70 -3.66 0.49 -4.17
C VAL A 70 -3.33 1.94 -3.82
N SER A 71 -3.63 2.34 -2.62
CA SER A 71 -3.34 3.74 -2.19
C SER A 71 -2.56 3.73 -0.87
N VAL A 72 -1.37 4.27 -0.88
CA VAL A 72 -0.55 4.29 0.38
C VAL A 72 -0.71 5.63 1.10
N VAL A 73 -0.96 5.61 2.38
CA VAL A 73 -1.12 6.89 3.13
C VAL A 73 -0.46 6.78 4.51
N ALA A 74 0.54 7.58 4.76
CA ALA A 74 1.19 7.54 6.10
C ALA A 74 0.36 8.36 7.08
N LEU A 75 0.76 8.43 8.32
CA LEU A 75 -0.02 9.21 9.31
C LEU A 75 0.90 10.06 10.19
N HIS A 76 0.39 11.14 10.71
CA HIS A 76 1.23 12.01 11.59
C HIS A 76 0.33 12.82 12.53
N ASP A 77 0.05 12.29 13.69
CA ASP A 77 -0.83 13.01 14.66
C ASP A 77 -2.26 13.08 14.12
N ASP A 78 -2.45 13.72 13.00
CA ASP A 78 -3.82 13.83 12.42
C ASP A 78 -3.73 14.15 10.92
N MET A 79 -2.75 13.60 10.24
CA MET A 79 -2.59 13.89 8.79
C MET A 79 -2.92 12.63 7.96
N GLU A 80 -3.36 12.81 6.74
CA GLU A 80 -3.68 11.63 5.89
C GLU A 80 -2.56 11.38 4.89
N SER A 81 -1.38 11.88 5.20
CA SER A 81 -0.17 11.70 4.32
C SER A 81 -0.53 11.67 2.81
N GLN A 82 -0.07 12.66 2.05
CA GLN A 82 -0.35 12.69 0.56
C GLN A 82 -0.52 11.26 0.04
N PRO A 83 -1.72 10.94 -0.36
CA PRO A 83 -2.03 9.57 -0.84
C PRO A 83 -1.35 9.27 -2.17
N LEU A 84 -0.42 8.35 -2.16
CA LEU A 84 0.27 7.96 -3.41
C LEU A 84 -0.42 6.73 -4.00
N ILE A 85 -0.68 6.72 -5.27
CA ILE A 85 -1.38 5.55 -5.87
C ILE A 85 -0.37 4.52 -6.40
N GLY A 86 -0.82 3.30 -6.60
CA GLY A 86 0.09 2.24 -7.11
C GLY A 86 -0.76 1.16 -7.80
N THR A 87 -1.09 1.35 -9.05
CA THR A 87 -1.92 0.34 -9.76
C THR A 87 -1.03 -0.73 -10.40
N GLN A 88 -1.30 -1.98 -10.13
CA GLN A 88 -0.48 -3.07 -10.73
C GLN A 88 -1.38 -4.26 -11.11
N SER A 89 -1.24 -4.75 -12.30
CA SER A 89 -2.09 -5.90 -12.73
C SER A 89 -1.70 -7.18 -11.96
N THR A 90 -2.56 -7.66 -11.11
CA THR A 90 -2.24 -8.90 -10.34
C THR A 90 -2.03 -10.07 -11.29
N ALA A 91 -0.86 -10.66 -11.29
CA ALA A 91 -0.62 -11.82 -12.20
C ALA A 91 -1.65 -12.91 -11.95
N ILE A 92 -1.39 -14.10 -12.40
CA ILE A 92 -2.36 -15.21 -12.19
C ILE A 92 -1.62 -16.47 -11.73
N PRO A 93 -2.39 -17.41 -11.23
CA PRO A 93 -1.80 -18.67 -10.73
C PRO A 93 -1.53 -19.63 -11.90
N ALA A 94 -0.35 -19.58 -12.47
CA ALA A 94 -0.03 -20.49 -13.59
C ALA A 94 0.73 -21.72 -13.09
N ASN A 1 4.02 20.34 8.78
CA ASN A 1 3.10 19.17 8.83
C ASN A 1 3.89 17.86 8.70
N ILE A 2 3.23 16.74 8.68
CA ILE A 2 3.96 15.45 8.55
C ILE A 2 5.00 15.55 7.45
N ASP A 3 5.83 14.55 7.32
CA ASP A 3 6.88 14.58 6.26
C ASP A 3 6.34 13.94 4.98
N ARG A 4 5.37 13.07 5.11
CA ARG A 4 4.77 12.38 3.91
C ARG A 4 5.86 11.74 3.02
N PRO A 5 5.64 10.49 2.69
CA PRO A 5 6.59 9.73 1.85
C PRO A 5 6.29 9.95 0.37
N LYS A 6 7.02 9.31 -0.50
CA LYS A 6 6.77 9.48 -1.97
C LYS A 6 7.67 8.54 -2.78
N GLY A 7 7.11 7.83 -3.71
CA GLY A 7 7.93 6.90 -4.55
C GLY A 7 7.79 5.46 -4.03
N LEU A 8 6.73 4.80 -4.35
CA LEU A 8 6.54 3.39 -3.87
C LEU A 8 7.20 2.40 -4.85
N ALA A 9 7.63 1.28 -4.36
CA ALA A 9 8.29 0.27 -5.26
C ALA A 9 7.56 -1.06 -5.21
N PHE A 10 7.99 -2.03 -5.97
CA PHE A 10 7.31 -3.35 -5.95
C PHE A 10 8.33 -4.47 -5.70
N THR A 11 8.03 -5.36 -4.79
CA THR A 11 8.98 -6.47 -4.50
C THR A 11 8.58 -7.73 -5.30
N ASP A 12 7.31 -7.94 -5.48
CA ASP A 12 6.86 -9.15 -6.24
C ASP A 12 5.32 -9.14 -6.38
N VAL A 13 4.82 -8.71 -7.50
CA VAL A 13 3.34 -8.69 -7.69
C VAL A 13 2.85 -10.10 -8.07
N ASP A 14 2.07 -10.72 -7.24
CA ASP A 14 1.58 -12.09 -7.55
C ASP A 14 0.05 -12.13 -7.54
N VAL A 15 -0.53 -13.01 -8.31
CA VAL A 15 -2.02 -13.11 -8.34
C VAL A 15 -2.58 -13.01 -6.92
N ASP A 16 -1.89 -13.55 -5.95
CA ASP A 16 -2.37 -13.47 -4.55
C ASP A 16 -1.20 -13.16 -3.61
N SER A 17 -0.48 -12.11 -3.89
CA SER A 17 0.68 -11.74 -3.01
C SER A 17 1.45 -10.57 -3.62
N ILE A 18 0.96 -9.38 -3.43
CA ILE A 18 1.68 -8.19 -4.00
C ILE A 18 2.59 -7.58 -2.93
N LYS A 19 3.87 -7.83 -3.02
CA LYS A 19 4.81 -7.26 -2.02
C LYS A 19 5.28 -5.89 -2.50
N ILE A 20 4.87 -4.85 -1.83
CA ILE A 20 5.29 -3.49 -2.26
C ILE A 20 6.09 -2.79 -1.16
N ALA A 21 6.95 -1.88 -1.53
CA ALA A 21 7.75 -1.15 -0.51
C ALA A 21 7.65 0.36 -0.74
N TRP A 22 7.14 1.09 0.21
CA TRP A 22 7.02 2.56 0.02
C TRP A 22 8.15 3.29 0.77
N GLU A 23 8.61 4.39 0.22
CA GLU A 23 9.70 5.15 0.89
C GLU A 23 9.46 5.22 2.41
N SER A 24 10.42 4.80 3.19
CA SER A 24 10.24 4.84 4.67
C SER A 24 9.87 6.25 5.12
N PRO A 25 9.43 6.35 6.36
CA PRO A 25 9.02 7.66 6.92
C PRO A 25 10.26 8.51 7.20
N GLN A 26 10.37 9.65 6.57
CA GLN A 26 11.55 10.53 6.81
C GLN A 26 11.60 10.97 8.27
N GLY A 27 10.62 11.70 8.70
CA GLY A 27 10.60 12.17 10.12
C GLY A 27 10.22 11.01 11.04
N GLN A 28 9.00 10.98 11.50
CA GLN A 28 8.56 9.87 12.40
C GLN A 28 7.06 9.61 12.24
N VAL A 29 6.70 8.52 11.61
CA VAL A 29 5.26 8.20 11.42
C VAL A 29 4.80 7.18 12.47
N SER A 30 3.52 7.12 12.73
CA SER A 30 3.00 6.15 13.74
C SER A 30 2.13 5.09 13.06
N ARG A 31 1.57 5.42 11.92
CA ARG A 31 0.72 4.43 11.21
C ARG A 31 0.73 4.71 9.70
N TYR A 32 0.60 3.69 8.90
CA TYR A 32 0.60 3.91 7.42
C TYR A 32 -0.72 3.39 6.84
N ARG A 33 -1.46 4.25 6.18
CA ARG A 33 -2.77 3.81 5.60
C ARG A 33 -2.55 3.04 4.30
N VAL A 34 -2.79 1.76 4.33
CA VAL A 34 -2.63 0.95 3.09
C VAL A 34 -4.00 0.46 2.62
N THR A 35 -4.65 1.20 1.76
CA THR A 35 -5.99 0.78 1.28
C THR A 35 -5.96 0.43 -0.20
N TYR A 36 -6.86 -0.42 -0.63
CA TYR A 36 -6.91 -0.79 -2.06
C TYR A 36 -8.31 -0.55 -2.61
N SER A 37 -8.42 -0.13 -3.84
CA SER A 37 -9.78 0.13 -4.39
C SER A 37 -10.04 -0.71 -5.65
N SER A 38 -11.27 -1.10 -5.83
CA SER A 38 -11.64 -1.91 -7.03
C SER A 38 -12.80 -1.24 -7.77
N PRO A 39 -12.72 -1.26 -9.07
CA PRO A 39 -13.78 -0.64 -9.91
C PRO A 39 -15.07 -1.47 -9.87
N GLU A 40 -15.65 -1.62 -8.70
CA GLU A 40 -16.92 -2.42 -8.61
C GLU A 40 -17.31 -2.65 -7.15
N ASP A 41 -16.52 -3.39 -6.41
CA ASP A 41 -16.87 -3.66 -4.99
C ASP A 41 -16.65 -2.40 -4.15
N GLY A 42 -15.68 -1.61 -4.49
CA GLY A 42 -15.42 -0.36 -3.72
C GLY A 42 -13.95 -0.34 -3.30
N ILE A 43 -13.69 -0.17 -2.02
CA ILE A 43 -12.28 -0.14 -1.57
C ILE A 43 -12.12 -0.83 -0.21
N HIS A 44 -10.95 -1.35 0.06
CA HIS A 44 -10.72 -2.03 1.36
C HIS A 44 -9.61 -1.27 2.12
N GLU A 45 -9.25 -1.71 3.29
CA GLU A 45 -8.20 -0.96 4.05
C GLU A 45 -7.27 -1.90 4.84
N LEU A 46 -6.01 -1.56 4.89
CA LEU A 46 -5.03 -2.37 5.66
C LEU A 46 -4.19 -1.41 6.51
N PHE A 47 -3.99 -1.69 7.78
CA PHE A 47 -3.21 -0.72 8.61
C PHE A 47 -2.49 -1.39 9.79
N PRO A 48 -1.67 -2.36 9.50
CA PRO A 48 -0.90 -3.03 10.57
C PRO A 48 0.14 -2.05 11.12
N ALA A 49 -0.27 -1.21 12.04
CA ALA A 49 0.66 -0.20 12.63
C ALA A 49 2.09 -0.74 12.67
N PRO A 50 2.93 -0.17 11.85
CA PRO A 50 4.34 -0.58 11.77
C PRO A 50 5.11 -0.12 13.01
N ASP A 51 6.37 -0.47 13.10
CA ASP A 51 7.16 -0.06 14.28
C ASP A 51 8.37 0.79 13.83
N GLY A 52 9.09 0.33 12.84
CA GLY A 52 10.26 1.11 12.36
C GLY A 52 11.14 0.22 11.46
N GLU A 53 11.09 -1.06 11.65
CA GLU A 53 11.93 -1.96 10.80
C GLU A 53 11.10 -2.52 9.64
N GLU A 54 9.93 -1.98 9.41
CA GLU A 54 9.08 -2.48 8.29
C GLU A 54 8.70 -1.33 7.36
N ASP A 55 9.08 -1.42 6.11
CA ASP A 55 8.74 -0.33 5.15
C ASP A 55 7.97 -0.90 3.94
N THR A 56 7.56 -2.13 4.03
CA THR A 56 6.81 -2.75 2.89
C THR A 56 5.56 -3.47 3.41
N ALA A 57 4.78 -4.02 2.53
CA ALA A 57 3.55 -4.74 2.98
C ALA A 57 3.32 -6.00 2.14
N GLU A 58 2.79 -7.03 2.74
CA GLU A 58 2.52 -8.30 1.98
C GLU A 58 1.03 -8.43 1.67
N LEU A 59 0.60 -7.93 0.54
CA LEU A 59 -0.84 -8.03 0.17
C LEU A 59 -1.11 -9.42 -0.40
N GLN A 60 -1.19 -10.39 0.44
CA GLN A 60 -1.44 -11.77 -0.03
C GLN A 60 -2.91 -12.15 0.12
N GLY A 61 -3.52 -12.62 -0.94
CA GLY A 61 -4.95 -13.00 -0.87
C GLY A 61 -5.80 -11.97 -1.62
N LEU A 62 -5.34 -11.51 -2.74
CA LEU A 62 -6.13 -10.49 -3.51
C LEU A 62 -6.78 -11.13 -4.74
N ARG A 63 -7.52 -10.36 -5.49
CA ARG A 63 -8.18 -10.92 -6.71
C ARG A 63 -7.12 -11.44 -7.69
N PRO A 64 -7.34 -12.64 -8.17
CA PRO A 64 -6.39 -13.26 -9.11
C PRO A 64 -6.60 -12.72 -10.54
N GLY A 65 -5.61 -12.09 -11.08
CA GLY A 65 -5.73 -11.54 -12.47
C GLY A 65 -6.62 -10.31 -12.47
N SER A 66 -6.15 -9.22 -11.91
CA SER A 66 -6.97 -7.98 -11.88
C SER A 66 -6.10 -6.77 -11.51
N GLU A 67 -6.20 -5.71 -12.26
CA GLU A 67 -5.39 -4.49 -11.95
C GLU A 67 -5.95 -3.83 -10.70
N TYR A 68 -5.38 -4.11 -9.56
CA TYR A 68 -5.89 -3.51 -8.29
C TYR A 68 -5.33 -2.09 -8.12
N THR A 69 -6.18 -1.14 -7.82
CA THR A 69 -5.68 0.25 -7.62
C THR A 69 -5.40 0.49 -6.13
N VAL A 70 -4.24 0.09 -5.67
CA VAL A 70 -3.90 0.28 -4.23
C VAL A 70 -3.50 1.72 -3.94
N SER A 71 -3.80 2.20 -2.77
CA SER A 71 -3.43 3.60 -2.42
C SER A 71 -2.60 3.61 -1.14
N VAL A 72 -1.37 4.03 -1.23
CA VAL A 72 -0.50 4.05 -0.02
C VAL A 72 -0.46 5.47 0.57
N VAL A 73 -0.80 5.61 1.82
CA VAL A 73 -0.78 6.97 2.44
C VAL A 73 -0.23 6.91 3.86
N ALA A 74 0.61 7.84 4.22
CA ALA A 74 1.19 7.84 5.60
C ALA A 74 0.19 8.45 6.59
N LEU A 75 0.35 8.18 7.86
CA LEU A 75 -0.60 8.75 8.85
C LEU A 75 0.13 9.34 10.05
N HIS A 76 -0.58 9.61 11.10
CA HIS A 76 0.04 10.18 12.33
C HIS A 76 -1.03 10.41 13.39
N ASP A 77 -1.85 9.40 13.65
CA ASP A 77 -2.97 9.52 14.65
C ASP A 77 -4.18 10.22 14.02
N ASP A 78 -3.96 11.14 13.10
CA ASP A 78 -5.10 11.84 12.45
C ASP A 78 -4.60 12.74 11.32
N MET A 79 -3.87 12.18 10.38
CA MET A 79 -3.35 13.02 9.26
C MET A 79 -3.46 12.26 7.92
N GLU A 80 -3.78 12.96 6.88
CA GLU A 80 -3.89 12.31 5.55
C GLU A 80 -2.84 12.89 4.59
N SER A 81 -1.60 12.55 4.78
CA SER A 81 -0.54 13.09 3.88
C SER A 81 -0.87 12.79 2.41
N GLN A 82 -0.12 13.34 1.50
CA GLN A 82 -0.38 13.09 0.06
C GLN A 82 -0.47 11.58 -0.21
N PRO A 83 -1.58 11.18 -0.78
CA PRO A 83 -1.80 9.75 -1.08
C PRO A 83 -0.96 9.30 -2.27
N LEU A 84 -0.44 8.09 -2.22
CA LEU A 84 0.39 7.59 -3.34
C LEU A 84 -0.27 6.37 -3.98
N ILE A 85 -0.96 6.55 -5.08
CA ILE A 85 -1.64 5.42 -5.75
C ILE A 85 -0.63 4.34 -6.14
N GLY A 86 -1.05 3.09 -6.12
CA GLY A 86 -0.13 1.98 -6.49
C GLY A 86 -0.92 0.96 -7.31
N THR A 87 -1.10 1.21 -8.57
CA THR A 87 -1.87 0.24 -9.42
C THR A 87 -0.94 -0.84 -9.97
N GLN A 88 -1.44 -2.04 -10.09
CA GLN A 88 -0.60 -3.16 -10.61
C GLN A 88 -1.49 -4.32 -11.08
N SER A 89 -1.12 -4.96 -12.15
CA SER A 89 -1.94 -6.10 -12.65
C SER A 89 -1.54 -7.39 -11.94
N THR A 90 -2.31 -7.83 -10.99
CA THR A 90 -1.97 -9.09 -10.26
C THR A 90 -1.66 -10.22 -11.25
N ALA A 91 -0.56 -10.89 -11.07
CA ALA A 91 -0.21 -12.00 -11.99
C ALA A 91 -1.27 -13.11 -11.89
N ILE A 92 -1.01 -14.25 -12.46
CA ILE A 92 -2.01 -15.35 -12.38
C ILE A 92 -1.31 -16.73 -12.23
N PRO A 93 -0.22 -16.76 -11.49
CA PRO A 93 0.50 -18.03 -11.29
C PRO A 93 -0.27 -18.95 -10.33
N ALA A 94 -1.50 -19.23 -10.64
CA ALA A 94 -2.32 -20.10 -9.75
C ALA A 94 -2.26 -21.56 -10.23
N ASN A 1 2.13 19.72 6.65
CA ASN A 1 2.95 19.65 5.41
C ASN A 1 3.97 18.52 5.51
N ILE A 2 3.53 17.36 5.90
CA ILE A 2 4.48 16.22 6.03
C ILE A 2 5.35 16.11 4.77
N ASP A 3 6.30 15.22 4.78
CA ASP A 3 7.21 15.08 3.59
C ASP A 3 6.46 14.40 2.43
N ARG A 4 5.50 13.57 2.73
CA ARG A 4 4.75 12.89 1.65
C ARG A 4 5.72 11.98 0.85
N PRO A 5 5.35 10.73 0.75
CA PRO A 5 6.18 9.75 0.01
C PRO A 5 5.97 9.90 -1.50
N LYS A 6 6.61 9.07 -2.28
CA LYS A 6 6.46 9.16 -3.76
C LYS A 6 7.41 8.18 -4.45
N GLY A 7 6.96 7.53 -5.48
CA GLY A 7 7.83 6.57 -6.21
C GLY A 7 7.82 5.21 -5.49
N LEU A 8 6.66 4.71 -5.19
CA LEU A 8 6.59 3.39 -4.50
C LEU A 8 7.10 2.27 -5.43
N ALA A 9 7.69 1.24 -4.88
CA ALA A 9 8.22 0.14 -5.74
C ALA A 9 7.41 -1.14 -5.52
N PHE A 10 7.75 -2.20 -6.21
CA PHE A 10 7.02 -3.48 -6.04
C PHE A 10 8.00 -4.64 -5.89
N THR A 11 8.01 -5.26 -4.73
CA THR A 11 8.94 -6.40 -4.51
C THR A 11 8.56 -7.59 -5.39
N ASP A 12 7.28 -7.91 -5.45
CA ASP A 12 6.84 -9.06 -6.30
C ASP A 12 5.33 -9.01 -6.50
N VAL A 13 4.86 -9.37 -7.67
CA VAL A 13 3.39 -9.33 -7.92
C VAL A 13 2.85 -10.75 -8.14
N ASP A 14 1.65 -11.02 -7.72
CA ASP A 14 1.07 -12.37 -7.91
C ASP A 14 -0.47 -12.29 -7.96
N VAL A 15 -1.09 -13.11 -8.76
CA VAL A 15 -2.57 -13.08 -8.84
C VAL A 15 -3.19 -13.04 -7.44
N ASP A 16 -2.56 -13.64 -6.47
CA ASP A 16 -3.11 -13.63 -5.09
C ASP A 16 -2.02 -13.29 -4.08
N SER A 17 -1.08 -12.46 -4.46
CA SER A 17 0.01 -12.10 -3.54
C SER A 17 0.85 -10.96 -4.13
N ILE A 18 0.84 -9.82 -3.52
CA ILE A 18 1.62 -8.67 -4.08
C ILE A 18 2.40 -7.97 -2.96
N LYS A 19 3.70 -7.86 -3.11
CA LYS A 19 4.52 -7.18 -2.08
C LYS A 19 4.87 -5.78 -2.58
N ILE A 20 4.66 -4.78 -1.77
CA ILE A 20 4.97 -3.40 -2.22
C ILE A 20 5.92 -2.70 -1.26
N ALA A 21 6.67 -1.75 -1.75
CA ALA A 21 7.62 -1.02 -0.86
C ALA A 21 7.56 0.48 -1.16
N TRP A 22 6.94 1.24 -0.30
CA TRP A 22 6.85 2.71 -0.54
C TRP A 22 8.04 3.43 0.10
N GLU A 23 8.45 4.52 -0.48
CA GLU A 23 9.61 5.27 0.10
C GLU A 23 9.23 5.92 1.43
N SER A 24 9.89 5.56 2.50
CA SER A 24 9.56 6.16 3.81
C SER A 24 9.75 7.68 3.78
N PRO A 25 9.11 8.34 4.69
CA PRO A 25 9.21 9.82 4.77
C PRO A 25 10.57 10.23 5.34
N GLN A 26 10.75 11.51 5.59
CA GLN A 26 12.05 11.96 6.14
C GLN A 26 11.95 12.20 7.65
N GLY A 27 11.02 13.01 8.06
CA GLY A 27 10.87 13.27 9.52
C GLY A 27 10.61 11.96 10.24
N GLN A 28 9.38 11.64 10.50
CA GLN A 28 9.06 10.37 11.19
C GLN A 28 7.54 10.18 11.27
N VAL A 29 7.04 9.22 10.55
CA VAL A 29 5.57 8.98 10.56
C VAL A 29 5.18 8.11 11.78
N SER A 30 3.97 8.21 12.22
CA SER A 30 3.54 7.39 13.39
C SER A 30 2.66 6.23 12.92
N ARG A 31 1.88 6.43 11.90
CA ARG A 31 1.00 5.34 11.39
C ARG A 31 0.95 5.36 9.86
N TYR A 32 0.40 4.35 9.27
CA TYR A 32 0.31 4.31 7.78
C TYR A 32 -0.98 3.61 7.34
N ARG A 33 -2.01 4.37 7.05
CA ARG A 33 -3.29 3.75 6.61
C ARG A 33 -3.13 3.18 5.20
N VAL A 34 -3.29 1.90 5.04
CA VAL A 34 -3.13 1.30 3.68
C VAL A 34 -4.51 1.00 3.09
N THR A 35 -4.72 1.35 1.84
CA THR A 35 -6.04 1.08 1.22
C THR A 35 -5.86 0.54 -0.21
N TYR A 36 -6.71 -0.36 -0.62
CA TYR A 36 -6.60 -0.93 -2.01
C TYR A 36 -7.99 -1.07 -2.61
N SER A 37 -8.10 -0.94 -3.90
CA SER A 37 -9.46 -1.06 -4.52
C SER A 37 -9.42 -1.82 -5.85
N SER A 38 -10.58 -2.24 -6.31
CA SER A 38 -10.65 -2.98 -7.59
C SER A 38 -11.78 -2.42 -8.46
N PRO A 39 -11.90 -2.97 -9.63
CA PRO A 39 -12.94 -2.53 -10.56
C PRO A 39 -14.26 -3.26 -10.27
N GLU A 40 -14.55 -3.56 -9.02
CA GLU A 40 -15.82 -4.27 -8.69
C GLU A 40 -16.06 -4.25 -7.17
N ASP A 41 -15.35 -5.06 -6.44
CA ASP A 41 -15.55 -5.08 -4.96
C ASP A 41 -15.45 -3.66 -4.39
N GLY A 42 -14.61 -2.86 -4.96
CA GLY A 42 -14.47 -1.47 -4.46
C GLY A 42 -13.13 -1.31 -3.75
N ILE A 43 -13.08 -0.51 -2.71
CA ILE A 43 -11.80 -0.31 -1.98
C ILE A 43 -11.83 -0.96 -0.60
N HIS A 44 -10.68 -1.33 -0.11
CA HIS A 44 -10.60 -1.96 1.24
C HIS A 44 -9.66 -1.13 2.11
N GLU A 45 -9.56 -1.43 3.38
CA GLU A 45 -8.65 -0.62 4.25
C GLU A 45 -7.85 -1.51 5.21
N LEU A 46 -6.63 -1.15 5.47
CA LEU A 46 -5.78 -1.95 6.42
C LEU A 46 -5.34 -1.05 7.57
N PHE A 47 -5.69 -1.40 8.77
CA PHE A 47 -5.30 -0.56 9.94
C PHE A 47 -3.93 -0.97 10.54
N PRO A 48 -3.54 -2.23 10.38
CA PRO A 48 -2.24 -2.65 10.96
C PRO A 48 -1.09 -2.04 10.17
N ALA A 49 -0.64 -0.89 10.60
CA ALA A 49 0.47 -0.20 9.90
C ALA A 49 1.79 -0.43 10.64
N PRO A 50 2.86 -0.15 9.96
CA PRO A 50 4.21 -0.33 10.56
C PRO A 50 4.53 0.84 11.49
N ASP A 51 5.77 0.98 11.89
CA ASP A 51 6.14 2.10 12.80
C ASP A 51 7.50 2.69 12.40
N GLY A 52 7.50 3.58 11.45
CA GLY A 52 8.78 4.20 11.00
C GLY A 52 9.88 3.14 10.94
N GLU A 53 9.52 1.91 10.70
CA GLU A 53 10.56 0.85 10.62
C GLU A 53 10.40 0.04 9.33
N GLU A 54 9.21 -0.39 9.03
CA GLU A 54 9.00 -1.18 7.78
C GLU A 54 8.54 -0.26 6.65
N ASP A 55 9.23 -0.28 5.55
CA ASP A 55 8.84 0.59 4.40
C ASP A 55 8.12 -0.24 3.33
N THR A 56 7.71 -1.44 3.67
CA THR A 56 7.01 -2.29 2.67
C THR A 56 5.82 -3.01 3.33
N ALA A 57 5.15 -3.86 2.60
CA ALA A 57 3.99 -4.59 3.19
C ALA A 57 3.68 -5.86 2.39
N GLU A 58 3.02 -6.80 2.99
CA GLU A 58 2.68 -8.07 2.27
C GLU A 58 1.17 -8.15 2.03
N LEU A 59 0.71 -7.63 0.92
CA LEU A 59 -0.74 -7.70 0.62
C LEU A 59 -1.01 -9.01 -0.10
N GLN A 60 -1.37 -10.02 0.63
CA GLN A 60 -1.61 -11.33 -0.01
C GLN A 60 -3.09 -11.72 0.05
N GLY A 61 -3.59 -12.35 -0.98
CA GLY A 61 -5.03 -12.76 -0.98
C GLY A 61 -5.87 -11.64 -1.61
N LEU A 62 -5.69 -11.39 -2.89
CA LEU A 62 -6.48 -10.30 -3.55
C LEU A 62 -7.28 -10.86 -4.73
N ARG A 63 -7.60 -10.02 -5.68
CA ARG A 63 -8.39 -10.50 -6.87
C ARG A 63 -7.47 -11.19 -7.88
N PRO A 64 -7.98 -12.25 -8.44
CA PRO A 64 -7.21 -13.02 -9.43
C PRO A 64 -7.29 -12.38 -10.83
N GLY A 65 -6.26 -11.69 -11.24
CA GLY A 65 -6.29 -11.04 -12.59
C GLY A 65 -7.08 -9.74 -12.53
N SER A 66 -6.50 -8.71 -11.98
CA SER A 66 -7.22 -7.41 -11.89
C SER A 66 -6.25 -6.28 -11.51
N GLU A 67 -6.35 -5.15 -12.15
CA GLU A 67 -5.44 -4.02 -11.82
C GLU A 67 -5.69 -3.56 -10.39
N TYR A 68 -5.01 -4.15 -9.44
CA TYR A 68 -5.22 -3.75 -8.01
C TYR A 68 -4.65 -2.35 -7.77
N THR A 69 -5.50 -1.38 -7.62
CA THR A 69 -5.01 0.01 -7.37
C THR A 69 -4.81 0.21 -5.86
N VAL A 70 -3.68 -0.16 -5.35
CA VAL A 70 -3.42 0.00 -3.89
C VAL A 70 -2.90 1.41 -3.58
N SER A 71 -3.47 2.05 -2.60
CA SER A 71 -3.02 3.42 -2.24
C SER A 71 -2.37 3.41 -0.85
N VAL A 72 -1.24 4.04 -0.72
CA VAL A 72 -0.56 4.08 0.61
C VAL A 72 -0.70 5.48 1.23
N VAL A 73 -1.12 5.55 2.46
CA VAL A 73 -1.29 6.89 3.10
C VAL A 73 -0.47 6.99 4.39
N ALA A 74 0.48 7.88 4.44
CA ALA A 74 1.31 8.03 5.67
C ALA A 74 0.53 8.81 6.74
N LEU A 75 0.88 8.66 7.99
CA LEU A 75 0.15 9.40 9.06
C LEU A 75 1.11 10.05 10.04
N HIS A 76 0.87 11.28 10.38
CA HIS A 76 1.75 11.99 11.35
C HIS A 76 1.00 12.14 12.68
N ASP A 77 1.40 13.07 13.52
CA ASP A 77 0.69 13.24 14.82
C ASP A 77 -0.82 13.19 14.57
N ASP A 78 -1.29 13.89 13.58
CA ASP A 78 -2.75 13.90 13.27
C ASP A 78 -2.97 14.34 11.82
N MET A 79 -2.31 13.70 10.89
CA MET A 79 -2.47 14.10 9.46
C MET A 79 -2.78 12.87 8.59
N GLU A 80 -2.83 13.06 7.29
CA GLU A 80 -3.12 11.93 6.37
C GLU A 80 -2.50 12.22 5.01
N SER A 81 -1.18 12.18 4.92
CA SER A 81 -0.50 12.46 3.63
C SER A 81 -1.27 11.84 2.46
N GLN A 82 -1.24 12.48 1.31
CA GLN A 82 -1.96 11.94 0.13
C GLN A 82 -1.78 10.43 0.04
N PRO A 83 -2.82 9.79 -0.40
CA PRO A 83 -2.81 8.32 -0.54
C PRO A 83 -1.95 7.91 -1.75
N LEU A 84 -0.69 7.67 -1.56
CA LEU A 84 0.18 7.26 -2.69
C LEU A 84 -0.46 6.08 -3.43
N ILE A 85 -0.87 6.30 -4.65
CA ILE A 85 -1.52 5.20 -5.43
C ILE A 85 -0.48 4.21 -5.95
N GLY A 86 -0.85 2.97 -6.09
CA GLY A 86 0.09 1.94 -6.58
C GLY A 86 -0.69 0.94 -7.45
N THR A 87 -1.03 1.31 -8.65
CA THR A 87 -1.79 0.38 -9.54
C THR A 87 -0.86 -0.69 -10.12
N GLN A 88 -1.31 -1.91 -10.16
CA GLN A 88 -0.47 -3.01 -10.72
C GLN A 88 -1.35 -4.18 -11.15
N SER A 89 -1.16 -4.66 -12.35
CA SER A 89 -1.99 -5.81 -12.84
C SER A 89 -1.58 -7.10 -12.13
N THR A 90 -2.51 -7.77 -11.48
CA THR A 90 -2.17 -9.02 -10.78
C THR A 90 -2.06 -10.18 -11.77
N ALA A 91 -1.03 -10.97 -11.67
CA ALA A 91 -0.86 -12.12 -12.62
C ALA A 91 -2.10 -13.01 -12.60
N ILE A 92 -2.03 -14.14 -13.24
CA ILE A 92 -3.21 -15.06 -13.28
C ILE A 92 -2.75 -16.51 -13.10
N PRO A 93 -3.65 -17.31 -12.59
CA PRO A 93 -3.34 -18.74 -12.37
C PRO A 93 -3.35 -19.51 -13.69
N ALA A 94 -2.31 -19.38 -14.47
CA ALA A 94 -2.25 -20.10 -15.77
C ALA A 94 -1.41 -21.37 -15.64
#